data_3ZZ6
# 
_entry.id   3ZZ6 
# 
_audit_conform.dict_name       mmcif_pdbx.dic 
_audit_conform.dict_version    5.397 
_audit_conform.dict_location   http://mmcif.pdb.org/dictionaries/ascii/mmcif_pdbx.dic 
# 
loop_
_database_2.database_id 
_database_2.database_code 
_database_2.pdbx_database_accession 
_database_2.pdbx_DOI 
PDB   3ZZ6         pdb_00003zz6 10.2210/pdb3zz6/pdb 
PDBE  EBI-49401    ?            ?                   
WWPDB D_1290049401 ?            ?                   
# 
loop_
_pdbx_audit_revision_history.ordinal 
_pdbx_audit_revision_history.data_content_type 
_pdbx_audit_revision_history.major_revision 
_pdbx_audit_revision_history.minor_revision 
_pdbx_audit_revision_history.revision_date 
1 'Structure model' 1 0 2012-09-19 
2 'Structure model' 1 1 2019-05-08 
3 'Structure model' 1 2 2024-05-01 
4 'Structure model' 1 3 2024-10-16 
# 
_pdbx_audit_revision_details.ordinal             1 
_pdbx_audit_revision_details.revision_ordinal    1 
_pdbx_audit_revision_details.data_content_type   'Structure model' 
_pdbx_audit_revision_details.provider            repository 
_pdbx_audit_revision_details.type                'Initial release' 
_pdbx_audit_revision_details.description         ? 
_pdbx_audit_revision_details.details             ? 
# 
loop_
_pdbx_audit_revision_group.ordinal 
_pdbx_audit_revision_group.revision_ordinal 
_pdbx_audit_revision_group.data_content_type 
_pdbx_audit_revision_group.group 
1  2 'Structure model' 'Data collection'          
2  2 'Structure model' 'Derived calculations'     
3  2 'Structure model' 'Experimental preparation' 
4  2 'Structure model' Other                      
5  3 'Structure model' 'Data collection'          
6  3 'Structure model' 'Database references'      
7  3 'Structure model' 'Derived calculations'     
8  3 'Structure model' Other                      
9  3 'Structure model' 'Refinement description'   
10 4 'Structure model' 'Structure summary'        
# 
loop_
_pdbx_audit_revision_category.ordinal 
_pdbx_audit_revision_category.revision_ordinal 
_pdbx_audit_revision_category.data_content_type 
_pdbx_audit_revision_category.category 
1  2 'Structure model' exptl_crystal_grow            
2  2 'Structure model' pdbx_database_proc            
3  2 'Structure model' pdbx_database_status          
4  2 'Structure model' struct_conn                   
5  3 'Structure model' chem_comp_atom                
6  3 'Structure model' chem_comp_bond                
7  3 'Structure model' database_2                    
8  3 'Structure model' pdbx_database_status          
9  3 'Structure model' pdbx_initial_refinement_model 
10 3 'Structure model' struct_conn                   
11 3 'Structure model' struct_site                   
12 4 'Structure model' pdbx_entry_details            
13 4 'Structure model' pdbx_modification_feature     
# 
loop_
_pdbx_audit_revision_item.ordinal 
_pdbx_audit_revision_item.revision_ordinal 
_pdbx_audit_revision_item.data_content_type 
_pdbx_audit_revision_item.item 
1  2 'Structure model' '_exptl_crystal_grow.method'                  
2  2 'Structure model' '_pdbx_database_status.recvd_author_approval' 
3  2 'Structure model' '_struct_conn.pdbx_leaving_atom_flag'         
4  3 'Structure model' '_database_2.pdbx_DOI'                        
5  3 'Structure model' '_database_2.pdbx_database_accession'         
6  3 'Structure model' '_pdbx_database_status.status_code_sf'        
7  3 'Structure model' '_struct_conn.ptnr1_auth_comp_id'             
8  3 'Structure model' '_struct_conn.ptnr1_auth_seq_id'              
9  3 'Structure model' '_struct_conn.ptnr1_label_asym_id'            
10 3 'Structure model' '_struct_conn.ptnr1_label_atom_id'            
11 3 'Structure model' '_struct_conn.ptnr1_label_comp_id'            
12 3 'Structure model' '_struct_conn.ptnr1_label_seq_id'             
13 3 'Structure model' '_struct_conn.ptnr2_auth_comp_id'             
14 3 'Structure model' '_struct_conn.ptnr2_auth_seq_id'              
15 3 'Structure model' '_struct_conn.ptnr2_label_asym_id'            
16 3 'Structure model' '_struct_conn.ptnr2_label_atom_id'            
17 3 'Structure model' '_struct_conn.ptnr2_label_comp_id'            
18 3 'Structure model' '_struct_conn.ptnr2_label_seq_id'             
19 3 'Structure model' '_struct_site.pdbx_auth_asym_id'              
20 3 'Structure model' '_struct_site.pdbx_auth_comp_id'              
21 3 'Structure model' '_struct_site.pdbx_auth_seq_id'               
# 
_pdbx_database_status.status_code                     REL 
_pdbx_database_status.entry_id                        3ZZ6 
_pdbx_database_status.deposit_site                    PDBE 
_pdbx_database_status.process_site                    PDBE 
_pdbx_database_status.SG_entry                        . 
_pdbx_database_status.recvd_initial_deposition_date   2011-08-31 
_pdbx_database_status.pdb_format_compatible           Y 
_pdbx_database_status.status_code_sf                  REL 
_pdbx_database_status.status_code_mr                  ? 
_pdbx_database_status.status_code_cs                  ? 
_pdbx_database_status.methods_development_category    ? 
_pdbx_database_status.status_code_nmr_data            ? 
# 
loop_
_pdbx_database_related.db_name 
_pdbx_database_related.db_id 
_pdbx_database_related.content_type 
_pdbx_database_related.details 
PDB 3ZZB unspecified 
'CRYSTAL STRUCTURE OF 3C PROTEASE OF COXSACKIEVIRUS B3 COMPLEXED WITH ALPHA, BETA-UNSATURATED ETHYL ESTER INHIBITOR 85' 
PDB 3ZZC unspecified 
;CRYSTAL STRUCTURE OF 3C PROTEASE MUTANT (T68A AND N126Y) OF COXSACKIEVIRUS B3 COMPLEXED WITH ALPHA, BETA- UNSATURATED ETHYL ESTER INHIBITOR 83
;
PDB 3ZZD unspecified 
;CRYSTAL STRUCTURE OF 3C PROTEASE MUTANT (T68A AND N126Y) OF COXSACKIEVIRUS B3 COMPLEXED WITH ALPHA, BETA- UNSATURATED ETHYL ESTER INHIBITOR 85
;
PDB 3ZZ8 unspecified 
'CRYSTAL STRUCTURE OF 3C PROTEASE OF COXSACKIEVIRUS B3 COMPLEXED WITH ALPHA, BETA-UNSATURATED ETHYL ESTER INHIBITOR 82' 
PDB 3ZZ7 unspecified 
'CRYSTAL STRUCTURE OF 3C PROTEASE OF COXSACKIEVIRUS B3 COMPLEXED WITH ALPHA, BETA-UNSATURATED ETHYL ESTER INHIBITOR 81' 
PDB 3ZZ9 unspecified 
'CRYSTAL STRUCTURE OF 3C PROTEASE OF COXSACKIEVIRUS B3 COMPLEXED WITH ALPHA, BETA-UNSATURATED ETHYL ESTER INHIBITOR 83' 
PDB 3ZZ3 unspecified 'CRYSTAL STRUCTURE OF 3C PROTEASE MUTANT (N126Y) OF COXSACKIEVIRUS B3' 
PDB 3ZYD unspecified 'CRYSTAL STRUCTURE OF 3C PROTEASE OF COXSACKIEVIRUS B3' 
PDB 3ZZ5 unspecified 
'CRYSTAL STRUCTURE OF 3C PROTEASE OF COXSACKIEVIRUS B3 COMPLEXED WITH ALPHA, BETA-UNSATURATED ETHYL ESTER INHIBITOR 74' 
PDB 3ZZ4 unspecified 'CRYSTAL STRUCTURE OF 3C PROTEASE MUTANT (T68A AND N126Y) OF COXSACKIEVIRUS B3' 
PDB 3ZYE unspecified 'CRYSTAL STRUCTURE OF 3C PROTEASE MUTANT (T68A) OF COXSACKIEVIRUS B3' 
PDB 3ZZA unspecified 
'CRYSTAL STRUCTURE OF 3C PROTEASE OF COXSACKIEVIRUS B3 COMPLEXED WITH ALPHA, BETA-UNSATURATED ETHYL ESTER INHIBITOR 84' 
# 
loop_
_audit_author.name 
_audit_author.pdbx_ordinal 
'Tan, J.'        1 
'Anand, K.'      2 
'Mesters, J.R.'  3 
'Hilgenfeld, R.' 4 
# 
_citation.id                        primary 
_citation.title                     
;Peptidic Ab-Nonsaturated Ethyl Esters as Inhibitors of the 3C Protease of Coxsackie Virus B3: Crystal Structures, Antiviral Activities, and Resistance Mutations
;
_citation.journal_abbrev            'To be Published' 
_citation.journal_volume            ? 
_citation.page_first                ? 
_citation.page_last                 ? 
_citation.year                      ? 
_citation.journal_id_ASTM           ? 
_citation.country                   ? 
_citation.journal_id_ISSN           ? 
_citation.journal_id_CSD            0353 
_citation.book_publisher            ? 
_citation.pdbx_database_id_PubMed   ? 
_citation.pdbx_database_id_DOI      ? 
# 
loop_
_citation_author.citation_id 
_citation_author.name 
_citation_author.ordinal 
_citation_author.identifier_ORCID 
primary 'Tan, J.'        1 ? 
primary 'Anand, K.'      2 ? 
primary 'Mesters, J.R.'  3 ? 
primary 'Hilgenfeld, R.' 4 ? 
# 
loop_
_entity.id 
_entity.type 
_entity.src_method 
_entity.pdbx_description 
_entity.formula_weight 
_entity.pdbx_number_of_molecules 
_entity.pdbx_ec 
_entity.pdbx_mutation 
_entity.pdbx_fragment 
_entity.details 
1 polymer     man 'POLYPROTEIN 3BCD'                                                                                     20429.488 
1  3.4.22.28 ? ? ? 
2 non-polymer syn 'ETHYL (4R)-4-({N-[(BENZYLOXY)CARBONYL]-L-PHENYLALANYL}AMINO)-5-[(3S)-2-OXOPYRROLIDIN-3-YL]PENTANOATE' 509.594   
1  ?         ? ? ? 
3 water       nat water                                                                                                  18.015    
34 ?         ? ? ? 
# 
_entity_name_com.entity_id   1 
_entity_name_com.name        '3C PROTEASE OF COXSACKIEVIRUS B3' 
# 
_entity_poly.entity_id                      1 
_entity_poly.type                           'polypeptide(L)' 
_entity_poly.nstd_linkage                   no 
_entity_poly.nstd_monomer                   no 
_entity_poly.pdbx_seq_one_letter_code       
;MGPAFEFAVAMMKRNSSTVKTEYGEFTMLGIYDRWAVLPRHAKPGPTILMNDQEVGVLDAKELVDKDGTNLELTLLKLNR
NEKFRDIRGFLAKEEVEVNEAVLAINTSKFPNMYIPVGQVTEYGFLNLGGTPTKRMLMYNFPTRAGQCGGVLMSTGKVLG
IHVGGNGHQGFSAALLKHYFNDEQ
;
_entity_poly.pdbx_seq_one_letter_code_can   
;MGPAFEFAVAMMKRNSSTVKTEYGEFTMLGIYDRWAVLPRHAKPGPTILMNDQEVGVLDAKELVDKDGTNLELTLLKLNR
NEKFRDIRGFLAKEEVEVNEAVLAINTSKFPNMYIPVGQVTEYGFLNLGGTPTKRMLMYNFPTRAGQCGGVLMSTGKVLG
IHVGGNGHQGFSAALLKHYFNDEQ
;
_entity_poly.pdbx_strand_id                 A 
_entity_poly.pdbx_target_identifier         ? 
# 
loop_
_pdbx_entity_nonpoly.entity_id 
_pdbx_entity_nonpoly.name 
_pdbx_entity_nonpoly.comp_id 
2 'ETHYL (4R)-4-({N-[(BENZYLOXY)CARBONYL]-L-PHENYLALANYL}AMINO)-5-[(3S)-2-OXOPYRROLIDIN-3-YL]PENTANOATE' G75 
3 water                                                                                                  HOH 
# 
loop_
_entity_poly_seq.entity_id 
_entity_poly_seq.num 
_entity_poly_seq.mon_id 
_entity_poly_seq.hetero 
1 1   MET n 
1 2   GLY n 
1 3   PRO n 
1 4   ALA n 
1 5   PHE n 
1 6   GLU n 
1 7   PHE n 
1 8   ALA n 
1 9   VAL n 
1 10  ALA n 
1 11  MET n 
1 12  MET n 
1 13  LYS n 
1 14  ARG n 
1 15  ASN n 
1 16  SER n 
1 17  SER n 
1 18  THR n 
1 19  VAL n 
1 20  LYS n 
1 21  THR n 
1 22  GLU n 
1 23  TYR n 
1 24  GLY n 
1 25  GLU n 
1 26  PHE n 
1 27  THR n 
1 28  MET n 
1 29  LEU n 
1 30  GLY n 
1 31  ILE n 
1 32  TYR n 
1 33  ASP n 
1 34  ARG n 
1 35  TRP n 
1 36  ALA n 
1 37  VAL n 
1 38  LEU n 
1 39  PRO n 
1 40  ARG n 
1 41  HIS n 
1 42  ALA n 
1 43  LYS n 
1 44  PRO n 
1 45  GLY n 
1 46  PRO n 
1 47  THR n 
1 48  ILE n 
1 49  LEU n 
1 50  MET n 
1 51  ASN n 
1 52  ASP n 
1 53  GLN n 
1 54  GLU n 
1 55  VAL n 
1 56  GLY n 
1 57  VAL n 
1 58  LEU n 
1 59  ASP n 
1 60  ALA n 
1 61  LYS n 
1 62  GLU n 
1 63  LEU n 
1 64  VAL n 
1 65  ASP n 
1 66  LYS n 
1 67  ASP n 
1 68  GLY n 
1 69  THR n 
1 70  ASN n 
1 71  LEU n 
1 72  GLU n 
1 73  LEU n 
1 74  THR n 
1 75  LEU n 
1 76  LEU n 
1 77  LYS n 
1 78  LEU n 
1 79  ASN n 
1 80  ARG n 
1 81  ASN n 
1 82  GLU n 
1 83  LYS n 
1 84  PHE n 
1 85  ARG n 
1 86  ASP n 
1 87  ILE n 
1 88  ARG n 
1 89  GLY n 
1 90  PHE n 
1 91  LEU n 
1 92  ALA n 
1 93  LYS n 
1 94  GLU n 
1 95  GLU n 
1 96  VAL n 
1 97  GLU n 
1 98  VAL n 
1 99  ASN n 
1 100 GLU n 
1 101 ALA n 
1 102 VAL n 
1 103 LEU n 
1 104 ALA n 
1 105 ILE n 
1 106 ASN n 
1 107 THR n 
1 108 SER n 
1 109 LYS n 
1 110 PHE n 
1 111 PRO n 
1 112 ASN n 
1 113 MET n 
1 114 TYR n 
1 115 ILE n 
1 116 PRO n 
1 117 VAL n 
1 118 GLY n 
1 119 GLN n 
1 120 VAL n 
1 121 THR n 
1 122 GLU n 
1 123 TYR n 
1 124 GLY n 
1 125 PHE n 
1 126 LEU n 
1 127 ASN n 
1 128 LEU n 
1 129 GLY n 
1 130 GLY n 
1 131 THR n 
1 132 PRO n 
1 133 THR n 
1 134 LYS n 
1 135 ARG n 
1 136 MET n 
1 137 LEU n 
1 138 MET n 
1 139 TYR n 
1 140 ASN n 
1 141 PHE n 
1 142 PRO n 
1 143 THR n 
1 144 ARG n 
1 145 ALA n 
1 146 GLY n 
1 147 GLN n 
1 148 CYS n 
1 149 GLY n 
1 150 GLY n 
1 151 VAL n 
1 152 LEU n 
1 153 MET n 
1 154 SER n 
1 155 THR n 
1 156 GLY n 
1 157 LYS n 
1 158 VAL n 
1 159 LEU n 
1 160 GLY n 
1 161 ILE n 
1 162 HIS n 
1 163 VAL n 
1 164 GLY n 
1 165 GLY n 
1 166 ASN n 
1 167 GLY n 
1 168 HIS n 
1 169 GLN n 
1 170 GLY n 
1 171 PHE n 
1 172 SER n 
1 173 ALA n 
1 174 ALA n 
1 175 LEU n 
1 176 LEU n 
1 177 LYS n 
1 178 HIS n 
1 179 TYR n 
1 180 PHE n 
1 181 ASN n 
1 182 ASP n 
1 183 GLU n 
1 184 GLN n 
# 
_entity_src_gen.entity_id                          1 
_entity_src_gen.pdbx_src_id                        1 
_entity_src_gen.pdbx_alt_source_flag               sample 
_entity_src_gen.pdbx_seq_type                      ? 
_entity_src_gen.pdbx_beg_seq_num                   ? 
_entity_src_gen.pdbx_end_seq_num                   ? 
_entity_src_gen.gene_src_common_name               ? 
_entity_src_gen.gene_src_genus                     ? 
_entity_src_gen.pdbx_gene_src_gene                 ? 
_entity_src_gen.gene_src_species                   ? 
_entity_src_gen.gene_src_strain                    'COXSACKIEVIRUS B3' 
_entity_src_gen.gene_src_tissue                    ? 
_entity_src_gen.gene_src_tissue_fraction           ? 
_entity_src_gen.gene_src_details                   ? 
_entity_src_gen.pdbx_gene_src_fragment             ? 
_entity_src_gen.pdbx_gene_src_scientific_name      'HUMAN COXSACKIEVIRUS B3' 
_entity_src_gen.pdbx_gene_src_ncbi_taxonomy_id     12072 
_entity_src_gen.pdbx_gene_src_variant              ? 
_entity_src_gen.pdbx_gene_src_cell_line            ? 
_entity_src_gen.pdbx_gene_src_atcc                 ? 
_entity_src_gen.pdbx_gene_src_organ                ? 
_entity_src_gen.pdbx_gene_src_organelle            ? 
_entity_src_gen.pdbx_gene_src_cell                 ? 
_entity_src_gen.pdbx_gene_src_cellular_location    ? 
_entity_src_gen.host_org_common_name               ? 
_entity_src_gen.pdbx_host_org_scientific_name      'ESCHERICHIA COLI' 
_entity_src_gen.pdbx_host_org_ncbi_taxonomy_id     469008 
_entity_src_gen.host_org_genus                     ? 
_entity_src_gen.pdbx_host_org_gene                 ? 
_entity_src_gen.pdbx_host_org_organ                ? 
_entity_src_gen.host_org_species                   ? 
_entity_src_gen.pdbx_host_org_tissue               ? 
_entity_src_gen.pdbx_host_org_tissue_fraction      ? 
_entity_src_gen.pdbx_host_org_strain               'BL21(DE3)GOLD' 
_entity_src_gen.pdbx_host_org_variant              ? 
_entity_src_gen.pdbx_host_org_cell_line            ? 
_entity_src_gen.pdbx_host_org_atcc                 ? 
_entity_src_gen.pdbx_host_org_culture_collection   ? 
_entity_src_gen.pdbx_host_org_cell                 ? 
_entity_src_gen.pdbx_host_org_organelle            ? 
_entity_src_gen.pdbx_host_org_cellular_location    ? 
_entity_src_gen.pdbx_host_org_vector_type          ? 
_entity_src_gen.pdbx_host_org_vector               PET23A 
_entity_src_gen.host_org_details                   ? 
_entity_src_gen.expression_system_id               ? 
_entity_src_gen.plasmid_name                       PET23A-COX 
_entity_src_gen.plasmid_details                    ? 
_entity_src_gen.pdbx_description                   ? 
# 
loop_
_chem_comp.id 
_chem_comp.type 
_chem_comp.mon_nstd_flag 
_chem_comp.name 
_chem_comp.pdbx_synonyms 
_chem_comp.formula 
_chem_comp.formula_weight 
ALA 'L-peptide linking' y ALANINE                                                                                                ? 
'C3 H7 N O2'     89.093  
ARG 'L-peptide linking' y ARGININE                                                                                               ? 
'C6 H15 N4 O2 1' 175.209 
ASN 'L-peptide linking' y ASPARAGINE                                                                                             ? 
'C4 H8 N2 O3'    132.118 
ASP 'L-peptide linking' y 'ASPARTIC ACID'                                                                                        ? 
'C4 H7 N O4'     133.103 
CYS 'L-peptide linking' y CYSTEINE                                                                                               ? 
'C3 H7 N O2 S'   121.158 
G75 non-polymer         . 'ETHYL (4R)-4-({N-[(BENZYLOXY)CARBONYL]-L-PHENYLALANYL}AMINO)-5-[(3S)-2-OXOPYRROLIDIN-3-YL]PENTANOATE' ? 
'C28 H35 N3 O6'  509.594 
GLN 'L-peptide linking' y GLUTAMINE                                                                                              ? 
'C5 H10 N2 O3'   146.144 
GLU 'L-peptide linking' y 'GLUTAMIC ACID'                                                                                        ? 
'C5 H9 N O4'     147.129 
GLY 'peptide linking'   y GLYCINE                                                                                                ? 
'C2 H5 N O2'     75.067  
HIS 'L-peptide linking' y HISTIDINE                                                                                              ? 
'C6 H10 N3 O2 1' 156.162 
HOH non-polymer         . WATER                                                                                                  ? 
'H2 O'           18.015  
ILE 'L-peptide linking' y ISOLEUCINE                                                                                             ? 
'C6 H13 N O2'    131.173 
LEU 'L-peptide linking' y LEUCINE                                                                                                ? 
'C6 H13 N O2'    131.173 
LYS 'L-peptide linking' y LYSINE                                                                                                 ? 
'C6 H15 N2 O2 1' 147.195 
MET 'L-peptide linking' y METHIONINE                                                                                             ? 
'C5 H11 N O2 S'  149.211 
PHE 'L-peptide linking' y PHENYLALANINE                                                                                          ? 
'C9 H11 N O2'    165.189 
PRO 'L-peptide linking' y PROLINE                                                                                                ? 
'C5 H9 N O2'     115.130 
SER 'L-peptide linking' y SERINE                                                                                                 ? 
'C3 H7 N O3'     105.093 
THR 'L-peptide linking' y THREONINE                                                                                              ? 
'C4 H9 N O3'     119.119 
TRP 'L-peptide linking' y TRYPTOPHAN                                                                                             ? 
'C11 H12 N2 O2'  204.225 
TYR 'L-peptide linking' y TYROSINE                                                                                               ? 
'C9 H11 N O3'    181.189 
VAL 'L-peptide linking' y VALINE                                                                                                 ? 
'C5 H11 N O2'    117.146 
# 
loop_
_pdbx_poly_seq_scheme.asym_id 
_pdbx_poly_seq_scheme.entity_id 
_pdbx_poly_seq_scheme.seq_id 
_pdbx_poly_seq_scheme.mon_id 
_pdbx_poly_seq_scheme.ndb_seq_num 
_pdbx_poly_seq_scheme.pdb_seq_num 
_pdbx_poly_seq_scheme.auth_seq_num 
_pdbx_poly_seq_scheme.pdb_mon_id 
_pdbx_poly_seq_scheme.auth_mon_id 
_pdbx_poly_seq_scheme.pdb_strand_id 
_pdbx_poly_seq_scheme.pdb_ins_code 
_pdbx_poly_seq_scheme.hetero 
A 1 1   MET 1   0   0   MET MET A . n 
A 1 2   GLY 2   1   1   GLY GLY A . n 
A 1 3   PRO 3   2   2   PRO PRO A . n 
A 1 4   ALA 4   3   3   ALA ALA A . n 
A 1 5   PHE 5   4   4   PHE PHE A . n 
A 1 6   GLU 6   5   5   GLU GLU A . n 
A 1 7   PHE 7   6   6   PHE PHE A . n 
A 1 8   ALA 8   7   7   ALA ALA A . n 
A 1 9   VAL 9   8   8   VAL VAL A . n 
A 1 10  ALA 10  9   9   ALA ALA A . n 
A 1 11  MET 11  10  10  MET MET A . n 
A 1 12  MET 12  11  11  MET MET A . n 
A 1 13  LYS 13  12  12  LYS LYS A . n 
A 1 14  ARG 14  13  13  ARG ARG A . n 
A 1 15  ASN 15  14  14  ASN ASN A . n 
A 1 16  SER 16  15  15  SER SER A . n 
A 1 17  SER 17  16  16  SER SER A . n 
A 1 18  THR 18  17  17  THR THR A . n 
A 1 19  VAL 19  18  18  VAL VAL A . n 
A 1 20  LYS 20  19  19  LYS LYS A . n 
A 1 21  THR 21  20  20  THR THR A . n 
A 1 22  GLU 22  21  21  GLU GLU A . n 
A 1 23  TYR 23  22  22  TYR TYR A . n 
A 1 24  GLY 24  23  23  GLY GLY A . n 
A 1 25  GLU 25  24  24  GLU GLU A . n 
A 1 26  PHE 26  25  25  PHE PHE A . n 
A 1 27  THR 27  26  26  THR THR A . n 
A 1 28  MET 28  27  27  MET MET A . n 
A 1 29  LEU 29  28  28  LEU LEU A . n 
A 1 30  GLY 30  29  29  GLY GLY A . n 
A 1 31  ILE 31  30  30  ILE ILE A . n 
A 1 32  TYR 32  31  31  TYR TYR A . n 
A 1 33  ASP 33  32  32  ASP ASP A . n 
A 1 34  ARG 34  33  33  ARG ARG A . n 
A 1 35  TRP 35  34  34  TRP TRP A . n 
A 1 36  ALA 36  35  35  ALA ALA A . n 
A 1 37  VAL 37  36  36  VAL VAL A . n 
A 1 38  LEU 38  37  37  LEU LEU A . n 
A 1 39  PRO 39  38  38  PRO PRO A . n 
A 1 40  ARG 40  39  39  ARG ARG A . n 
A 1 41  HIS 41  40  40  HIS HIS A . n 
A 1 42  ALA 42  41  41  ALA ALA A . n 
A 1 43  LYS 43  42  42  LYS LYS A . n 
A 1 44  PRO 44  43  43  PRO PRO A . n 
A 1 45  GLY 45  44  44  GLY GLY A . n 
A 1 46  PRO 46  45  45  PRO PRO A . n 
A 1 47  THR 47  46  46  THR THR A . n 
A 1 48  ILE 48  47  47  ILE ILE A . n 
A 1 49  LEU 49  48  48  LEU LEU A . n 
A 1 50  MET 50  49  49  MET MET A . n 
A 1 51  ASN 51  50  50  ASN ASN A . n 
A 1 52  ASP 52  51  51  ASP ASP A . n 
A 1 53  GLN 53  52  52  GLN GLN A . n 
A 1 54  GLU 54  53  53  GLU GLU A . n 
A 1 55  VAL 55  54  54  VAL VAL A . n 
A 1 56  GLY 56  55  55  GLY GLY A . n 
A 1 57  VAL 57  56  56  VAL VAL A . n 
A 1 58  LEU 58  57  57  LEU LEU A . n 
A 1 59  ASP 59  58  58  ASP ASP A . n 
A 1 60  ALA 60  59  59  ALA ALA A . n 
A 1 61  LYS 61  60  60  LYS LYS A . n 
A 1 62  GLU 62  61  61  GLU GLU A . n 
A 1 63  LEU 63  62  62  LEU LEU A . n 
A 1 64  VAL 64  63  63  VAL VAL A . n 
A 1 65  ASP 65  64  64  ASP ASP A . n 
A 1 66  LYS 66  65  65  LYS LYS A . n 
A 1 67  ASP 67  66  66  ASP ASP A . n 
A 1 68  GLY 68  67  67  GLY GLY A . n 
A 1 69  THR 69  68  68  THR THR A . n 
A 1 70  ASN 70  69  69  ASN ASN A . n 
A 1 71  LEU 71  70  70  LEU LEU A . n 
A 1 72  GLU 72  71  71  GLU GLU A . n 
A 1 73  LEU 73  72  72  LEU LEU A . n 
A 1 74  THR 74  73  73  THR THR A . n 
A 1 75  LEU 75  74  74  LEU LEU A . n 
A 1 76  LEU 76  75  75  LEU LEU A . n 
A 1 77  LYS 77  76  76  LYS LYS A . n 
A 1 78  LEU 78  77  77  LEU LEU A . n 
A 1 79  ASN 79  78  78  ASN ASN A . n 
A 1 80  ARG 80  79  79  ARG ARG A . n 
A 1 81  ASN 81  80  80  ASN ASN A . n 
A 1 82  GLU 82  81  81  GLU GLU A . n 
A 1 83  LYS 83  82  82  LYS LYS A . n 
A 1 84  PHE 84  83  83  PHE PHE A . n 
A 1 85  ARG 85  84  84  ARG ARG A . n 
A 1 86  ASP 86  85  85  ASP ASP A . n 
A 1 87  ILE 87  86  86  ILE ILE A . n 
A 1 88  ARG 88  87  87  ARG ARG A . n 
A 1 89  GLY 89  88  88  GLY GLY A . n 
A 1 90  PHE 90  89  89  PHE PHE A . n 
A 1 91  LEU 91  90  90  LEU LEU A . n 
A 1 92  ALA 92  91  91  ALA ALA A . n 
A 1 93  LYS 93  92  92  LYS LYS A . n 
A 1 94  GLU 94  93  93  GLU GLU A . n 
A 1 95  GLU 95  94  94  GLU GLU A . n 
A 1 96  VAL 96  95  95  VAL VAL A . n 
A 1 97  GLU 97  96  96  GLU GLU A . n 
A 1 98  VAL 98  97  97  VAL VAL A . n 
A 1 99  ASN 99  98  98  ASN ASN A . n 
A 1 100 GLU 100 99  99  GLU GLU A . n 
A 1 101 ALA 101 100 100 ALA ALA A . n 
A 1 102 VAL 102 101 101 VAL VAL A . n 
A 1 103 LEU 103 102 102 LEU LEU A . n 
A 1 104 ALA 104 103 103 ALA ALA A . n 
A 1 105 ILE 105 104 104 ILE ILE A . n 
A 1 106 ASN 106 105 105 ASN ASN A . n 
A 1 107 THR 107 106 106 THR THR A . n 
A 1 108 SER 108 107 107 SER SER A . n 
A 1 109 LYS 109 108 108 LYS LYS A . n 
A 1 110 PHE 110 109 109 PHE PHE A . n 
A 1 111 PRO 111 110 110 PRO PRO A . n 
A 1 112 ASN 112 111 111 ASN ASN A . n 
A 1 113 MET 113 112 112 MET MET A . n 
A 1 114 TYR 114 113 113 TYR TYR A . n 
A 1 115 ILE 115 114 114 ILE ILE A . n 
A 1 116 PRO 116 115 115 PRO PRO A . n 
A 1 117 VAL 117 116 116 VAL VAL A . n 
A 1 118 GLY 118 117 117 GLY GLY A . n 
A 1 119 GLN 119 118 118 GLN GLN A . n 
A 1 120 VAL 120 119 119 VAL VAL A . n 
A 1 121 THR 121 120 120 THR THR A . n 
A 1 122 GLU 122 121 121 GLU GLU A . n 
A 1 123 TYR 123 122 122 TYR TYR A . n 
A 1 124 GLY 124 123 123 GLY GLY A . n 
A 1 125 PHE 125 124 124 PHE PHE A . n 
A 1 126 LEU 126 125 125 LEU LEU A . n 
A 1 127 ASN 127 126 126 ASN ASN A . n 
A 1 128 LEU 128 127 127 LEU LEU A . n 
A 1 129 GLY 129 128 128 GLY GLY A . n 
A 1 130 GLY 130 129 129 GLY GLY A . n 
A 1 131 THR 131 130 130 THR THR A . n 
A 1 132 PRO 132 131 131 PRO PRO A . n 
A 1 133 THR 133 132 132 THR THR A . n 
A 1 134 LYS 134 133 133 LYS LYS A . n 
A 1 135 ARG 135 134 134 ARG ARG A . n 
A 1 136 MET 136 135 135 MET MET A . n 
A 1 137 LEU 137 136 136 LEU LEU A . n 
A 1 138 MET 138 137 137 MET MET A . n 
A 1 139 TYR 139 138 138 TYR TYR A . n 
A 1 140 ASN 140 139 139 ASN ASN A . n 
A 1 141 PHE 141 140 140 PHE PHE A . n 
A 1 142 PRO 142 141 141 PRO PRO A . n 
A 1 143 THR 143 142 142 THR THR A . n 
A 1 144 ARG 144 143 143 ARG ARG A . n 
A 1 145 ALA 145 144 144 ALA ALA A . n 
A 1 146 GLY 146 145 145 GLY GLY A . n 
A 1 147 GLN 147 146 146 GLN GLN A . n 
A 1 148 CYS 148 147 147 CYS CYS A . n 
A 1 149 GLY 149 148 148 GLY GLY A . n 
A 1 150 GLY 150 149 149 GLY GLY A . n 
A 1 151 VAL 151 150 150 VAL VAL A . n 
A 1 152 LEU 152 151 151 LEU LEU A . n 
A 1 153 MET 153 152 152 MET MET A . n 
A 1 154 SER 154 153 153 SER SER A . n 
A 1 155 THR 155 154 154 THR THR A . n 
A 1 156 GLY 156 155 155 GLY GLY A . n 
A 1 157 LYS 157 156 156 LYS LYS A . n 
A 1 158 VAL 158 157 157 VAL VAL A . n 
A 1 159 LEU 159 158 158 LEU LEU A . n 
A 1 160 GLY 160 159 159 GLY GLY A . n 
A 1 161 ILE 161 160 160 ILE ILE A . n 
A 1 162 HIS 162 161 161 HIS HIS A . n 
A 1 163 VAL 163 162 162 VAL VAL A . n 
A 1 164 GLY 164 163 163 GLY GLY A . n 
A 1 165 GLY 165 164 164 GLY GLY A . n 
A 1 166 ASN 166 165 165 ASN ASN A . n 
A 1 167 GLY 167 166 166 GLY GLY A . n 
A 1 168 HIS 168 167 167 HIS HIS A . n 
A 1 169 GLN 169 168 168 GLN GLN A . n 
A 1 170 GLY 170 169 169 GLY GLY A . n 
A 1 171 PHE 171 170 170 PHE PHE A . n 
A 1 172 SER 172 171 171 SER SER A . n 
A 1 173 ALA 173 172 172 ALA ALA A . n 
A 1 174 ALA 174 173 173 ALA ALA A . n 
A 1 175 LEU 175 174 174 LEU LEU A . n 
A 1 176 LEU 176 175 175 LEU LEU A . n 
A 1 177 LYS 177 176 176 LYS LYS A . n 
A 1 178 HIS 178 177 177 HIS HIS A . n 
A 1 179 TYR 179 178 178 TYR TYR A . n 
A 1 180 PHE 180 179 179 PHE PHE A . n 
A 1 181 ASN 181 180 180 ASN ASN A . n 
A 1 182 ASP 182 181 ?   ?   ?   A . n 
A 1 183 GLU 183 182 ?   ?   ?   A . n 
A 1 184 GLN 184 183 ?   ?   ?   A . n 
# 
loop_
_pdbx_nonpoly_scheme.asym_id 
_pdbx_nonpoly_scheme.entity_id 
_pdbx_nonpoly_scheme.mon_id 
_pdbx_nonpoly_scheme.ndb_seq_num 
_pdbx_nonpoly_scheme.pdb_seq_num 
_pdbx_nonpoly_scheme.auth_seq_num 
_pdbx_nonpoly_scheme.pdb_mon_id 
_pdbx_nonpoly_scheme.auth_mon_id 
_pdbx_nonpoly_scheme.pdb_strand_id 
_pdbx_nonpoly_scheme.pdb_ins_code 
B 2 G75 1  1181 1181 G75 G75 A . 
C 3 HOH 1  2001 2001 HOH HOH A . 
C 3 HOH 2  2002 2002 HOH HOH A . 
C 3 HOH 3  2003 2003 HOH HOH A . 
C 3 HOH 4  2004 2004 HOH HOH A . 
C 3 HOH 5  2005 2005 HOH HOH A . 
C 3 HOH 6  2006 2006 HOH HOH A . 
C 3 HOH 7  2007 2007 HOH HOH A . 
C 3 HOH 8  2008 2008 HOH HOH A . 
C 3 HOH 9  2009 2009 HOH HOH A . 
C 3 HOH 10 2010 2010 HOH HOH A . 
C 3 HOH 11 2011 2011 HOH HOH A . 
C 3 HOH 12 2012 2012 HOH HOH A . 
C 3 HOH 13 2013 2013 HOH HOH A . 
C 3 HOH 14 2014 2014 HOH HOH A . 
C 3 HOH 15 2015 2015 HOH HOH A . 
C 3 HOH 16 2016 2016 HOH HOH A . 
C 3 HOH 17 2017 2017 HOH HOH A . 
C 3 HOH 18 2018 2018 HOH HOH A . 
C 3 HOH 19 2019 2019 HOH HOH A . 
C 3 HOH 20 2020 2020 HOH HOH A . 
C 3 HOH 21 2021 2021 HOH HOH A . 
C 3 HOH 22 2022 2022 HOH HOH A . 
C 3 HOH 23 2023 2023 HOH HOH A . 
C 3 HOH 24 2024 2024 HOH HOH A . 
C 3 HOH 25 2025 2025 HOH HOH A . 
C 3 HOH 26 2026 2026 HOH HOH A . 
C 3 HOH 27 2027 2027 HOH HOH A . 
C 3 HOH 28 2028 2028 HOH HOH A . 
C 3 HOH 29 2029 2029 HOH HOH A . 
C 3 HOH 30 2030 2030 HOH HOH A . 
C 3 HOH 31 2031 2031 HOH HOH A . 
C 3 HOH 32 2032 2032 HOH HOH A . 
C 3 HOH 33 2033 2033 HOH HOH A . 
C 3 HOH 34 2034 2034 HOH HOH A . 
# 
loop_
_software.name 
_software.classification 
_software.version 
_software.citation_id 
_software.pdbx_ordinal 
REFMAC  refinement       5.5.0110 ? 1 
iMOSFLM 'data reduction' .        ? 2 
SCALA   'data scaling'   .        ? 3 
MOLREP  phasing          .        ? 4 
# 
_cell.entry_id           3ZZ6 
_cell.length_a           76.920 
_cell.length_b           64.090 
_cell.length_c           39.540 
_cell.angle_alpha        90.00 
_cell.angle_beta         116.63 
_cell.angle_gamma        90.00 
_cell.Z_PDB              4 
_cell.pdbx_unique_axis   ? 
# 
_symmetry.entry_id                         3ZZ6 
_symmetry.space_group_name_H-M             'C 1 2 1' 
_symmetry.pdbx_full_space_group_name_H-M   ? 
_symmetry.cell_setting                     ? 
_symmetry.Int_Tables_number                5 
# 
_exptl.entry_id          3ZZ6 
_exptl.method            'X-RAY DIFFRACTION' 
_exptl.crystals_number   1 
# 
_exptl_crystal.id                    1 
_exptl_crystal.density_meas          ? 
_exptl_crystal.density_Matthews      2.07 
_exptl_crystal.density_percent_sol   40.74 
_exptl_crystal.description           NONE 
# 
_exptl_crystal_grow.crystal_id      1 
_exptl_crystal_grow.method          'VAPOR DIFFUSION, SITTING DROP' 
_exptl_crystal_grow.temp            ? 
_exptl_crystal_grow.temp_details    ? 
_exptl_crystal_grow.pH              8.5 
_exptl_crystal_grow.pdbx_pH_range   ? 
_exptl_crystal_grow.pdbx_details    '100 MM TRIS-HCL PH 8.5, 0.2 M MAGNESIUM CHLORIDE, AND 22% PEG 4000; SITTING DROP' 
# 
_diffrn.id                     1 
_diffrn.ambient_temp           100 
_diffrn.ambient_temp_details   ? 
_diffrn.crystal_id             1 
# 
_diffrn_detector.diffrn_id              1 
_diffrn_detector.detector               CCD 
_diffrn_detector.type                   MARRESEARCH 
_diffrn_detector.pdbx_collection_date   ? 
_diffrn_detector.details                MIRRORS 
# 
_diffrn_radiation.diffrn_id                        1 
_diffrn_radiation.wavelength_id                    1 
_diffrn_radiation.pdbx_monochromatic_or_laue_m_l   M 
_diffrn_radiation.monochromator                    ? 
_diffrn_radiation.pdbx_diffrn_protocol             'SINGLE WAVELENGTH' 
_diffrn_radiation.pdbx_scattering_type             x-ray 
# 
_diffrn_radiation_wavelength.id           1 
_diffrn_radiation_wavelength.wavelength   0.9184 
_diffrn_radiation_wavelength.wt           1.0 
# 
_diffrn_source.diffrn_id                   1 
_diffrn_source.source                      SYNCHROTRON 
_diffrn_source.type                        'BESSY BEAMLINE 14.1' 
_diffrn_source.pdbx_synchrotron_site       BESSY 
_diffrn_source.pdbx_synchrotron_beamline   14.1 
_diffrn_source.pdbx_wavelength             0.9184 
_diffrn_source.pdbx_wavelength_list        ? 
# 
_reflns.pdbx_diffrn_id               1 
_reflns.pdbx_ordinal                 1 
_reflns.entry_id                     3ZZ6 
_reflns.observed_criterion_sigma_I   2.0 
_reflns.observed_criterion_sigma_F   ? 
_reflns.d_resolution_low             35.35 
_reflns.d_resolution_high            2.05 
_reflns.number_obs                   10746 
_reflns.number_all                   ? 
_reflns.percent_possible_obs         99.3 
_reflns.pdbx_Rmerge_I_obs            0.06 
_reflns.pdbx_Rsym_value              ? 
_reflns.pdbx_netI_over_sigmaI        9.30 
_reflns.B_iso_Wilson_estimate        ? 
_reflns.pdbx_redundancy              3.6 
# 
_reflns_shell.pdbx_diffrn_id         1 
_reflns_shell.pdbx_ordinal           1 
_reflns_shell.d_res_high             2.05 
_reflns_shell.d_res_low              2.16 
_reflns_shell.percent_possible_all   98.9 
_reflns_shell.Rmerge_I_obs           0.44 
_reflns_shell.pdbx_Rsym_value        ? 
_reflns_shell.meanI_over_sigI_obs    2.40 
_reflns_shell.pdbx_redundancy        3.6 
# 
_refine.pdbx_refine_id                           'X-RAY DIFFRACTION' 
_refine.entry_id                                 3ZZ6 
_refine.pdbx_diffrn_id                           1 
_refine.pdbx_TLS_residual_ADP_flag               ? 
_refine.ls_number_reflns_obs                     10230 
_refine.ls_number_reflns_all                     ? 
_refine.pdbx_ls_sigma_I                          ? 
_refine.pdbx_ls_sigma_F                          . 
_refine.pdbx_data_cutoff_high_absF               ? 
_refine.pdbx_data_cutoff_low_absF                ? 
_refine.pdbx_data_cutoff_high_rms_absF           ? 
_refine.ls_d_res_low                             46.88 
_refine.ls_d_res_high                            2.05 
_refine.ls_percent_reflns_obs                    99.04 
_refine.ls_R_factor_obs                          0.22806 
_refine.ls_R_factor_all                          ? 
_refine.ls_R_factor_R_work                       0.22517 
_refine.ls_R_factor_R_free                       0.28484 
_refine.ls_R_factor_R_free_error                 ? 
_refine.ls_R_factor_R_free_error_details         ? 
_refine.ls_percent_reflns_R_free                 4.8 
_refine.ls_number_reflns_R_free                  516 
_refine.ls_number_parameters                     ? 
_refine.ls_number_restraints                     ? 
_refine.occupancy_min                            ? 
_refine.occupancy_max                            ? 
_refine.correlation_coeff_Fo_to_Fc               0.952 
_refine.correlation_coeff_Fo_to_Fc_free          0.914 
_refine.B_iso_mean                               45.471 
_refine.aniso_B[1][1]                            -0.10 
_refine.aniso_B[2][2]                            -0.82 
_refine.aniso_B[3][3]                            3.29 
_refine.aniso_B[1][2]                            0.00 
_refine.aniso_B[1][3]                            2.64 
_refine.aniso_B[2][3]                            0.00 
_refine.solvent_model_details                    MASK 
_refine.solvent_model_param_ksol                 ? 
_refine.solvent_model_param_bsol                 ? 
_refine.pdbx_solvent_vdw_probe_radii             1.40 
_refine.pdbx_solvent_ion_probe_radii             0.80 
_refine.pdbx_solvent_shrinkage_radii             0.80 
_refine.pdbx_ls_cross_valid_method               THROUGHOUT 
_refine.details                                  'HYDROGENS HAVE BEEN ADDED IN THE RIDING POSITIONS.U VALUES REFINED INDIVIDUALLY' 
_refine.pdbx_starting_model                      'CRYSTAL STRUCTURE OF COXSACKIEVIURS B3 3C PROTEASE' 
_refine.pdbx_method_to_determine_struct          'MOLECULAR REPLACEMENT' 
_refine.pdbx_isotropic_thermal_model             ? 
_refine.pdbx_stereochemistry_target_values       'MAXIMUM LIKELIHOOD' 
_refine.pdbx_stereochem_target_val_spec_case     ? 
_refine.pdbx_R_Free_selection_details            RANDOM 
_refine.pdbx_overall_ESU_R                       0.275 
_refine.pdbx_overall_ESU_R_Free                  0.226 
_refine.overall_SU_ML                            0.210 
_refine.pdbx_overall_phase_error                 ? 
_refine.overall_SU_B                             7.728 
_refine.overall_SU_R_Cruickshank_DPI             ? 
_refine.pdbx_overall_SU_R_free_Cruickshank_DPI   ? 
_refine.pdbx_overall_SU_R_Blow_DPI               ? 
_refine.pdbx_overall_SU_R_free_Blow_DPI          ? 
# 
_refine_hist.pdbx_refine_id                   'X-RAY DIFFRACTION' 
_refine_hist.cycle_id                         LAST 
_refine_hist.pdbx_number_atoms_protein        1406 
_refine_hist.pdbx_number_atoms_nucleic_acid   0 
_refine_hist.pdbx_number_atoms_ligand         37 
_refine_hist.number_atoms_solvent             34 
_refine_hist.number_atoms_total               1477 
_refine_hist.d_res_high                       2.05 
_refine_hist.d_res_low                        46.88 
# 
loop_
_refine_ls_restr.type 
_refine_ls_restr.dev_ideal 
_refine_ls_restr.dev_ideal_target 
_refine_ls_restr.weight 
_refine_ls_restr.number 
_refine_ls_restr.pdbx_refine_id 
_refine_ls_restr.pdbx_restraint_function 
r_bond_refined_d             0.018  0.022  ? 1475 'X-RAY DIFFRACTION' ? 
r_bond_other_d               ?      ?      ? ?    'X-RAY DIFFRACTION' ? 
r_angle_refined_deg          1.886  1.993  ? 1985 'X-RAY DIFFRACTION' ? 
r_angle_other_deg            ?      ?      ? ?    'X-RAY DIFFRACTION' ? 
r_dihedral_angle_1_deg       7.338  5.000  ? 180  'X-RAY DIFFRACTION' ? 
r_dihedral_angle_2_deg       32.327 24.127 ? 63   'X-RAY DIFFRACTION' ? 
r_dihedral_angle_3_deg       18.639 15.000 ? 252  'X-RAY DIFFRACTION' ? 
r_dihedral_angle_4_deg       13.363 15.000 ? 8    'X-RAY DIFFRACTION' ? 
r_chiral_restr               0.110  0.200  ? 215  'X-RAY DIFFRACTION' ? 
r_gen_planes_refined         0.008  0.021  ? 1112 'X-RAY DIFFRACTION' ? 
r_gen_planes_other           ?      ?      ? ?    'X-RAY DIFFRACTION' ? 
r_nbd_refined                ?      ?      ? ?    'X-RAY DIFFRACTION' ? 
r_nbd_other                  ?      ?      ? ?    'X-RAY DIFFRACTION' ? 
r_nbtor_refined              ?      ?      ? ?    'X-RAY DIFFRACTION' ? 
r_nbtor_other                ?      ?      ? ?    'X-RAY DIFFRACTION' ? 
r_xyhbond_nbd_refined        ?      ?      ? ?    'X-RAY DIFFRACTION' ? 
r_xyhbond_nbd_other          ?      ?      ? ?    'X-RAY DIFFRACTION' ? 
r_metal_ion_refined          ?      ?      ? ?    'X-RAY DIFFRACTION' ? 
r_metal_ion_other            ?      ?      ? ?    'X-RAY DIFFRACTION' ? 
r_symmetry_vdw_refined       ?      ?      ? ?    'X-RAY DIFFRACTION' ? 
r_symmetry_vdw_other         ?      ?      ? ?    'X-RAY DIFFRACTION' ? 
r_symmetry_hbond_refined     ?      ?      ? ?    'X-RAY DIFFRACTION' ? 
r_symmetry_hbond_other       ?      ?      ? ?    'X-RAY DIFFRACTION' ? 
r_symmetry_metal_ion_refined ?      ?      ? ?    'X-RAY DIFFRACTION' ? 
r_symmetry_metal_ion_other   ?      ?      ? ?    'X-RAY DIFFRACTION' ? 
r_mcbond_it                  1.143  1.500  ? 892  'X-RAY DIFFRACTION' ? 
r_mcbond_other               ?      ?      ? ?    'X-RAY DIFFRACTION' ? 
r_mcangle_it                 2.013  2.000  ? 1429 'X-RAY DIFFRACTION' ? 
r_mcangle_other              ?      ?      ? ?    'X-RAY DIFFRACTION' ? 
r_scbond_it                  2.621  3.000  ? 583  'X-RAY DIFFRACTION' ? 
r_scbond_other               ?      ?      ? ?    'X-RAY DIFFRACTION' ? 
r_scangle_it                 3.793  4.500  ? 556  'X-RAY DIFFRACTION' ? 
r_scangle_other              ?      ?      ? ?    'X-RAY DIFFRACTION' ? 
r_long_range_B_refined       ?      ?      ? ?    'X-RAY DIFFRACTION' ? 
r_long_range_B_other         ?      ?      ? ?    'X-RAY DIFFRACTION' ? 
r_rigid_bond_restr           ?      ?      ? ?    'X-RAY DIFFRACTION' ? 
r_sphericity_free            ?      ?      ? ?    'X-RAY DIFFRACTION' ? 
r_sphericity_bonded          ?      ?      ? ?    'X-RAY DIFFRACTION' ? 
# 
_refine_ls_shell.pdbx_refine_id                   'X-RAY DIFFRACTION' 
_refine_ls_shell.pdbx_total_number_of_bins_used   20 
_refine_ls_shell.d_res_high                       2.050 
_refine_ls_shell.d_res_low                        2.103 
_refine_ls_shell.number_reflns_R_work             748 
_refine_ls_shell.R_factor_R_work                  0.308 
_refine_ls_shell.percent_reflns_obs               98.37 
_refine_ls_shell.R_factor_R_free                  0.377 
_refine_ls_shell.R_factor_R_free_error            ? 
_refine_ls_shell.percent_reflns_R_free            ? 
_refine_ls_shell.number_reflns_R_free             38 
_refine_ls_shell.number_reflns_all                ? 
_refine_ls_shell.R_factor_all                     ? 
# 
_struct.entry_id                  3ZZ6 
_struct.title                     
'Crystal structure of 3C protease of coxsackievirus B3 complexed with Michael receptor inhibitor 75' 
_struct.pdbx_model_details        ? 
_struct.pdbx_CASP_flag            ? 
_struct.pdbx_model_type_details   ? 
# 
_struct_keywords.entry_id        3ZZ6 
_struct_keywords.pdbx_keywords   HYDROLASE 
_struct_keywords.text            'PICORNAVIRIDAE, HYDROLASE, MICHAEL RECEPTOR INHIBITOR' 
# 
loop_
_struct_asym.id 
_struct_asym.pdbx_blank_PDB_chainid_flag 
_struct_asym.pdbx_modified 
_struct_asym.entity_id 
_struct_asym.details 
A N N 1 ? 
B N N 2 ? 
C N N 3 ? 
# 
_struct_ref.id                         1 
_struct_ref.db_name                    UNP 
_struct_ref.db_code                    Q90092_9ENTO 
_struct_ref.entity_id                  1 
_struct_ref.pdbx_seq_one_letter_code   ? 
_struct_ref.pdbx_align_begin           ? 
_struct_ref.pdbx_db_accession          Q90092 
_struct_ref.pdbx_db_isoform            ? 
# 
_struct_ref_seq.align_id                      1 
_struct_ref_seq.ref_id                        1 
_struct_ref_seq.pdbx_PDB_id_code              3ZZ6 
_struct_ref_seq.pdbx_strand_id                A 
_struct_ref_seq.seq_align_beg                 2 
_struct_ref_seq.pdbx_seq_align_beg_ins_code   ? 
_struct_ref_seq.seq_align_end                 184 
_struct_ref_seq.pdbx_seq_align_end_ins_code   ? 
_struct_ref_seq.pdbx_db_accession             Q90092 
_struct_ref_seq.db_align_beg                  14 
_struct_ref_seq.pdbx_db_align_beg_ins_code    ? 
_struct_ref_seq.db_align_end                  196 
_struct_ref_seq.pdbx_db_align_end_ins_code    ? 
_struct_ref_seq.pdbx_auth_seq_align_beg       1 
_struct_ref_seq.pdbx_auth_seq_align_end       183 
# 
_struct_ref_seq_dif.align_id                     1 
_struct_ref_seq_dif.pdbx_pdb_id_code             3ZZ6 
_struct_ref_seq_dif.mon_id                       MET 
_struct_ref_seq_dif.pdbx_pdb_strand_id           A 
_struct_ref_seq_dif.seq_num                      1 
_struct_ref_seq_dif.pdbx_pdb_ins_code            ? 
_struct_ref_seq_dif.pdbx_seq_db_name             UNP 
_struct_ref_seq_dif.pdbx_seq_db_accession_code   Q90092 
_struct_ref_seq_dif.db_mon_id                    ? 
_struct_ref_seq_dif.pdbx_seq_db_seq_num          ? 
_struct_ref_seq_dif.details                      'expression tag' 
_struct_ref_seq_dif.pdbx_auth_seq_num            0 
_struct_ref_seq_dif.pdbx_ordinal                 1 
# 
_pdbx_struct_assembly.id                   1 
_pdbx_struct_assembly.details              author_and_software_defined_assembly 
_pdbx_struct_assembly.method_details       PISA 
_pdbx_struct_assembly.oligomeric_details   dimeric 
_pdbx_struct_assembly.oligomeric_count     2 
# 
loop_
_pdbx_struct_assembly_prop.biol_id 
_pdbx_struct_assembly_prop.type 
_pdbx_struct_assembly_prop.value 
_pdbx_struct_assembly_prop.details 
1 'ABSA (A^2)' 1740  ? 
1 MORE         -15.4 ? 
1 'SSA (A^2)'  14970 ? 
# 
_pdbx_struct_assembly_gen.assembly_id       1 
_pdbx_struct_assembly_gen.oper_expression   1,2 
_pdbx_struct_assembly_gen.asym_id_list      A,B,C 
# 
loop_
_pdbx_struct_oper_list.id 
_pdbx_struct_oper_list.type 
_pdbx_struct_oper_list.name 
_pdbx_struct_oper_list.symmetry_operation 
_pdbx_struct_oper_list.matrix[1][1] 
_pdbx_struct_oper_list.matrix[1][2] 
_pdbx_struct_oper_list.matrix[1][3] 
_pdbx_struct_oper_list.vector[1] 
_pdbx_struct_oper_list.matrix[2][1] 
_pdbx_struct_oper_list.matrix[2][2] 
_pdbx_struct_oper_list.matrix[2][3] 
_pdbx_struct_oper_list.vector[2] 
_pdbx_struct_oper_list.matrix[3][1] 
_pdbx_struct_oper_list.matrix[3][2] 
_pdbx_struct_oper_list.matrix[3][3] 
_pdbx_struct_oper_list.vector[3] 
1 'identity operation'         1_555 x,y,z       1.0000000000  0.0000000000 0.0000000000 0.0000000000  0.0000000000 1.0000000000 0.0000000000 0.0000000000   0.0000000000 0.0000000000 1.0000000000  0.0000000000  
2 'crystal symmetry operation' 2_454 -x-1,y,-z-1 -0.7172382752 0.6830238315 0.1380134126 29.3814892906 0.6830238315 0.6498751904 0.3333776875 -11.7540593157 0.1380134126 0.3333776875 -0.9326369151 -2.0263099972 
# 
_struct_biol.id   1 
# 
loop_
_struct_conf.conf_type_id 
_struct_conf.id 
_struct_conf.pdbx_PDB_helix_id 
_struct_conf.beg_label_comp_id 
_struct_conf.beg_label_asym_id 
_struct_conf.beg_label_seq_id 
_struct_conf.pdbx_beg_PDB_ins_code 
_struct_conf.end_label_comp_id 
_struct_conf.end_label_asym_id 
_struct_conf.end_label_seq_id 
_struct_conf.pdbx_end_PDB_ins_code 
_struct_conf.beg_auth_comp_id 
_struct_conf.beg_auth_asym_id 
_struct_conf.beg_auth_seq_id 
_struct_conf.end_auth_comp_id 
_struct_conf.end_auth_asym_id 
_struct_conf.end_auth_seq_id 
_struct_conf.pdbx_PDB_helix_class 
_struct_conf.details 
_struct_conf.pdbx_PDB_helix_length 
HELX_P HELX_P1 1 MET A 1   ? ASN A 15  ? MET A 0   ASN A 14  1 ? 15 
HELX_P HELX_P2 2 HIS A 41  ? LYS A 43  ? HIS A 40  LYS A 42  5 ? 3  
HELX_P HELX_P3 3 ILE A 87  ? PHE A 90  ? ILE A 86  PHE A 89  5 ? 4  
HELX_P HELX_P4 4 LEU A 176 ? PHE A 180 ? LEU A 175 PHE A 179 5 ? 5  
# 
_struct_conf_type.id          HELX_P 
_struct_conf_type.criteria    ? 
_struct_conf_type.reference   ? 
# 
_struct_conn.id                            covale1 
_struct_conn.conn_type_id                  covale 
_struct_conn.pdbx_leaving_atom_flag        none 
_struct_conn.pdbx_PDB_id                   ? 
_struct_conn.ptnr1_label_asym_id           A 
_struct_conn.ptnr1_label_comp_id           CYS 
_struct_conn.ptnr1_label_seq_id            148 
_struct_conn.ptnr1_label_atom_id           SG 
_struct_conn.pdbx_ptnr1_label_alt_id       ? 
_struct_conn.pdbx_ptnr1_PDB_ins_code       ? 
_struct_conn.pdbx_ptnr1_standard_comp_id   ? 
_struct_conn.ptnr1_symmetry                1_555 
_struct_conn.ptnr2_label_asym_id           B 
_struct_conn.ptnr2_label_comp_id           G75 
_struct_conn.ptnr2_label_seq_id            . 
_struct_conn.ptnr2_label_atom_id           C63 
_struct_conn.pdbx_ptnr2_label_alt_id       ? 
_struct_conn.pdbx_ptnr2_PDB_ins_code       ? 
_struct_conn.ptnr1_auth_asym_id            A 
_struct_conn.ptnr1_auth_comp_id            CYS 
_struct_conn.ptnr1_auth_seq_id             147 
_struct_conn.ptnr2_auth_asym_id            A 
_struct_conn.ptnr2_auth_comp_id            G75 
_struct_conn.ptnr2_auth_seq_id             1181 
_struct_conn.ptnr2_symmetry                1_555 
_struct_conn.pdbx_ptnr3_label_atom_id      ? 
_struct_conn.pdbx_ptnr3_label_seq_id       ? 
_struct_conn.pdbx_ptnr3_label_comp_id      ? 
_struct_conn.pdbx_ptnr3_label_asym_id      ? 
_struct_conn.pdbx_ptnr3_label_alt_id       ? 
_struct_conn.pdbx_ptnr3_PDB_ins_code       ? 
_struct_conn.details                       ? 
_struct_conn.pdbx_dist_value               1.803 
_struct_conn.pdbx_value_order              ? 
_struct_conn.pdbx_role                     ? 
# 
_struct_conn_type.id          covale 
_struct_conn_type.criteria    ? 
_struct_conn_type.reference   ? 
# 
_pdbx_modification_feature.ordinal                            1 
_pdbx_modification_feature.label_comp_id                      G75 
_pdbx_modification_feature.label_asym_id                      B 
_pdbx_modification_feature.label_seq_id                       . 
_pdbx_modification_feature.label_alt_id                       ? 
_pdbx_modification_feature.modified_residue_label_comp_id     CYS 
_pdbx_modification_feature.modified_residue_label_asym_id     A 
_pdbx_modification_feature.modified_residue_label_seq_id      148 
_pdbx_modification_feature.modified_residue_label_alt_id      ? 
_pdbx_modification_feature.auth_comp_id                       G75 
_pdbx_modification_feature.auth_asym_id                       A 
_pdbx_modification_feature.auth_seq_id                        1181 
_pdbx_modification_feature.PDB_ins_code                       ? 
_pdbx_modification_feature.symmetry                           1_555 
_pdbx_modification_feature.modified_residue_auth_comp_id      CYS 
_pdbx_modification_feature.modified_residue_auth_asym_id      A 
_pdbx_modification_feature.modified_residue_auth_seq_id       147 
_pdbx_modification_feature.modified_residue_PDB_ins_code      ? 
_pdbx_modification_feature.modified_residue_symmetry          1_555 
_pdbx_modification_feature.comp_id_linking_atom               C63 
_pdbx_modification_feature.modified_residue_id_linking_atom   SG 
_pdbx_modification_feature.modified_residue_id                CYS 
_pdbx_modification_feature.ref_pcm_id                         1 
_pdbx_modification_feature.ref_comp_id                        G75 
_pdbx_modification_feature.type                               None 
_pdbx_modification_feature.category                           'Covalent chemical modification' 
# 
loop_
_struct_sheet.id 
_struct_sheet.type 
_struct_sheet.number_strands 
_struct_sheet.details 
AA ? 7 ? 
AB ? 7 ? 
# 
loop_
_struct_sheet_order.sheet_id 
_struct_sheet_order.range_id_1 
_struct_sheet_order.range_id_2 
_struct_sheet_order.offset 
_struct_sheet_order.sense 
AA 1 2 ? anti-parallel 
AA 2 3 ? anti-parallel 
AA 3 4 ? anti-parallel 
AA 4 5 ? anti-parallel 
AA 5 6 ? anti-parallel 
AA 6 7 ? anti-parallel 
AB 1 2 ? anti-parallel 
AB 2 3 ? anti-parallel 
AB 3 4 ? anti-parallel 
AB 4 5 ? anti-parallel 
AB 5 6 ? anti-parallel 
AB 6 7 ? anti-parallel 
# 
loop_
_struct_sheet_range.sheet_id 
_struct_sheet_range.id 
_struct_sheet_range.beg_label_comp_id 
_struct_sheet_range.beg_label_asym_id 
_struct_sheet_range.beg_label_seq_id 
_struct_sheet_range.pdbx_beg_PDB_ins_code 
_struct_sheet_range.end_label_comp_id 
_struct_sheet_range.end_label_asym_id 
_struct_sheet_range.end_label_seq_id 
_struct_sheet_range.pdbx_end_PDB_ins_code 
_struct_sheet_range.beg_auth_comp_id 
_struct_sheet_range.beg_auth_asym_id 
_struct_sheet_range.beg_auth_seq_id 
_struct_sheet_range.end_auth_comp_id 
_struct_sheet_range.end_auth_asym_id 
_struct_sheet_range.end_auth_seq_id 
AA 1 SER A 16  ? THR A 21  ? SER A 15  THR A 20  
AA 2 GLY A 24  ? TYR A 32  ? GLY A 23  TYR A 31  
AA 3 TRP A 35  ? PRO A 39  ? TRP A 34  PRO A 38  
AA 4 ASN A 70  ? LEU A 78  ? ASN A 69  LEU A 77  
AA 5 GLN A 53  ? VAL A 64  ? GLN A 52  VAL A 63  
AA 6 THR A 47  ? MET A 50  ? THR A 46  MET A 49  
AA 7 SER A 16  ? THR A 21  ? SER A 15  THR A 20  
AB 1 VAL A 98  ? ILE A 105 ? VAL A 97  ILE A 104 
AB 2 MET A 113 ? LEU A 128 ? MET A 112 LEU A 127 
AB 3 THR A 131 ? TYR A 139 ? THR A 130 TYR A 138 
AB 4 GLY A 170 ? ALA A 174 ? GLY A 169 ALA A 173 
AB 5 LYS A 157 ? GLY A 165 ? LYS A 156 GLY A 164 
AB 6 VAL A 151 ? SER A 154 ? VAL A 150 SER A 153 
AB 7 VAL A 98  ? ILE A 105 ? VAL A 97  ILE A 104 
# 
loop_
_pdbx_struct_sheet_hbond.sheet_id 
_pdbx_struct_sheet_hbond.range_id_1 
_pdbx_struct_sheet_hbond.range_id_2 
_pdbx_struct_sheet_hbond.range_1_label_atom_id 
_pdbx_struct_sheet_hbond.range_1_label_comp_id 
_pdbx_struct_sheet_hbond.range_1_label_asym_id 
_pdbx_struct_sheet_hbond.range_1_label_seq_id 
_pdbx_struct_sheet_hbond.range_1_PDB_ins_code 
_pdbx_struct_sheet_hbond.range_1_auth_atom_id 
_pdbx_struct_sheet_hbond.range_1_auth_comp_id 
_pdbx_struct_sheet_hbond.range_1_auth_asym_id 
_pdbx_struct_sheet_hbond.range_1_auth_seq_id 
_pdbx_struct_sheet_hbond.range_2_label_atom_id 
_pdbx_struct_sheet_hbond.range_2_label_comp_id 
_pdbx_struct_sheet_hbond.range_2_label_asym_id 
_pdbx_struct_sheet_hbond.range_2_label_seq_id 
_pdbx_struct_sheet_hbond.range_2_PDB_ins_code 
_pdbx_struct_sheet_hbond.range_2_auth_atom_id 
_pdbx_struct_sheet_hbond.range_2_auth_comp_id 
_pdbx_struct_sheet_hbond.range_2_auth_asym_id 
_pdbx_struct_sheet_hbond.range_2_auth_seq_id 
AA 1 2 N THR A 21  ? N THR A 20  O GLY A 24  ? O GLY A 23  
AA 2 3 N ILE A 31  ? N ILE A 30  O TRP A 35  ? O TRP A 34  
AA 3 4 N LEU A 38  ? N LEU A 37  O THR A 74  ? O THR A 73  
AA 4 5 O LYS A 77  ? O LYS A 76  N LEU A 58  ? N LEU A 57  
AA 5 6 N VAL A 55  ? N VAL A 54  O ILE A 48  ? O ILE A 47  
AA 6 7 N LEU A 49  ? N LEU A 48  O LYS A 20  ? O LYS A 19  
AB 1 2 N ILE A 105 ? N ILE A 104 O MET A 113 ? O MET A 112 
AB 2 3 N LEU A 128 ? N LEU A 127 O THR A 131 ? O THR A 130 
AB 3 4 N TYR A 139 ? N TYR A 138 O GLY A 170 ? O GLY A 169 
AB 4 5 N ALA A 173 ? N ALA A 172 O ILE A 161 ? O ILE A 160 
AB 5 6 N LEU A 159 ? N LEU A 158 O LEU A 152 ? O LEU A 151 
AB 6 7 N MET A 153 ? N MET A 152 O VAL A 102 ? O VAL A 101 
# 
_struct_site.id                   AC1 
_struct_site.pdbx_evidence_code   Software 
_struct_site.pdbx_auth_asym_id    A 
_struct_site.pdbx_auth_comp_id    G75 
_struct_site.pdbx_auth_seq_id     1181 
_struct_site.pdbx_auth_ins_code   ? 
_struct_site.pdbx_num_residues    20 
_struct_site.details              'BINDING SITE FOR RESIDUE G75 A 1181' 
# 
loop_
_struct_site_gen.id 
_struct_site_gen.site_id 
_struct_site_gen.pdbx_num_res 
_struct_site_gen.label_comp_id 
_struct_site_gen.label_asym_id 
_struct_site_gen.label_seq_id 
_struct_site_gen.pdbx_auth_ins_code 
_struct_site_gen.auth_comp_id 
_struct_site_gen.auth_asym_id 
_struct_site_gen.auth_seq_id 
_struct_site_gen.label_atom_id 
_struct_site_gen.label_alt_id 
_struct_site_gen.symmetry 
_struct_site_gen.details 
1  AC1 20 GLU A 25  ? GLU A 24  . ? 1_555 ? 
2  AC1 20 PHE A 26  ? PHE A 25  . ? 1_555 ? 
3  AC1 20 HIS A 41  ? HIS A 40  . ? 1_555 ? 
4  AC1 20 GLU A 72  ? GLU A 71  . ? 1_555 ? 
5  AC1 20 LYS A 93  ? LYS A 92  . ? 4_454 ? 
6  AC1 20 ASN A 127 ? ASN A 126 . ? 1_555 ? 
7  AC1 20 LEU A 128 ? LEU A 127 . ? 1_555 ? 
8  AC1 20 GLY A 129 ? GLY A 128 . ? 1_555 ? 
9  AC1 20 THR A 143 ? THR A 142 . ? 1_555 ? 
10 AC1 20 ARG A 144 ? ARG A 143 . ? 1_555 ? 
11 AC1 20 ALA A 145 ? ALA A 144 . ? 1_555 ? 
12 AC1 20 GLY A 146 ? GLY A 145 . ? 1_555 ? 
13 AC1 20 GLN A 147 ? GLN A 146 . ? 1_555 ? 
14 AC1 20 CYS A 148 ? CYS A 147 . ? 1_555 ? 
15 AC1 20 HIS A 162 ? HIS A 161 . ? 1_555 ? 
16 AC1 20 VAL A 163 ? VAL A 162 . ? 1_555 ? 
17 AC1 20 GLY A 164 ? GLY A 163 . ? 1_555 ? 
18 AC1 20 GLY A 165 ? GLY A 164 . ? 1_555 ? 
19 AC1 20 ASN A 166 ? ASN A 165 . ? 1_555 ? 
20 AC1 20 HIS A 168 ? HIS A 167 . ? 2_453 ? 
# 
_pdbx_entry_details.entry_id                   3ZZ6 
_pdbx_entry_details.compound_details           ? 
_pdbx_entry_details.source_details             ? 
_pdbx_entry_details.nonpolymer_details         ? 
_pdbx_entry_details.sequence_details           ? 
_pdbx_entry_details.has_ligand_of_interest     ? 
_pdbx_entry_details.has_protein_modification   Y 
# 
_pdbx_validate_close_contact.id               1 
_pdbx_validate_close_contact.PDB_model_num    1 
_pdbx_validate_close_contact.auth_atom_id_1   O 
_pdbx_validate_close_contact.auth_asym_id_1   A 
_pdbx_validate_close_contact.auth_comp_id_1   PHE 
_pdbx_validate_close_contact.auth_seq_id_1    179 
_pdbx_validate_close_contact.PDB_ins_code_1   ? 
_pdbx_validate_close_contact.label_alt_id_1   ? 
_pdbx_validate_close_contact.auth_atom_id_2   O 
_pdbx_validate_close_contact.auth_asym_id_2   A 
_pdbx_validate_close_contact.auth_comp_id_2   HOH 
_pdbx_validate_close_contact.auth_seq_id_2    2033 
_pdbx_validate_close_contact.PDB_ins_code_2   ? 
_pdbx_validate_close_contact.label_alt_id_2   ? 
_pdbx_validate_close_contact.dist             2.18 
# 
loop_
_pdbx_validate_torsion.id 
_pdbx_validate_torsion.PDB_model_num 
_pdbx_validate_torsion.auth_comp_id 
_pdbx_validate_torsion.auth_asym_id 
_pdbx_validate_torsion.auth_seq_id 
_pdbx_validate_torsion.PDB_ins_code 
_pdbx_validate_torsion.label_alt_id 
_pdbx_validate_torsion.phi 
_pdbx_validate_torsion.psi 
1 1 ASP A 32  ? ? 65.23   -119.65 
2 1 ALA A 35  ? ? -126.18 -169.79 
3 1 ALA A 41  ? ? -58.89  -8.94   
4 1 LYS A 42  ? ? 22.37   62.23   
5 1 ASP A 66  ? ? -63.32  2.38    
6 1 GLU A 94  ? ? -30.55  120.24  
7 1 ARG A 134 ? ? 72.62   35.77   
8 1 PRO A 141 ? ? -64.37  65.14   
# 
_pdbx_database_remark.id     700 
_pdbx_database_remark.text   
;
SHEET
DETERMINATION METHOD: DSSP
THE SHEETS PRESENTED AS "AA" IN EACH CHAIN ON SHEET RECORDS
BELOW IS ACTUALLY AN  6-STRANDED BARREL THIS IS REPRESENTED BY
A  7-STRANDED SHEET IN WHICH THE FIRST AND LAST STRANDS
ARE IDENTICAL.

THE SHEETS PRESENTED AS "AB" IN EACH CHAIN ON SHEET RECORDS
BELOW IS ACTUALLY AN  6-STRANDED BARREL THIS IS REPRESENTED BY
A  7-STRANDED SHEET IN WHICH THE FIRST AND LAST STRANDS
ARE IDENTICAL.
;
# 
loop_
_pdbx_unobs_or_zero_occ_residues.id 
_pdbx_unobs_or_zero_occ_residues.PDB_model_num 
_pdbx_unobs_or_zero_occ_residues.polymer_flag 
_pdbx_unobs_or_zero_occ_residues.occupancy_flag 
_pdbx_unobs_or_zero_occ_residues.auth_asym_id 
_pdbx_unobs_or_zero_occ_residues.auth_comp_id 
_pdbx_unobs_or_zero_occ_residues.auth_seq_id 
_pdbx_unobs_or_zero_occ_residues.PDB_ins_code 
_pdbx_unobs_or_zero_occ_residues.label_asym_id 
_pdbx_unobs_or_zero_occ_residues.label_comp_id 
_pdbx_unobs_or_zero_occ_residues.label_seq_id 
1 1 Y 1 A ASP 181 ? A ASP 182 
2 1 Y 1 A GLU 182 ? A GLU 183 
3 1 Y 1 A GLN 183 ? A GLN 184 
# 
loop_
_chem_comp_atom.comp_id 
_chem_comp_atom.atom_id 
_chem_comp_atom.type_symbol 
_chem_comp_atom.pdbx_aromatic_flag 
_chem_comp_atom.pdbx_stereo_config 
_chem_comp_atom.pdbx_ordinal 
ALA N    N N N 1   
ALA CA   C N S 2   
ALA C    C N N 3   
ALA O    O N N 4   
ALA CB   C N N 5   
ALA OXT  O N N 6   
ALA H    H N N 7   
ALA H2   H N N 8   
ALA HA   H N N 9   
ALA HB1  H N N 10  
ALA HB2  H N N 11  
ALA HB3  H N N 12  
ALA HXT  H N N 13  
ARG N    N N N 14  
ARG CA   C N S 15  
ARG C    C N N 16  
ARG O    O N N 17  
ARG CB   C N N 18  
ARG CG   C N N 19  
ARG CD   C N N 20  
ARG NE   N N N 21  
ARG CZ   C N N 22  
ARG NH1  N N N 23  
ARG NH2  N N N 24  
ARG OXT  O N N 25  
ARG H    H N N 26  
ARG H2   H N N 27  
ARG HA   H N N 28  
ARG HB2  H N N 29  
ARG HB3  H N N 30  
ARG HG2  H N N 31  
ARG HG3  H N N 32  
ARG HD2  H N N 33  
ARG HD3  H N N 34  
ARG HE   H N N 35  
ARG HH11 H N N 36  
ARG HH12 H N N 37  
ARG HH21 H N N 38  
ARG HH22 H N N 39  
ARG HXT  H N N 40  
ASN N    N N N 41  
ASN CA   C N S 42  
ASN C    C N N 43  
ASN O    O N N 44  
ASN CB   C N N 45  
ASN CG   C N N 46  
ASN OD1  O N N 47  
ASN ND2  N N N 48  
ASN OXT  O N N 49  
ASN H    H N N 50  
ASN H2   H N N 51  
ASN HA   H N N 52  
ASN HB2  H N N 53  
ASN HB3  H N N 54  
ASN HD21 H N N 55  
ASN HD22 H N N 56  
ASN HXT  H N N 57  
ASP N    N N N 58  
ASP CA   C N S 59  
ASP C    C N N 60  
ASP O    O N N 61  
ASP CB   C N N 62  
ASP CG   C N N 63  
ASP OD1  O N N 64  
ASP OD2  O N N 65  
ASP OXT  O N N 66  
ASP H    H N N 67  
ASP H2   H N N 68  
ASP HA   H N N 69  
ASP HB2  H N N 70  
ASP HB3  H N N 71  
ASP HD2  H N N 72  
ASP HXT  H N N 73  
CYS N    N N N 74  
CYS CA   C N R 75  
CYS C    C N N 76  
CYS O    O N N 77  
CYS CB   C N N 78  
CYS SG   S N N 79  
CYS OXT  O N N 80  
CYS H    H N N 81  
CYS H2   H N N 82  
CYS HA   H N N 83  
CYS HB2  H N N 84  
CYS HB3  H N N 85  
CYS HG   H N N 86  
CYS HXT  H N N 87  
G75 O88  O N N 88  
G75 C84  C N N 89  
G75 O86  O N N 90  
G75 C3   C N N 91  
G75 C5   C N N 92  
G75 C82  C N N 93  
G75 C63  C N N 94  
G75 C57  C N R 95  
G75 C59  C N N 96  
G75 C61  C N S 97  
G75 C65  C N N 98  
G75 O66  O N N 99  
G75 N69  N N N 100 
G75 C71  C N N 101 
G75 C73  C N N 102 
G75 N49  N N N 103 
G75 C39  C N N 104 
G75 O47  O N N 105 
G75 C37  C N S 106 
G75 C41  C N N 107 
G75 C51  C Y N 108 
G75 C55  C Y N 109 
G75 C11  C Y N 110 
G75 C9   C Y N 111 
G75 C7   C Y N 112 
G75 C53  C Y N 113 
G75 N33  N N N 114 
G75 C31  C N N 115 
G75 O35  O N N 116 
G75 O1   O N N 117 
G75 C1   C N N 118 
G75 C2   C Y N 119 
G75 C4   C Y N 120 
G75 C6   C Y N 121 
G75 C8   C Y N 122 
G75 C12  C Y N 123 
G75 C10  C Y N 124 
G75 H821 H N N 125 
G75 H822 H N N 126 
G75 H31C H N N 127 
G75 H32C H N N 128 
G75 H51C H N N 129 
G75 H52C H N N 130 
G75 H53C H N N 131 
G75 H631 H N N 132 
G75 H632 H N N 133 
G75 H57  H N N 134 
G75 H591 H N N 135 
G75 H592 H N N 136 
G75 H49  H N N 137 
G75 H61  H N N 138 
G75 H731 H N N 139 
G75 H732 H N N 140 
G75 H69  H N N 141 
G75 H711 H N N 142 
G75 H712 H N N 143 
G75 H37  H N N 144 
G75 H411 H N N 145 
G75 H412 H N N 146 
G75 H33  H N N 147 
G75 H55  H N N 148 
G75 H53  H N N 149 
G75 H11  H N N 150 
G75 H9   H N N 151 
G75 H7   H N N 152 
G75 H11C H N N 153 
G75 H12C H N N 154 
G75 H4   H N N 155 
G75 H10  H N N 156 
G75 H6   H N N 157 
G75 H8   H N N 158 
G75 H12  H N N 159 
GLN N    N N N 160 
GLN CA   C N S 161 
GLN C    C N N 162 
GLN O    O N N 163 
GLN CB   C N N 164 
GLN CG   C N N 165 
GLN CD   C N N 166 
GLN OE1  O N N 167 
GLN NE2  N N N 168 
GLN OXT  O N N 169 
GLN H    H N N 170 
GLN H2   H N N 171 
GLN HA   H N N 172 
GLN HB2  H N N 173 
GLN HB3  H N N 174 
GLN HG2  H N N 175 
GLN HG3  H N N 176 
GLN HE21 H N N 177 
GLN HE22 H N N 178 
GLN HXT  H N N 179 
GLU N    N N N 180 
GLU CA   C N S 181 
GLU C    C N N 182 
GLU O    O N N 183 
GLU CB   C N N 184 
GLU CG   C N N 185 
GLU CD   C N N 186 
GLU OE1  O N N 187 
GLU OE2  O N N 188 
GLU OXT  O N N 189 
GLU H    H N N 190 
GLU H2   H N N 191 
GLU HA   H N N 192 
GLU HB2  H N N 193 
GLU HB3  H N N 194 
GLU HG2  H N N 195 
GLU HG3  H N N 196 
GLU HE2  H N N 197 
GLU HXT  H N N 198 
GLY N    N N N 199 
GLY CA   C N N 200 
GLY C    C N N 201 
GLY O    O N N 202 
GLY OXT  O N N 203 
GLY H    H N N 204 
GLY H2   H N N 205 
GLY HA2  H N N 206 
GLY HA3  H N N 207 
GLY HXT  H N N 208 
HIS N    N N N 209 
HIS CA   C N S 210 
HIS C    C N N 211 
HIS O    O N N 212 
HIS CB   C N N 213 
HIS CG   C Y N 214 
HIS ND1  N Y N 215 
HIS CD2  C Y N 216 
HIS CE1  C Y N 217 
HIS NE2  N Y N 218 
HIS OXT  O N N 219 
HIS H    H N N 220 
HIS H2   H N N 221 
HIS HA   H N N 222 
HIS HB2  H N N 223 
HIS HB3  H N N 224 
HIS HD1  H N N 225 
HIS HD2  H N N 226 
HIS HE1  H N N 227 
HIS HE2  H N N 228 
HIS HXT  H N N 229 
HOH O    O N N 230 
HOH H1   H N N 231 
HOH H2   H N N 232 
ILE N    N N N 233 
ILE CA   C N S 234 
ILE C    C N N 235 
ILE O    O N N 236 
ILE CB   C N S 237 
ILE CG1  C N N 238 
ILE CG2  C N N 239 
ILE CD1  C N N 240 
ILE OXT  O N N 241 
ILE H    H N N 242 
ILE H2   H N N 243 
ILE HA   H N N 244 
ILE HB   H N N 245 
ILE HG12 H N N 246 
ILE HG13 H N N 247 
ILE HG21 H N N 248 
ILE HG22 H N N 249 
ILE HG23 H N N 250 
ILE HD11 H N N 251 
ILE HD12 H N N 252 
ILE HD13 H N N 253 
ILE HXT  H N N 254 
LEU N    N N N 255 
LEU CA   C N S 256 
LEU C    C N N 257 
LEU O    O N N 258 
LEU CB   C N N 259 
LEU CG   C N N 260 
LEU CD1  C N N 261 
LEU CD2  C N N 262 
LEU OXT  O N N 263 
LEU H    H N N 264 
LEU H2   H N N 265 
LEU HA   H N N 266 
LEU HB2  H N N 267 
LEU HB3  H N N 268 
LEU HG   H N N 269 
LEU HD11 H N N 270 
LEU HD12 H N N 271 
LEU HD13 H N N 272 
LEU HD21 H N N 273 
LEU HD22 H N N 274 
LEU HD23 H N N 275 
LEU HXT  H N N 276 
LYS N    N N N 277 
LYS CA   C N S 278 
LYS C    C N N 279 
LYS O    O N N 280 
LYS CB   C N N 281 
LYS CG   C N N 282 
LYS CD   C N N 283 
LYS CE   C N N 284 
LYS NZ   N N N 285 
LYS OXT  O N N 286 
LYS H    H N N 287 
LYS H2   H N N 288 
LYS HA   H N N 289 
LYS HB2  H N N 290 
LYS HB3  H N N 291 
LYS HG2  H N N 292 
LYS HG3  H N N 293 
LYS HD2  H N N 294 
LYS HD3  H N N 295 
LYS HE2  H N N 296 
LYS HE3  H N N 297 
LYS HZ1  H N N 298 
LYS HZ2  H N N 299 
LYS HZ3  H N N 300 
LYS HXT  H N N 301 
MET N    N N N 302 
MET CA   C N S 303 
MET C    C N N 304 
MET O    O N N 305 
MET CB   C N N 306 
MET CG   C N N 307 
MET SD   S N N 308 
MET CE   C N N 309 
MET OXT  O N N 310 
MET H    H N N 311 
MET H2   H N N 312 
MET HA   H N N 313 
MET HB2  H N N 314 
MET HB3  H N N 315 
MET HG2  H N N 316 
MET HG3  H N N 317 
MET HE1  H N N 318 
MET HE2  H N N 319 
MET HE3  H N N 320 
MET HXT  H N N 321 
PHE N    N N N 322 
PHE CA   C N S 323 
PHE C    C N N 324 
PHE O    O N N 325 
PHE CB   C N N 326 
PHE CG   C Y N 327 
PHE CD1  C Y N 328 
PHE CD2  C Y N 329 
PHE CE1  C Y N 330 
PHE CE2  C Y N 331 
PHE CZ   C Y N 332 
PHE OXT  O N N 333 
PHE H    H N N 334 
PHE H2   H N N 335 
PHE HA   H N N 336 
PHE HB2  H N N 337 
PHE HB3  H N N 338 
PHE HD1  H N N 339 
PHE HD2  H N N 340 
PHE HE1  H N N 341 
PHE HE2  H N N 342 
PHE HZ   H N N 343 
PHE HXT  H N N 344 
PRO N    N N N 345 
PRO CA   C N S 346 
PRO C    C N N 347 
PRO O    O N N 348 
PRO CB   C N N 349 
PRO CG   C N N 350 
PRO CD   C N N 351 
PRO OXT  O N N 352 
PRO H    H N N 353 
PRO HA   H N N 354 
PRO HB2  H N N 355 
PRO HB3  H N N 356 
PRO HG2  H N N 357 
PRO HG3  H N N 358 
PRO HD2  H N N 359 
PRO HD3  H N N 360 
PRO HXT  H N N 361 
SER N    N N N 362 
SER CA   C N S 363 
SER C    C N N 364 
SER O    O N N 365 
SER CB   C N N 366 
SER OG   O N N 367 
SER OXT  O N N 368 
SER H    H N N 369 
SER H2   H N N 370 
SER HA   H N N 371 
SER HB2  H N N 372 
SER HB3  H N N 373 
SER HG   H N N 374 
SER HXT  H N N 375 
THR N    N N N 376 
THR CA   C N S 377 
THR C    C N N 378 
THR O    O N N 379 
THR CB   C N R 380 
THR OG1  O N N 381 
THR CG2  C N N 382 
THR OXT  O N N 383 
THR H    H N N 384 
THR H2   H N N 385 
THR HA   H N N 386 
THR HB   H N N 387 
THR HG1  H N N 388 
THR HG21 H N N 389 
THR HG22 H N N 390 
THR HG23 H N N 391 
THR HXT  H N N 392 
TRP N    N N N 393 
TRP CA   C N S 394 
TRP C    C N N 395 
TRP O    O N N 396 
TRP CB   C N N 397 
TRP CG   C Y N 398 
TRP CD1  C Y N 399 
TRP CD2  C Y N 400 
TRP NE1  N Y N 401 
TRP CE2  C Y N 402 
TRP CE3  C Y N 403 
TRP CZ2  C Y N 404 
TRP CZ3  C Y N 405 
TRP CH2  C Y N 406 
TRP OXT  O N N 407 
TRP H    H N N 408 
TRP H2   H N N 409 
TRP HA   H N N 410 
TRP HB2  H N N 411 
TRP HB3  H N N 412 
TRP HD1  H N N 413 
TRP HE1  H N N 414 
TRP HE3  H N N 415 
TRP HZ2  H N N 416 
TRP HZ3  H N N 417 
TRP HH2  H N N 418 
TRP HXT  H N N 419 
TYR N    N N N 420 
TYR CA   C N S 421 
TYR C    C N N 422 
TYR O    O N N 423 
TYR CB   C N N 424 
TYR CG   C Y N 425 
TYR CD1  C Y N 426 
TYR CD2  C Y N 427 
TYR CE1  C Y N 428 
TYR CE2  C Y N 429 
TYR CZ   C Y N 430 
TYR OH   O N N 431 
TYR OXT  O N N 432 
TYR H    H N N 433 
TYR H2   H N N 434 
TYR HA   H N N 435 
TYR HB2  H N N 436 
TYR HB3  H N N 437 
TYR HD1  H N N 438 
TYR HD2  H N N 439 
TYR HE1  H N N 440 
TYR HE2  H N N 441 
TYR HH   H N N 442 
TYR HXT  H N N 443 
VAL N    N N N 444 
VAL CA   C N S 445 
VAL C    C N N 446 
VAL O    O N N 447 
VAL CB   C N N 448 
VAL CG1  C N N 449 
VAL CG2  C N N 450 
VAL OXT  O N N 451 
VAL H    H N N 452 
VAL H2   H N N 453 
VAL HA   H N N 454 
VAL HB   H N N 455 
VAL HG11 H N N 456 
VAL HG12 H N N 457 
VAL HG13 H N N 458 
VAL HG21 H N N 459 
VAL HG22 H N N 460 
VAL HG23 H N N 461 
VAL HXT  H N N 462 
# 
loop_
_chem_comp_bond.comp_id 
_chem_comp_bond.atom_id_1 
_chem_comp_bond.atom_id_2 
_chem_comp_bond.value_order 
_chem_comp_bond.pdbx_aromatic_flag 
_chem_comp_bond.pdbx_stereo_config 
_chem_comp_bond.pdbx_ordinal 
ALA N   CA   sing N N 1   
ALA N   H    sing N N 2   
ALA N   H2   sing N N 3   
ALA CA  C    sing N N 4   
ALA CA  CB   sing N N 5   
ALA CA  HA   sing N N 6   
ALA C   O    doub N N 7   
ALA C   OXT  sing N N 8   
ALA CB  HB1  sing N N 9   
ALA CB  HB2  sing N N 10  
ALA CB  HB3  sing N N 11  
ALA OXT HXT  sing N N 12  
ARG N   CA   sing N N 13  
ARG N   H    sing N N 14  
ARG N   H2   sing N N 15  
ARG CA  C    sing N N 16  
ARG CA  CB   sing N N 17  
ARG CA  HA   sing N N 18  
ARG C   O    doub N N 19  
ARG C   OXT  sing N N 20  
ARG CB  CG   sing N N 21  
ARG CB  HB2  sing N N 22  
ARG CB  HB3  sing N N 23  
ARG CG  CD   sing N N 24  
ARG CG  HG2  sing N N 25  
ARG CG  HG3  sing N N 26  
ARG CD  NE   sing N N 27  
ARG CD  HD2  sing N N 28  
ARG CD  HD3  sing N N 29  
ARG NE  CZ   sing N N 30  
ARG NE  HE   sing N N 31  
ARG CZ  NH1  sing N N 32  
ARG CZ  NH2  doub N N 33  
ARG NH1 HH11 sing N N 34  
ARG NH1 HH12 sing N N 35  
ARG NH2 HH21 sing N N 36  
ARG NH2 HH22 sing N N 37  
ARG OXT HXT  sing N N 38  
ASN N   CA   sing N N 39  
ASN N   H    sing N N 40  
ASN N   H2   sing N N 41  
ASN CA  C    sing N N 42  
ASN CA  CB   sing N N 43  
ASN CA  HA   sing N N 44  
ASN C   O    doub N N 45  
ASN C   OXT  sing N N 46  
ASN CB  CG   sing N N 47  
ASN CB  HB2  sing N N 48  
ASN CB  HB3  sing N N 49  
ASN CG  OD1  doub N N 50  
ASN CG  ND2  sing N N 51  
ASN ND2 HD21 sing N N 52  
ASN ND2 HD22 sing N N 53  
ASN OXT HXT  sing N N 54  
ASP N   CA   sing N N 55  
ASP N   H    sing N N 56  
ASP N   H2   sing N N 57  
ASP CA  C    sing N N 58  
ASP CA  CB   sing N N 59  
ASP CA  HA   sing N N 60  
ASP C   O    doub N N 61  
ASP C   OXT  sing N N 62  
ASP CB  CG   sing N N 63  
ASP CB  HB2  sing N N 64  
ASP CB  HB3  sing N N 65  
ASP CG  OD1  doub N N 66  
ASP CG  OD2  sing N N 67  
ASP OD2 HD2  sing N N 68  
ASP OXT HXT  sing N N 69  
CYS N   CA   sing N N 70  
CYS N   H    sing N N 71  
CYS N   H2   sing N N 72  
CYS CA  C    sing N N 73  
CYS CA  CB   sing N N 74  
CYS CA  HA   sing N N 75  
CYS C   O    doub N N 76  
CYS C   OXT  sing N N 77  
CYS CB  SG   sing N N 78  
CYS CB  HB2  sing N N 79  
CYS CB  HB3  sing N N 80  
CYS SG  HG   sing N N 81  
CYS OXT HXT  sing N N 82  
G75 O88 C84  doub N N 83  
G75 C84 O86  sing N N 84  
G75 C84 C82  sing N N 85  
G75 O86 C3   sing N N 86  
G75 C3  C5   sing N N 87  
G75 C82 C63  sing N N 88  
G75 C63 C57  sing N N 89  
G75 C57 C59  sing N N 90  
G75 C57 N49  sing N N 91  
G75 C59 C61  sing N N 92  
G75 C61 C65  sing N N 93  
G75 C61 C73  sing N N 94  
G75 C65 O66  doub N N 95  
G75 C65 N69  sing N N 96  
G75 N69 C71  sing N N 97  
G75 C71 C73  sing N N 98  
G75 N49 C39  sing N N 99  
G75 C39 O47  doub N N 100 
G75 C39 C37  sing N N 101 
G75 C37 C41  sing N N 102 
G75 C37 N33  sing N N 103 
G75 C41 C51  sing N N 104 
G75 C51 C55  sing Y N 105 
G75 C51 C53  doub Y N 106 
G75 C55 C11  doub Y N 107 
G75 C11 C9   sing Y N 108 
G75 C9  C7   doub Y N 109 
G75 C7  C53  sing Y N 110 
G75 N33 C31  sing N N 111 
G75 C31 O35  doub N N 112 
G75 C31 O1   sing N N 113 
G75 O1  C1   sing N N 114 
G75 C1  C2   sing N N 115 
G75 C2  C4   sing Y N 116 
G75 C2  C10  doub Y N 117 
G75 C4  C6   doub Y N 118 
G75 C6  C8   sing Y N 119 
G75 C8  C12  doub Y N 120 
G75 C12 C10  sing Y N 121 
G75 C82 H821 sing N N 122 
G75 C82 H822 sing N N 123 
G75 C3  H31C sing N N 124 
G75 C3  H32C sing N N 125 
G75 C5  H51C sing N N 126 
G75 C5  H52C sing N N 127 
G75 C5  H53C sing N N 128 
G75 C63 H631 sing N N 129 
G75 C63 H632 sing N N 130 
G75 C57 H57  sing N N 131 
G75 C59 H591 sing N N 132 
G75 C59 H592 sing N N 133 
G75 N49 H49  sing N N 134 
G75 C61 H61  sing N N 135 
G75 C73 H731 sing N N 136 
G75 C73 H732 sing N N 137 
G75 N69 H69  sing N N 138 
G75 C71 H711 sing N N 139 
G75 C71 H712 sing N N 140 
G75 C37 H37  sing N N 141 
G75 C41 H411 sing N N 142 
G75 C41 H412 sing N N 143 
G75 N33 H33  sing N N 144 
G75 C55 H55  sing N N 145 
G75 C53 H53  sing N N 146 
G75 C11 H11  sing N N 147 
G75 C9  H9   sing N N 148 
G75 C7  H7   sing N N 149 
G75 C1  H11C sing N N 150 
G75 C1  H12C sing N N 151 
G75 C4  H4   sing N N 152 
G75 C10 H10  sing N N 153 
G75 C6  H6   sing N N 154 
G75 C8  H8   sing N N 155 
G75 C12 H12  sing N N 156 
GLN N   CA   sing N N 157 
GLN N   H    sing N N 158 
GLN N   H2   sing N N 159 
GLN CA  C    sing N N 160 
GLN CA  CB   sing N N 161 
GLN CA  HA   sing N N 162 
GLN C   O    doub N N 163 
GLN C   OXT  sing N N 164 
GLN CB  CG   sing N N 165 
GLN CB  HB2  sing N N 166 
GLN CB  HB3  sing N N 167 
GLN CG  CD   sing N N 168 
GLN CG  HG2  sing N N 169 
GLN CG  HG3  sing N N 170 
GLN CD  OE1  doub N N 171 
GLN CD  NE2  sing N N 172 
GLN NE2 HE21 sing N N 173 
GLN NE2 HE22 sing N N 174 
GLN OXT HXT  sing N N 175 
GLU N   CA   sing N N 176 
GLU N   H    sing N N 177 
GLU N   H2   sing N N 178 
GLU CA  C    sing N N 179 
GLU CA  CB   sing N N 180 
GLU CA  HA   sing N N 181 
GLU C   O    doub N N 182 
GLU C   OXT  sing N N 183 
GLU CB  CG   sing N N 184 
GLU CB  HB2  sing N N 185 
GLU CB  HB3  sing N N 186 
GLU CG  CD   sing N N 187 
GLU CG  HG2  sing N N 188 
GLU CG  HG3  sing N N 189 
GLU CD  OE1  doub N N 190 
GLU CD  OE2  sing N N 191 
GLU OE2 HE2  sing N N 192 
GLU OXT HXT  sing N N 193 
GLY N   CA   sing N N 194 
GLY N   H    sing N N 195 
GLY N   H2   sing N N 196 
GLY CA  C    sing N N 197 
GLY CA  HA2  sing N N 198 
GLY CA  HA3  sing N N 199 
GLY C   O    doub N N 200 
GLY C   OXT  sing N N 201 
GLY OXT HXT  sing N N 202 
HIS N   CA   sing N N 203 
HIS N   H    sing N N 204 
HIS N   H2   sing N N 205 
HIS CA  C    sing N N 206 
HIS CA  CB   sing N N 207 
HIS CA  HA   sing N N 208 
HIS C   O    doub N N 209 
HIS C   OXT  sing N N 210 
HIS CB  CG   sing N N 211 
HIS CB  HB2  sing N N 212 
HIS CB  HB3  sing N N 213 
HIS CG  ND1  sing Y N 214 
HIS CG  CD2  doub Y N 215 
HIS ND1 CE1  doub Y N 216 
HIS ND1 HD1  sing N N 217 
HIS CD2 NE2  sing Y N 218 
HIS CD2 HD2  sing N N 219 
HIS CE1 NE2  sing Y N 220 
HIS CE1 HE1  sing N N 221 
HIS NE2 HE2  sing N N 222 
HIS OXT HXT  sing N N 223 
HOH O   H1   sing N N 224 
HOH O   H2   sing N N 225 
ILE N   CA   sing N N 226 
ILE N   H    sing N N 227 
ILE N   H2   sing N N 228 
ILE CA  C    sing N N 229 
ILE CA  CB   sing N N 230 
ILE CA  HA   sing N N 231 
ILE C   O    doub N N 232 
ILE C   OXT  sing N N 233 
ILE CB  CG1  sing N N 234 
ILE CB  CG2  sing N N 235 
ILE CB  HB   sing N N 236 
ILE CG1 CD1  sing N N 237 
ILE CG1 HG12 sing N N 238 
ILE CG1 HG13 sing N N 239 
ILE CG2 HG21 sing N N 240 
ILE CG2 HG22 sing N N 241 
ILE CG2 HG23 sing N N 242 
ILE CD1 HD11 sing N N 243 
ILE CD1 HD12 sing N N 244 
ILE CD1 HD13 sing N N 245 
ILE OXT HXT  sing N N 246 
LEU N   CA   sing N N 247 
LEU N   H    sing N N 248 
LEU N   H2   sing N N 249 
LEU CA  C    sing N N 250 
LEU CA  CB   sing N N 251 
LEU CA  HA   sing N N 252 
LEU C   O    doub N N 253 
LEU C   OXT  sing N N 254 
LEU CB  CG   sing N N 255 
LEU CB  HB2  sing N N 256 
LEU CB  HB3  sing N N 257 
LEU CG  CD1  sing N N 258 
LEU CG  CD2  sing N N 259 
LEU CG  HG   sing N N 260 
LEU CD1 HD11 sing N N 261 
LEU CD1 HD12 sing N N 262 
LEU CD1 HD13 sing N N 263 
LEU CD2 HD21 sing N N 264 
LEU CD2 HD22 sing N N 265 
LEU CD2 HD23 sing N N 266 
LEU OXT HXT  sing N N 267 
LYS N   CA   sing N N 268 
LYS N   H    sing N N 269 
LYS N   H2   sing N N 270 
LYS CA  C    sing N N 271 
LYS CA  CB   sing N N 272 
LYS CA  HA   sing N N 273 
LYS C   O    doub N N 274 
LYS C   OXT  sing N N 275 
LYS CB  CG   sing N N 276 
LYS CB  HB2  sing N N 277 
LYS CB  HB3  sing N N 278 
LYS CG  CD   sing N N 279 
LYS CG  HG2  sing N N 280 
LYS CG  HG3  sing N N 281 
LYS CD  CE   sing N N 282 
LYS CD  HD2  sing N N 283 
LYS CD  HD3  sing N N 284 
LYS CE  NZ   sing N N 285 
LYS CE  HE2  sing N N 286 
LYS CE  HE3  sing N N 287 
LYS NZ  HZ1  sing N N 288 
LYS NZ  HZ2  sing N N 289 
LYS NZ  HZ3  sing N N 290 
LYS OXT HXT  sing N N 291 
MET N   CA   sing N N 292 
MET N   H    sing N N 293 
MET N   H2   sing N N 294 
MET CA  C    sing N N 295 
MET CA  CB   sing N N 296 
MET CA  HA   sing N N 297 
MET C   O    doub N N 298 
MET C   OXT  sing N N 299 
MET CB  CG   sing N N 300 
MET CB  HB2  sing N N 301 
MET CB  HB3  sing N N 302 
MET CG  SD   sing N N 303 
MET CG  HG2  sing N N 304 
MET CG  HG3  sing N N 305 
MET SD  CE   sing N N 306 
MET CE  HE1  sing N N 307 
MET CE  HE2  sing N N 308 
MET CE  HE3  sing N N 309 
MET OXT HXT  sing N N 310 
PHE N   CA   sing N N 311 
PHE N   H    sing N N 312 
PHE N   H2   sing N N 313 
PHE CA  C    sing N N 314 
PHE CA  CB   sing N N 315 
PHE CA  HA   sing N N 316 
PHE C   O    doub N N 317 
PHE C   OXT  sing N N 318 
PHE CB  CG   sing N N 319 
PHE CB  HB2  sing N N 320 
PHE CB  HB3  sing N N 321 
PHE CG  CD1  doub Y N 322 
PHE CG  CD2  sing Y N 323 
PHE CD1 CE1  sing Y N 324 
PHE CD1 HD1  sing N N 325 
PHE CD2 CE2  doub Y N 326 
PHE CD2 HD2  sing N N 327 
PHE CE1 CZ   doub Y N 328 
PHE CE1 HE1  sing N N 329 
PHE CE2 CZ   sing Y N 330 
PHE CE2 HE2  sing N N 331 
PHE CZ  HZ   sing N N 332 
PHE OXT HXT  sing N N 333 
PRO N   CA   sing N N 334 
PRO N   CD   sing N N 335 
PRO N   H    sing N N 336 
PRO CA  C    sing N N 337 
PRO CA  CB   sing N N 338 
PRO CA  HA   sing N N 339 
PRO C   O    doub N N 340 
PRO C   OXT  sing N N 341 
PRO CB  CG   sing N N 342 
PRO CB  HB2  sing N N 343 
PRO CB  HB3  sing N N 344 
PRO CG  CD   sing N N 345 
PRO CG  HG2  sing N N 346 
PRO CG  HG3  sing N N 347 
PRO CD  HD2  sing N N 348 
PRO CD  HD3  sing N N 349 
PRO OXT HXT  sing N N 350 
SER N   CA   sing N N 351 
SER N   H    sing N N 352 
SER N   H2   sing N N 353 
SER CA  C    sing N N 354 
SER CA  CB   sing N N 355 
SER CA  HA   sing N N 356 
SER C   O    doub N N 357 
SER C   OXT  sing N N 358 
SER CB  OG   sing N N 359 
SER CB  HB2  sing N N 360 
SER CB  HB3  sing N N 361 
SER OG  HG   sing N N 362 
SER OXT HXT  sing N N 363 
THR N   CA   sing N N 364 
THR N   H    sing N N 365 
THR N   H2   sing N N 366 
THR CA  C    sing N N 367 
THR CA  CB   sing N N 368 
THR CA  HA   sing N N 369 
THR C   O    doub N N 370 
THR C   OXT  sing N N 371 
THR CB  OG1  sing N N 372 
THR CB  CG2  sing N N 373 
THR CB  HB   sing N N 374 
THR OG1 HG1  sing N N 375 
THR CG2 HG21 sing N N 376 
THR CG2 HG22 sing N N 377 
THR CG2 HG23 sing N N 378 
THR OXT HXT  sing N N 379 
TRP N   CA   sing N N 380 
TRP N   H    sing N N 381 
TRP N   H2   sing N N 382 
TRP CA  C    sing N N 383 
TRP CA  CB   sing N N 384 
TRP CA  HA   sing N N 385 
TRP C   O    doub N N 386 
TRP C   OXT  sing N N 387 
TRP CB  CG   sing N N 388 
TRP CB  HB2  sing N N 389 
TRP CB  HB3  sing N N 390 
TRP CG  CD1  doub Y N 391 
TRP CG  CD2  sing Y N 392 
TRP CD1 NE1  sing Y N 393 
TRP CD1 HD1  sing N N 394 
TRP CD2 CE2  doub Y N 395 
TRP CD2 CE3  sing Y N 396 
TRP NE1 CE2  sing Y N 397 
TRP NE1 HE1  sing N N 398 
TRP CE2 CZ2  sing Y N 399 
TRP CE3 CZ3  doub Y N 400 
TRP CE3 HE3  sing N N 401 
TRP CZ2 CH2  doub Y N 402 
TRP CZ2 HZ2  sing N N 403 
TRP CZ3 CH2  sing Y N 404 
TRP CZ3 HZ3  sing N N 405 
TRP CH2 HH2  sing N N 406 
TRP OXT HXT  sing N N 407 
TYR N   CA   sing N N 408 
TYR N   H    sing N N 409 
TYR N   H2   sing N N 410 
TYR CA  C    sing N N 411 
TYR CA  CB   sing N N 412 
TYR CA  HA   sing N N 413 
TYR C   O    doub N N 414 
TYR C   OXT  sing N N 415 
TYR CB  CG   sing N N 416 
TYR CB  HB2  sing N N 417 
TYR CB  HB3  sing N N 418 
TYR CG  CD1  doub Y N 419 
TYR CG  CD2  sing Y N 420 
TYR CD1 CE1  sing Y N 421 
TYR CD1 HD1  sing N N 422 
TYR CD2 CE2  doub Y N 423 
TYR CD2 HD2  sing N N 424 
TYR CE1 CZ   doub Y N 425 
TYR CE1 HE1  sing N N 426 
TYR CE2 CZ   sing Y N 427 
TYR CE2 HE2  sing N N 428 
TYR CZ  OH   sing N N 429 
TYR OH  HH   sing N N 430 
TYR OXT HXT  sing N N 431 
VAL N   CA   sing N N 432 
VAL N   H    sing N N 433 
VAL N   H2   sing N N 434 
VAL CA  C    sing N N 435 
VAL CA  CB   sing N N 436 
VAL CA  HA   sing N N 437 
VAL C   O    doub N N 438 
VAL C   OXT  sing N N 439 
VAL CB  CG1  sing N N 440 
VAL CB  CG2  sing N N 441 
VAL CB  HB   sing N N 442 
VAL CG1 HG11 sing N N 443 
VAL CG1 HG12 sing N N 444 
VAL CG1 HG13 sing N N 445 
VAL CG2 HG21 sing N N 446 
VAL CG2 HG22 sing N N 447 
VAL CG2 HG23 sing N N 448 
VAL OXT HXT  sing N N 449 
# 
_pdbx_initial_refinement_model.accession_code   ? 
_pdbx_initial_refinement_model.id               1 
_pdbx_initial_refinement_model.entity_id_list   ? 
_pdbx_initial_refinement_model.type             'experimental model' 
_pdbx_initial_refinement_model.source_name      Other 
_pdbx_initial_refinement_model.details          'CRYSTAL STRUCTURE OF COXSACKIEVIURS B3 3C PROTEASE' 
# 
_atom_sites.entry_id                    3ZZ6 
_atom_sites.fract_transf_matrix[1][1]   -0.01220514 
_atom_sites.fract_transf_matrix[1][2]   0.00607593 
_atom_sites.fract_transf_matrix[1][3]   -0.00506370 
_atom_sites.fract_transf_matrix[2][1]   0.00586683 
_atom_sites.fract_transf_matrix[2][2]   0.01417159 
_atom_sites.fract_transf_matrix[2][3]   0.00286355 
_atom_sites.fract_transf_matrix[3][1]   -0.00070546 
_atom_sites.fract_transf_matrix[3][2]   0.00588207 
_atom_sites.fract_transf_matrix[3][3]   -0.02766480 
_atom_sites.fract_transf_vector[1]      -0.290139 
_atom_sites.fract_transf_vector[2]      0.004314 
_atom_sites.fract_transf_vector[3]      -0.483094 
# 
loop_
_atom_type.symbol 
C 
N 
O 
S 
# 
loop_
_atom_site.group_PDB 
_atom_site.id 
_atom_site.type_symbol 
_atom_site.label_atom_id 
_atom_site.label_alt_id 
_atom_site.label_comp_id 
_atom_site.label_asym_id 
_atom_site.label_entity_id 
_atom_site.label_seq_id 
_atom_site.pdbx_PDB_ins_code 
_atom_site.Cartn_x 
_atom_site.Cartn_y 
_atom_site.Cartn_z 
_atom_site.occupancy 
_atom_site.B_iso_or_equiv 
_atom_site.pdbx_formal_charge 
_atom_site.auth_seq_id 
_atom_site.auth_comp_id 
_atom_site.auth_asym_id 
_atom_site.auth_atom_id 
_atom_site.pdbx_PDB_model_num 
ATOM   1    N N   . MET A 1 1   ? 6.534   -19.812 1.435   1.00 48.78 ? 0    MET A N   1 
ATOM   2    C CA  . MET A 1 1   ? 7.191   -18.475 1.422   1.00 48.11 ? 0    MET A CA  1 
ATOM   3    C C   . MET A 1 1   ? 7.619   -18.119 -0.003  1.00 45.94 ? 0    MET A C   1 
ATOM   4    O O   . MET A 1 1   ? 7.496   -16.981 -0.413  1.00 46.23 ? 0    MET A O   1 
ATOM   5    C CB  . MET A 1 1   ? 8.364   -18.466 2.390   1.00 48.52 ? 0    MET A CB  1 
ATOM   6    C CG  . MET A 1 1   ? 9.067   -17.131 2.559   1.00 52.38 ? 0    MET A CG  1 
ATOM   7    S SD  . MET A 1 1   ? 10.606  -17.337 3.546   1.00 56.79 ? 0    MET A SD  1 
ATOM   8    C CE  . MET A 1 1   ? 10.026  -16.944 5.200   1.00 52.72 ? 0    MET A CE  1 
ATOM   9    N N   . GLY A 1 2   ? 8.151   -19.099 -0.720  1.00 44.31 ? 1    GLY A N   1 
ATOM   10   C CA  . GLY A 1 2   ? 8.436   -18.985 -2.124  1.00 41.70 ? 1    GLY A CA  1 
ATOM   11   C C   . GLY A 1 2   ? 7.188   -18.591 -2.870  1.00 41.33 ? 1    GLY A C   1 
ATOM   12   O O   . GLY A 1 2   ? 7.202   -17.583 -3.605  1.00 41.81 ? 1    GLY A O   1 
ATOM   13   N N   . PRO A 1 3   ? 6.075   -19.356 -2.689  1.00 39.97 ? 2    PRO A N   1 
ATOM   14   C CA  . PRO A 1 3   ? 4.869   -19.016 -3.473  1.00 38.28 ? 2    PRO A CA  1 
ATOM   15   C C   . PRO A 1 3   ? 4.430   -17.542 -3.210  1.00 37.50 ? 2    PRO A C   1 
ATOM   16   O O   . PRO A 1 3   ? 4.005   -16.831 -4.128  1.00 34.19 ? 2    PRO A O   1 
ATOM   17   C CB  . PRO A 1 3   ? 3.802   -20.001 -2.941  1.00 38.32 ? 2    PRO A CB  1 
ATOM   18   C CG  . PRO A 1 3   ? 4.604   -21.179 -2.345  1.00 39.89 ? 2    PRO A CG  1 
ATOM   19   C CD  . PRO A 1 3   ? 5.842   -20.487 -1.755  1.00 40.18 ? 2    PRO A CD  1 
ATOM   20   N N   . ALA A 1 4   ? 4.572   -17.087 -1.963  1.00 36.49 ? 3    ALA A N   1 
ATOM   21   C CA  . ALA A 1 4   ? 4.273   -15.681 -1.635  1.00 35.71 ? 3    ALA A CA  1 
ATOM   22   C C   . ALA A 1 4   ? 5.127   -14.674 -2.464  1.00 35.93 ? 3    ALA A C   1 
ATOM   23   O O   . ALA A 1 4   ? 4.610   -13.705 -3.080  1.00 35.44 ? 3    ALA A O   1 
ATOM   24   C CB  . ALA A 1 4   ? 4.432   -15.476 -0.154  1.00 35.70 ? 3    ALA A CB  1 
ATOM   25   N N   . PHE A 1 5   ? 6.429   -14.929 -2.510  1.00 35.95 ? 4    PHE A N   1 
ATOM   26   C CA  . PHE A 1 5   ? 7.370   -14.146 -3.320  1.00 34.95 ? 4    PHE A CA  1 
ATOM   27   C C   . PHE A 1 5   ? 7.042   -14.230 -4.789  1.00 34.24 ? 4    PHE A C   1 
ATOM   28   O O   . PHE A 1 5   ? 7.152   -13.247 -5.519  1.00 32.69 ? 4    PHE A O   1 
ATOM   29   C CB  . PHE A 1 5   ? 8.794   -14.660 -3.052  1.00 36.23 ? 4    PHE A CB  1 
ATOM   30   C CG  . PHE A 1 5   ? 9.898   -13.998 -3.888  1.00 38.02 ? 4    PHE A CG  1 
ATOM   31   C CD1 . PHE A 1 5   ? 10.515  -12.806 -3.458  1.00 41.70 ? 4    PHE A CD1 1 
ATOM   32   C CD2 . PHE A 1 5   ? 10.392  -14.613 -5.061  1.00 39.06 ? 4    PHE A CD2 1 
ATOM   33   C CE1 . PHE A 1 5   ? 11.609  -12.223 -4.215  1.00 39.68 ? 4    PHE A CE1 1 
ATOM   34   C CE2 . PHE A 1 5   ? 11.455  -14.038 -5.791  1.00 37.04 ? 4    PHE A CE2 1 
ATOM   35   C CZ  . PHE A 1 5   ? 12.047  -12.841 -5.367  1.00 39.03 ? 4    PHE A CZ  1 
ATOM   36   N N   . GLU A 1 6   ? 6.663   -15.429 -5.228  1.00 34.94 ? 5    GLU A N   1 
ATOM   37   C CA  . GLU A 1 6   ? 6.317   -15.669 -6.596  1.00 35.08 ? 5    GLU A CA  1 
ATOM   38   C C   . GLU A 1 6   ? 5.091   -14.829 -6.974  1.00 34.72 ? 5    GLU A C   1 
ATOM   39   O O   . GLU A 1 6   ? 5.068   -14.180 -8.045  1.00 34.04 ? 5    GLU A O   1 
ATOM   40   C CB  . GLU A 1 6   ? 6.056   -17.183 -6.831  1.00 35.88 ? 5    GLU A CB  1 
ATOM   41   C CG  . GLU A 1 6   ? 7.265   -17.922 -7.320  1.00 39.59 ? 5    GLU A CG  1 
ATOM   42   C CD  . GLU A 1 6   ? 6.957   -19.030 -8.347  1.00 46.16 ? 5    GLU A CD  1 
ATOM   43   O OE1 . GLU A 1 6   ? 5.769   -19.290 -8.647  1.00 47.36 ? 5    GLU A OE1 1 
ATOM   44   O OE2 . GLU A 1 6   ? 7.914   -19.642 -8.870  1.00 45.67 ? 5    GLU A OE2 1 
ATOM   45   N N   . PHE A 1 7   ? 4.075   -14.870 -6.116  1.00 33.74 ? 6    PHE A N   1 
ATOM   46   C CA  . PHE A 1 7   ? 2.901   -13.998 -6.267  1.00 33.82 ? 6    PHE A CA  1 
ATOM   47   C C   . PHE A 1 7   ? 3.287   -12.492 -6.213  1.00 32.41 ? 6    PHE A C   1 
ATOM   48   O O   . PHE A 1 7   ? 2.980   -11.677 -7.126  1.00 30.69 ? 6    PHE A O   1 
ATOM   49   C CB  . PHE A 1 7   ? 1.886   -14.348 -5.164  1.00 33.22 ? 6    PHE A CB  1 
ATOM   50   C CG  . PHE A 1 7   ? 0.626   -13.497 -5.196  1.00 36.82 ? 6    PHE A CG  1 
ATOM   51   C CD1 . PHE A 1 7   ? -0.357  -13.709 -6.161  1.00 36.66 ? 6    PHE A CD1 1 
ATOM   52   C CD2 . PHE A 1 7   ? 0.440   -12.455 -4.270  1.00 36.02 ? 6    PHE A CD2 1 
ATOM   53   C CE1 . PHE A 1 7   ? -1.522  -12.912 -6.199  1.00 34.03 ? 6    PHE A CE1 1 
ATOM   54   C CE2 . PHE A 1 7   ? -0.705  -11.670 -4.288  1.00 35.35 ? 6    PHE A CE2 1 
ATOM   55   C CZ  . PHE A 1 7   ? -1.702  -11.900 -5.268  1.00 35.82 ? 6    PHE A CZ  1 
ATOM   56   N N   . ALA A 1 8   ? 3.951   -12.121 -5.126  1.00 31.55 ? 7    ALA A N   1 
ATOM   57   C CA  . ALA A 1 8   ? 4.479   -10.750 -4.990  1.00 31.32 ? 7    ALA A CA  1 
ATOM   58   C C   . ALA A 1 8   ? 5.097   -10.254 -6.289  1.00 31.61 ? 7    ALA A C   1 
ATOM   59   O O   . ALA A 1 8   ? 4.744   -9.178  -6.738  1.00 31.27 ? 7    ALA A O   1 
ATOM   60   C CB  . ALA A 1 8   ? 5.514   -10.708 -3.856  1.00 31.68 ? 7    ALA A CB  1 
ATOM   61   N N   . VAL A 1 9   ? 6.018   -11.044 -6.902  1.00 31.56 ? 8    VAL A N   1 
ATOM   62   C CA  . VAL A 1 9   ? 6.830   -10.519 -8.021  1.00 31.12 ? 8    VAL A CA  1 
ATOM   63   C C   . VAL A 1 9   ? 5.924   -10.254 -9.257  1.00 29.70 ? 8    VAL A C   1 
ATOM   64   O O   . VAL A 1 9   ? 6.136   -9.274  -9.948  1.00 28.33 ? 8    VAL A O   1 
ATOM   65   C CB  . VAL A 1 9   ? 8.024   -11.431 -8.437  1.00 30.38 ? 8    VAL A CB  1 
ATOM   66   C CG1 . VAL A 1 9   ? 8.822   -10.814 -9.564  1.00 33.10 ? 8    VAL A CG1 1 
ATOM   67   C CG2 . VAL A 1 9   ? 8.991   -11.702 -7.236  1.00 33.32 ? 8    VAL A CG2 1 
ATOM   68   N N   . ALA A 1 10  ? 4.967   -11.149 -9.513  1.00 30.45 ? 9    ALA A N   1 
ATOM   69   C CA  . ALA A 1 10  ? 4.030   -11.018 -10.692 1.00 32.64 ? 9    ALA A CA  1 
ATOM   70   C C   . ALA A 1 10  ? 3.083   -9.869  -10.456 1.00 30.92 ? 9    ALA A C   1 
ATOM   71   O O   . ALA A 1 10  ? 2.862   -9.047  -11.341 1.00 33.20 ? 9    ALA A O   1 
ATOM   72   C CB  . ALA A 1 10  ? 3.251   -12.305 -10.919 1.00 32.64 ? 9    ALA A CB  1 
ATOM   73   N N   . MET A 1 11  ? 2.615   -9.753  -9.223  1.00 32.15 ? 10   MET A N   1 
ATOM   74   C CA  . MET A 1 11  ? 1.725   -8.607  -8.819  1.00 33.02 ? 10   MET A CA  1 
ATOM   75   C C   . MET A 1 11  ? 2.389   -7.245  -9.027  1.00 33.53 ? 10   MET A C   1 
ATOM   76   O O   . MET A 1 11  ? 1.806   -6.324  -9.688  1.00 33.07 ? 10   MET A O   1 
ATOM   77   C CB  . MET A 1 11  ? 1.233   -8.795  -7.368  1.00 32.68 ? 10   MET A CB  1 
ATOM   78   C CG  . MET A 1 11  ? 0.321   -7.688  -6.795  1.00 32.76 ? 10   MET A CG  1 
ATOM   79   S SD  . MET A 1 11  ? -1.154  -7.432  -7.858  1.00 36.08 ? 10   MET A SD  1 
ATOM   80   C CE  . MET A 1 11  ? -2.105  -8.800  -7.275  1.00 27.91 ? 10   MET A CE  1 
ATOM   81   N N   . MET A 1 12  ? 3.633   -7.112  -8.539  1.00 32.88 ? 11   MET A N   1 
ATOM   82   C CA  . MET A 1 12  ? 4.353   -5.816  -8.661  1.00 31.98 ? 11   MET A CA  1 
ATOM   83   C C   . MET A 1 12  ? 4.645   -5.511  -10.100 1.00 32.87 ? 11   MET A C   1 
ATOM   84   O O   . MET A 1 12  ? 4.609   -4.348  -10.536 1.00 33.60 ? 11   MET A O   1 
ATOM   85   C CB  . MET A 1 12  ? 5.675   -5.821  -7.875  1.00 32.19 ? 11   MET A CB  1 
ATOM   86   C CG  . MET A 1 12  ? 5.452   -5.896  -6.316  1.00 23.88 ? 11   MET A CG  1 
ATOM   87   S SD  . MET A 1 12  ? 4.360   -4.601  -5.684  1.00 27.95 ? 11   MET A SD  1 
ATOM   88   C CE  . MET A 1 12  ? 5.480   -3.227  -5.979  1.00 22.29 ? 11   MET A CE  1 
ATOM   89   N N   . LYS A 1 13  ? 4.994   -6.544  -10.847 1.00 33.00 ? 12   LYS A N   1 
ATOM   90   C CA  . LYS A 1 13  ? 5.342   -6.332  -12.227 1.00 35.19 ? 12   LYS A CA  1 
ATOM   91   C C   . LYS A 1 13  ? 4.098   -5.835  -12.968 1.00 34.72 ? 12   LYS A C   1 
ATOM   92   O O   . LYS A 1 13  ? 4.168   -4.936  -13.821 1.00 34.73 ? 12   LYS A O   1 
ATOM   93   C CB  . LYS A 1 13  ? 5.882   -7.621  -12.860 1.00 36.52 ? 12   LYS A CB  1 
ATOM   94   C CG  . LYS A 1 13  ? 6.534   -7.435  -14.253 1.00 41.07 ? 12   LYS A CG  1 
ATOM   95   C CD  . LYS A 1 13  ? 6.936   -8.832  -14.819 1.00 48.35 ? 12   LYS A CD  1 
ATOM   96   C CE  . LYS A 1 13  ? 8.044   -8.739  -15.890 1.00 52.59 ? 12   LYS A CE  1 
ATOM   97   N NZ  . LYS A 1 13  ? 7.479   -8.162  -17.173 1.00 53.35 ? 12   LYS A NZ  1 
ATOM   98   N N   . ARG A 1 14  ? 2.958   -6.395  -12.629 1.00 36.18 ? 13   ARG A N   1 
ATOM   99   C CA  . ARG A 1 14  ? 1.726   -6.074  -13.361 1.00 36.59 ? 13   ARG A CA  1 
ATOM   100  C C   . ARG A 1 14  ? 1.017   -4.803  -12.866 1.00 36.53 ? 13   ARG A C   1 
ATOM   101  O O   . ARG A 1 14  ? 0.494   -4.009  -13.671 1.00 36.19 ? 13   ARG A O   1 
ATOM   102  C CB  . ARG A 1 14  ? 0.797   -7.281  -13.325 1.00 37.96 ? 13   ARG A CB  1 
ATOM   103  C CG  . ARG A 1 14  ? -0.477  -7.142  -14.173 1.00 43.45 ? 13   ARG A CG  1 
ATOM   104  C CD  . ARG A 1 14  ? -0.185  -7.312  -15.667 1.00 52.01 ? 13   ARG A CD  1 
ATOM   105  N NE  . ARG A 1 14  ? -1.021  -6.406  -16.469 1.00 56.99 ? 13   ARG A NE  1 
ATOM   106  C CZ  . ARG A 1 14  ? -2.118  -6.772  -17.120 1.00 59.76 ? 13   ARG A CZ  1 
ATOM   107  N NH1 . ARG A 1 14  ? -2.515  -8.047  -17.078 1.00 62.62 ? 13   ARG A NH1 1 
ATOM   108  N NH2 . ARG A 1 14  ? -2.816  -5.865  -17.812 1.00 60.54 ? 13   ARG A NH2 1 
ATOM   109  N N   . ASN A 1 15  ? 1.022   -4.554  -11.559 1.00 34.60 ? 14   ASN A N   1 
ATOM   110  C CA  . ASN A 1 15  ? 0.213   -3.433  -11.024 1.00 33.92 ? 14   ASN A CA  1 
ATOM   111  C C   . ASN A 1 15  ? 0.892   -2.304  -10.239 1.00 32.96 ? 14   ASN A C   1 
ATOM   112  O O   . ASN A 1 15  ? 0.194   -1.418  -9.764  1.00 31.84 ? 14   ASN A O   1 
ATOM   113  C CB  . ASN A 1 15  ? -0.912  -3.956  -10.114 1.00 34.42 ? 14   ASN A CB  1 
ATOM   114  C CG  . ASN A 1 15  ? -2.172  -4.386  -10.878 1.00 34.87 ? 14   ASN A CG  1 
ATOM   115  O OD1 . ASN A 1 15  ? -3.250  -3.829  -10.666 1.00 36.82 ? 14   ASN A OD1 1 
ATOM   116  N ND2 . ASN A 1 15  ? -2.056  -5.417  -11.679 1.00 35.91 ? 14   ASN A ND2 1 
ATOM   117  N N   . SER A 1 16  ? 2.217   -2.330  -10.067 1.00 32.53 ? 15   SER A N   1 
ATOM   118  C CA  . SER A 1 16  ? 2.887   -1.338  -9.227  1.00 32.37 ? 15   SER A CA  1 
ATOM   119  C C   . SER A 1 16  ? 3.619   -0.315  -10.060 1.00 31.71 ? 15   SER A C   1 
ATOM   120  O O   . SER A 1 16  ? 3.935   -0.591  -11.207 1.00 34.31 ? 15   SER A O   1 
ATOM   121  C CB  . SER A 1 16  ? 3.859   -2.010  -8.201  1.00 32.40 ? 15   SER A CB  1 
ATOM   122  O OG  . SER A 1 16  ? 5.109   -2.396  -8.787  1.00 28.87 ? 15   SER A OG  1 
ATOM   123  N N   . SER A 1 17  ? 3.871   0.867   -9.489  1.00 30.60 ? 16   SER A N   1 
ATOM   124  C CA  . SER A 1 17  ? 4.714   1.877   -10.120 1.00 30.67 ? 16   SER A CA  1 
ATOM   125  C C   . SER A 1 17  ? 5.385   2.693   -9.068  1.00 29.92 ? 16   SER A C   1 
ATOM   126  O O   . SER A 1 17  ? 5.015   2.633   -7.927  1.00 29.55 ? 16   SER A O   1 
ATOM   127  C CB  . SER A 1 17  ? 3.838   2.833   -10.945 1.00 30.75 ? 16   SER A CB  1 
ATOM   128  O OG  . SER A 1 17  ? 2.825   3.282   -10.059 1.00 31.48 ? 16   SER A OG  1 
ATOM   129  N N   . THR A 1 18  ? 6.345   3.511   -9.460  1.00 30.58 ? 17   THR A N   1 
ATOM   130  C CA  . THR A 1 18  ? 7.067   4.329   -8.521  1.00 32.13 ? 17   THR A CA  1 
ATOM   131  C C   . THR A 1 18  ? 6.484   5.701   -8.644  1.00 34.24 ? 17   THR A C   1 
ATOM   132  O O   . THR A 1 18  ? 6.328   6.225   -9.786  1.00 34.16 ? 17   THR A O   1 
ATOM   133  C CB  . THR A 1 18  ? 8.529   4.383   -8.959  1.00 33.24 ? 17   THR A CB  1 
ATOM   134  O OG1 . THR A 1 18  ? 9.088   3.074   -8.833  1.00 34.44 ? 17   THR A OG1 1 
ATOM   135  C CG2 . THR A 1 18  ? 9.365   5.375   -8.110  1.00 34.75 ? 17   THR A CG2 1 
ATOM   136  N N   . VAL A 1 19  ? 6.153   6.321   -7.520  1.00 33.97 ? 18   VAL A N   1 
ATOM   137  C CA  . VAL A 1 19  ? 5.479   7.621   -7.609  1.00 35.52 ? 18   VAL A CA  1 
ATOM   138  C C   . VAL A 1 19  ? 6.260   8.682   -6.856  1.00 36.43 ? 18   VAL A C   1 
ATOM   139  O O   . VAL A 1 19  ? 6.758   8.432   -5.735  1.00 34.93 ? 18   VAL A O   1 
ATOM   140  C CB  . VAL A 1 19  ? 3.988   7.523   -7.164  1.00 35.47 ? 18   VAL A CB  1 
ATOM   141  C CG1 . VAL A 1 19  ? 3.318   8.889   -7.010  1.00 38.18 ? 18   VAL A CG1 1 
ATOM   142  C CG2 . VAL A 1 19  ? 3.202   6.691   -8.173  1.00 35.70 ? 18   VAL A CG2 1 
ATOM   143  N N   . LYS A 1 20  ? 6.363   9.864   -7.480  1.00 36.08 ? 19   LYS A N   1 
ATOM   144  C CA  . LYS A 1 20  ? 6.834   11.043  -6.758  1.00 37.15 ? 19   LYS A CA  1 
ATOM   145  C C   . LYS A 1 20  ? 5.709   12.097  -6.540  1.00 36.51 ? 19   LYS A C   1 
ATOM   146  O O   . LYS A 1 20  ? 5.000   12.459  -7.478  1.00 36.79 ? 19   LYS A O   1 
ATOM   147  C CB  . LYS A 1 20  ? 8.032   11.658  -7.477  1.00 37.18 ? 19   LYS A CB  1 
ATOM   148  C CG  . LYS A 1 20  ? 9.238   11.931  -6.587  1.00 42.08 ? 19   LYS A CG  1 
ATOM   149  C CD  . LYS A 1 20  ? 10.476  12.505  -7.409  1.00 46.04 ? 19   LYS A CD  1 
ATOM   150  C CE  . LYS A 1 20  ? 10.557  14.079  -7.353  1.00 49.84 ? 19   LYS A CE  1 
ATOM   151  N NZ  . LYS A 1 20  ? 11.928  14.724  -7.682  1.00 49.17 ? 19   LYS A NZ  1 
ATOM   152  N N   . THR A 1 21  ? 5.541   12.510  -5.282  1.00 36.57 ? 20   THR A N   1 
ATOM   153  C CA  . THR A 1 21  ? 4.740   13.687  -4.864  1.00 36.25 ? 20   THR A CA  1 
ATOM   154  C C   . THR A 1 21  ? 5.692   14.644  -4.166  1.00 36.28 ? 20   THR A C   1 
ATOM   155  O O   . THR A 1 21  ? 6.913   14.427  -4.123  1.00 35.82 ? 20   THR A O   1 
ATOM   156  C CB  . THR A 1 21  ? 3.697   13.377  -3.798  1.00 36.23 ? 20   THR A CB  1 
ATOM   157  O OG1 . THR A 1 21  ? 4.358   13.019  -2.569  1.00 36.28 ? 20   THR A OG1 1 
ATOM   158  C CG2 . THR A 1 21  ? 2.738   12.293  -4.217  1.00 35.65 ? 20   THR A CG2 1 
ATOM   159  N N   . GLU A 1 22  ? 5.161   15.697  -3.558  1.00 36.17 ? 21   GLU A N   1 
ATOM   160  C CA  . GLU A 1 22  ? 6.094   16.668  -2.998  1.00 35.81 ? 21   GLU A CA  1 
ATOM   161  C C   . GLU A 1 22  ? 6.547   16.182  -1.643  1.00 36.22 ? 21   GLU A C   1 
ATOM   162  O O   . GLU A 1 22  ? 7.471   16.770  -1.068  1.00 36.11 ? 21   GLU A O   1 
ATOM   163  C CB  . GLU A 1 22  ? 5.464   18.050  -2.920  1.00 38.03 ? 21   GLU A CB  1 
ATOM   164  C CG  . GLU A 1 22  ? 4.863   18.496  -4.269  1.00 39.00 ? 21   GLU A CG  1 
ATOM   165  C CD  . GLU A 1 22  ? 3.420   18.081  -4.356  1.00 47.14 ? 21   GLU A CD  1 
ATOM   166  O OE1 . GLU A 1 22  ? 2.901   17.696  -3.265  1.00 51.45 ? 21   GLU A OE1 1 
ATOM   167  O OE2 . GLU A 1 22  ? 2.811   18.120  -5.477  1.00 45.84 ? 21   GLU A OE2 1 
ATOM   168  N N   . TYR A 1 23  ? 5.926   15.088  -1.154  1.00 34.54 ? 22   TYR A N   1 
ATOM   169  C CA  . TYR A 1 23  ? 6.215   14.588  0.213   1.00 34.69 ? 22   TYR A CA  1 
ATOM   170  C C   . TYR A 1 23  ? 7.227   13.437  0.230   1.00 34.65 ? 22   TYR A C   1 
ATOM   171  O O   . TYR A 1 23  ? 7.676   12.980  1.276   1.00 34.83 ? 22   TYR A O   1 
ATOM   172  C CB  . TYR A 1 23  ? 4.912   14.282  0.971   1.00 33.82 ? 22   TYR A CB  1 
ATOM   173  C CG  . TYR A 1 23  ? 4.335   15.589  1.540   1.00 34.74 ? 22   TYR A CG  1 
ATOM   174  C CD1 . TYR A 1 23  ? 3.563   16.454  0.762   1.00 31.29 ? 22   TYR A CD1 1 
ATOM   175  C CD2 . TYR A 1 23  ? 4.655   16.002  2.801   1.00 32.42 ? 22   TYR A CD2 1 
ATOM   176  C CE1 . TYR A 1 23  ? 3.110   17.673  1.265   1.00 28.67 ? 22   TYR A CE1 1 
ATOM   177  C CE2 . TYR A 1 23  ? 4.199   17.260  3.304   1.00 29.65 ? 22   TYR A CE2 1 
ATOM   178  C CZ  . TYR A 1 23  ? 3.416   18.067  2.536   1.00 34.67 ? 22   TYR A CZ  1 
ATOM   179  O OH  . TYR A 1 23  ? 2.963   19.316  3.090   1.00 33.49 ? 22   TYR A OH  1 
ATOM   180  N N   . GLY A 1 24  ? 7.624   13.039  -0.959  1.00 34.66 ? 23   GLY A N   1 
ATOM   181  C CA  . GLY A 1 24  ? 8.620   11.990  -1.126  1.00 35.38 ? 23   GLY A CA  1 
ATOM   182  C C   . GLY A 1 24  ? 8.332   11.051  -2.283  1.00 34.75 ? 23   GLY A C   1 
ATOM   183  O O   . GLY A 1 24  ? 7.473   11.283  -3.132  1.00 34.16 ? 23   GLY A O   1 
ATOM   184  N N   . GLU A 1 25  ? 9.075   9.948   -2.282  1.00 35.56 ? 24   GLU A N   1 
ATOM   185  C CA  . GLU A 1 25  ? 8.931   8.925   -3.312  1.00 33.99 ? 24   GLU A CA  1 
ATOM   186  C C   . GLU A 1 25  ? 8.205   7.716   -2.749  1.00 32.26 ? 24   GLU A C   1 
ATOM   187  O O   . GLU A 1 25  ? 8.511   7.264   -1.625  1.00 32.92 ? 24   GLU A O   1 
ATOM   188  C CB  . GLU A 1 25  ? 10.331  8.507   -3.769  1.00 35.14 ? 24   GLU A CB  1 
ATOM   189  C CG  . GLU A 1 25  ? 10.371  8.124   -5.217  1.00 35.95 ? 24   GLU A CG  1 
ATOM   190  C CD  . GLU A 1 25  ? 11.657  7.386   -5.573  1.00 38.64 ? 24   GLU A CD  1 
ATOM   191  O OE1 . GLU A 1 25  ? 12.523  7.095   -4.693  1.00 40.29 ? 24   GLU A OE1 1 
ATOM   192  O OE2 . GLU A 1 25  ? 11.767  7.089   -6.761  1.00 38.29 ? 24   GLU A OE2 1 
ATOM   193  N N   . PHE A 1 26  ? 7.267   7.154   -3.501  1.00 28.97 ? 25   PHE A N   1 
ATOM   194  C CA  . PHE A 1 26  ? 6.476   6.041   -2.936  1.00 27.87 ? 25   PHE A CA  1 
ATOM   195  C C   . PHE A 1 26  ? 6.240   4.926   -3.935  1.00 28.00 ? 25   PHE A C   1 
ATOM   196  O O   . PHE A 1 26  ? 6.160   5.163   -5.167  1.00 28.65 ? 25   PHE A O   1 
ATOM   197  C CB  . PHE A 1 26  ? 5.088   6.533   -2.392  1.00 28.06 ? 25   PHE A CB  1 
ATOM   198  C CG  . PHE A 1 26  ? 5.187   7.480   -1.195  1.00 28.42 ? 25   PHE A CG  1 
ATOM   199  C CD1 . PHE A 1 26  ? 5.354   6.991   0.111   1.00 30.91 ? 25   PHE A CD1 1 
ATOM   200  C CD2 . PHE A 1 26  ? 5.217   8.825   -1.390  1.00 30.24 ? 25   PHE A CD2 1 
ATOM   201  C CE1 . PHE A 1 26  ? 5.475   7.873   1.207   1.00 33.17 ? 25   PHE A CE1 1 
ATOM   202  C CE2 . PHE A 1 26  ? 5.321   9.712   -0.318  1.00 29.85 ? 25   PHE A CE2 1 
ATOM   203  C CZ  . PHE A 1 26  ? 5.479   9.244   0.986   1.00 31.67 ? 25   PHE A CZ  1 
ATOM   204  N N   . THR A 1 27  ? 6.030   3.725   -3.409  1.00 27.26 ? 26   THR A N   1 
ATOM   205  C CA  . THR A 1 27  ? 5.484   2.624   -4.212  1.00 27.66 ? 26   THR A CA  1 
ATOM   206  C C   . THR A 1 27  ? 3.981   2.851   -4.394  1.00 28.77 ? 26   THR A C   1 
ATOM   207  O O   . THR A 1 27  ? 3.308   3.228   -3.467  1.00 29.03 ? 26   THR A O   1 
ATOM   208  C CB  . THR A 1 27  ? 5.728   1.284   -3.483  1.00 26.76 ? 26   THR A CB  1 
ATOM   209  O OG1 . THR A 1 27  ? 7.121   1.102   -3.375  1.00 26.09 ? 26   THR A OG1 1 
ATOM   210  C CG2 . THR A 1 27  ? 5.110   0.097   -4.186  1.00 21.93 ? 26   THR A CG2 1 
ATOM   211  N N   . MET A 1 28  ? 3.446   2.577   -5.577  1.00 30.07 ? 27   MET A N   1 
ATOM   212  C CA  . MET A 1 28  ? 1.977   2.744   -5.778  1.00 31.61 ? 27   MET A CA  1 
ATOM   213  C C   . MET A 1 28  ? 1.371   1.514   -6.466  1.00 30.77 ? 27   MET A C   1 
ATOM   214  O O   . MET A 1 28  ? 1.874   1.056   -7.525  1.00 32.24 ? 27   MET A O   1 
ATOM   215  C CB  . MET A 1 28  ? 1.638   4.011   -6.606  1.00 31.36 ? 27   MET A CB  1 
ATOM   216  C CG  . MET A 1 28  ? 0.145   4.303   -6.683  1.00 34.27 ? 27   MET A CG  1 
ATOM   217  S SD  . MET A 1 28  ? -0.299  5.792   -7.612  1.00 40.41 ? 27   MET A SD  1 
ATOM   218  C CE  . MET A 1 28  ? -0.208  5.320   -9.313  1.00 32.97 ? 27   MET A CE  1 
ATOM   219  N N   . LEU A 1 29  ? 0.302   1.009   -5.872  1.00 28.75 ? 28   LEU A N   1 
ATOM   220  C CA  . LEU A 1 29  ? -0.459  -0.078  -6.419  1.00 29.80 ? 28   LEU A CA  1 
ATOM   221  C C   . LEU A 1 29  ? -1.759  0.399   -7.144  1.00 29.93 ? 28   LEU A C   1 
ATOM   222  O O   . LEU A 1 29  ? -2.648  1.006   -6.522  1.00 28.89 ? 28   LEU A O   1 
ATOM   223  C CB  . LEU A 1 29  ? -0.810  -1.057  -5.305  1.00 27.49 ? 28   LEU A CB  1 
ATOM   224  C CG  . LEU A 1 29  ? -1.327  -2.406  -5.814  1.00 32.32 ? 28   LEU A CG  1 
ATOM   225  C CD1 . LEU A 1 29  ? -0.292  -3.216  -6.639  1.00 28.32 ? 28   LEU A CD1 1 
ATOM   226  C CD2 . LEU A 1 29  ? -1.837  -3.190  -4.622  1.00 28.49 ? 28   LEU A CD2 1 
ATOM   227  N N   . GLY A 1 30  ? -1.805  0.129   -8.449  1.00 30.51 ? 29   GLY A N   1 
ATOM   228  C CA  . GLY A 1 30  ? -3.015  0.264   -9.260  1.00 33.86 ? 29   GLY A CA  1 
ATOM   229  C C   . GLY A 1 30  ? -4.011  -0.810  -8.871  1.00 35.22 ? 29   GLY A C   1 
ATOM   230  O O   . GLY A 1 30  ? -3.669  -1.996  -8.841  1.00 36.64 ? 29   GLY A O   1 
ATOM   231  N N   . ILE A 1 31  ? -5.244  -0.414  -8.551  1.00 37.33 ? 30   ILE A N   1 
ATOM   232  C CA  . ILE A 1 31  ? -6.276  -1.389  -8.127  1.00 38.19 ? 30   ILE A CA  1 
ATOM   233  C C   . ILE A 1 31  ? -7.213  -1.824  -9.270  1.00 39.54 ? 30   ILE A C   1 
ATOM   234  O O   . ILE A 1 31  ? -7.286  -3.003  -9.603  1.00 38.66 ? 30   ILE A O   1 
ATOM   235  C CB  . ILE A 1 31  ? -7.014  -0.892  -6.884  1.00 37.26 ? 30   ILE A CB  1 
ATOM   236  C CG1 . ILE A 1 31  ? -6.007  -0.508  -5.799  1.00 36.30 ? 30   ILE A CG1 1 
ATOM   237  C CG2 . ILE A 1 31  ? -7.979  -1.929  -6.296  1.00 36.79 ? 30   ILE A CG2 1 
ATOM   238  C CD1 . ILE A 1 31  ? -5.089  -1.619  -5.426  1.00 34.63 ? 30   ILE A CD1 1 
ATOM   239  N N   . TYR A 1 32  ? -7.930  -0.894  -9.891  1.00 42.66 ? 31   TYR A N   1 
ATOM   240  C CA  . TYR A 1 32  ? -8.676  -1.285  -11.106 1.00 45.22 ? 31   TYR A CA  1 
ATOM   241  C C   . TYR A 1 32  ? -8.847  -0.044  -11.915 1.00 46.51 ? 31   TYR A C   1 
ATOM   242  O O   . TYR A 1 32  ? -8.752  1.065   -11.384 1.00 46.96 ? 31   TYR A O   1 
ATOM   243  C CB  . TYR A 1 32  ? -10.060 -1.891  -10.772 1.00 45.70 ? 31   TYR A CB  1 
ATOM   244  C CG  . TYR A 1 32  ? -11.096 -0.896  -10.215 1.00 49.49 ? 31   TYR A CG  1 
ATOM   245  C CD1 . TYR A 1 32  ? -11.017 -0.456  -8.891  1.00 52.36 ? 31   TYR A CD1 1 
ATOM   246  C CD2 . TYR A 1 32  ? -12.171 -0.427  -11.003 1.00 51.29 ? 31   TYR A CD2 1 
ATOM   247  C CE1 . TYR A 1 32  ? -11.936 0.425   -8.350  1.00 52.34 ? 31   TYR A CE1 1 
ATOM   248  C CE2 . TYR A 1 32  ? -13.117 0.485   -10.473 1.00 51.14 ? 31   TYR A CE2 1 
ATOM   249  C CZ  . TYR A 1 32  ? -12.993 0.900   -9.140  1.00 55.48 ? 31   TYR A CZ  1 
ATOM   250  O OH  . TYR A 1 32  ? -13.886 1.792   -8.554  1.00 54.78 ? 31   TYR A OH  1 
ATOM   251  N N   . ASP A 1 33  ? -9.076  -0.191  -13.212 1.00 48.24 ? 32   ASP A N   1 
ATOM   252  C CA  . ASP A 1 33  ? -9.478  0.993   -13.874 1.00 50.08 ? 32   ASP A CA  1 
ATOM   253  C C   . ASP A 1 33  ? -8.328  2.051   -13.862 1.00 50.51 ? 32   ASP A C   1 
ATOM   254  O O   . ASP A 1 33  ? -7.219  1.804   -14.378 1.00 51.14 ? 32   ASP A O   1 
ATOM   255  C CB  . ASP A 1 33  ? -10.659 1.487   -13.049 1.00 50.63 ? 32   ASP A CB  1 
ATOM   256  C CG  . ASP A 1 33  ? -11.508 2.398   -13.787 1.00 53.06 ? 32   ASP A CG  1 
ATOM   257  O OD1 . ASP A 1 33  ? -12.307 1.865   -14.583 1.00 56.52 ? 32   ASP A OD1 1 
ATOM   258  O OD2 . ASP A 1 33  ? -11.344 3.628   -13.582 1.00 53.56 ? 32   ASP A OD2 1 
ATOM   259  N N   . ARG A 1 34  ? -8.590  3.213   -13.258 1.00 49.96 ? 33   ARG A N   1 
ATOM   260  C CA  . ARG A 1 34  ? -7.627  4.313   -13.223 1.00 49.95 ? 33   ARG A CA  1 
ATOM   261  C C   . ARG A 1 34  ? -7.442  4.745   -11.797 1.00 48.48 ? 33   ARG A C   1 
ATOM   262  O O   . ARG A 1 34  ? -6.905  5.821   -11.515 1.00 48.86 ? 33   ARG A O   1 
ATOM   263  C CB  . ARG A 1 34  ? -8.101  5.505   -14.076 1.00 50.76 ? 33   ARG A CB  1 
ATOM   264  C CG  . ARG A 1 34  ? -7.610  5.511   -15.560 1.00 53.41 ? 33   ARG A CG  1 
ATOM   265  C CD  . ARG A 1 34  ? -8.275  4.458   -16.499 1.00 57.88 ? 33   ARG A CD  1 
ATOM   266  N NE  . ARG A 1 34  ? -9.325  5.015   -17.368 1.00 59.13 ? 33   ARG A NE  1 
ATOM   267  C CZ  . ARG A 1 34  ? -10.632 4.825   -17.175 1.00 59.70 ? 33   ARG A CZ  1 
ATOM   268  N NH1 . ARG A 1 34  ? -11.064 4.091   -16.158 1.00 59.83 ? 33   ARG A NH1 1 
ATOM   269  N NH2 . ARG A 1 34  ? -11.517 5.363   -17.982 1.00 58.76 ? 33   ARG A NH2 1 
ATOM   270  N N   . TRP A 1 35  ? -7.888  3.877   -10.902 1.00 47.07 ? 34   TRP A N   1 
ATOM   271  C CA  . TRP A 1 35  ? -7.821  4.082   -9.467  1.00 45.35 ? 34   TRP A CA  1 
ATOM   272  C C   . TRP A 1 35  ? -6.604  3.339   -8.923  1.00 43.28 ? 34   TRP A C   1 
ATOM   273  O O   . TRP A 1 35  ? -6.477  2.147   -9.130  1.00 42.76 ? 34   TRP A O   1 
ATOM   274  C CB  . TRP A 1 35  ? -9.030  3.426   -8.799  1.00 45.52 ? 34   TRP A CB  1 
ATOM   275  C CG  . TRP A 1 35  ? -10.282 4.230   -8.727  1.00 46.20 ? 34   TRP A CG  1 
ATOM   276  C CD1 . TRP A 1 35  ? -11.472 3.928   -9.300  1.00 46.60 ? 34   TRP A CD1 1 
ATOM   277  C CD2 . TRP A 1 35  ? -10.471 5.455   -8.017  1.00 46.57 ? 34   TRP A CD2 1 
ATOM   278  N NE1 . TRP A 1 35  ? -12.399 4.892   -9.001  1.00 48.17 ? 34   TRP A NE1 1 
ATOM   279  C CE2 . TRP A 1 35  ? -11.813 5.849   -8.224  1.00 47.96 ? 34   TRP A CE2 1 
ATOM   280  C CE3 . TRP A 1 35  ? -9.636  6.263   -7.234  1.00 46.56 ? 34   TRP A CE3 1 
ATOM   281  C CZ2 . TRP A 1 35  ? -12.350 7.006   -7.665  1.00 46.69 ? 34   TRP A CZ2 1 
ATOM   282  C CZ3 . TRP A 1 35  ? -10.152 7.426   -6.692  1.00 48.84 ? 34   TRP A CZ3 1 
ATOM   283  C CH2 . TRP A 1 35  ? -11.513 7.789   -6.911  1.00 49.18 ? 34   TRP A CH2 1 
ATOM   284  N N   . ALA A 1 36  ? -5.757  4.042   -8.194  1.00 41.33 ? 35   ALA A N   1 
ATOM   285  C CA  . ALA A 1 36  ? -4.715  3.388   -7.379  1.00 39.39 ? 35   ALA A CA  1 
ATOM   286  C C   . ALA A 1 36  ? -4.824  3.871   -5.974  1.00 38.94 ? 35   ALA A C   1 
ATOM   287  O O   . ALA A 1 36  ? -5.782  4.612   -5.622  1.00 38.73 ? 35   ALA A O   1 
ATOM   288  C CB  . ALA A 1 36  ? -3.346  3.760   -7.913  1.00 38.67 ? 35   ALA A CB  1 
ATOM   289  N N   . VAL A 1 37  ? -3.810  3.522   -5.178  1.00 37.80 ? 36   VAL A N   1 
ATOM   290  C CA  . VAL A 1 37  ? -3.798  3.812   -3.768  1.00 36.58 ? 36   VAL A CA  1 
ATOM   291  C C   . VAL A 1 37  ? -2.403  4.189   -3.225  1.00 36.42 ? 36   VAL A C   1 
ATOM   292  O O   . VAL A 1 37  ? -1.414  3.573   -3.572  1.00 35.06 ? 36   VAL A O   1 
ATOM   293  C CB  . VAL A 1 37  ? -4.338  2.602   -3.016  1.00 37.10 ? 36   VAL A CB  1 
ATOM   294  C CG1 . VAL A 1 37  ? -3.532  1.370   -3.372  1.00 35.76 ? 36   VAL A CG1 1 
ATOM   295  C CG2 . VAL A 1 37  ? -4.349  2.866   -1.478  1.00 33.99 ? 36   VAL A CG2 1 
ATOM   296  N N   . LEU A 1 38  ? -2.348  5.189   -2.351  1.00 37.11 ? 37   LEU A N   1 
ATOM   297  C CA  . LEU A 1 38  ? -1.121  5.621   -1.678  1.00 36.41 ? 37   LEU A CA  1 
ATOM   298  C C   . LEU A 1 38  ? -1.311  5.705   -0.161  1.00 36.27 ? 37   LEU A C   1 
ATOM   299  O O   . LEU A 1 38  ? -2.435  5.799   0.303   1.00 35.47 ? 37   LEU A O   1 
ATOM   300  C CB  . LEU A 1 38  ? -0.667  6.963   -2.191  1.00 36.33 ? 37   LEU A CB  1 
ATOM   301  C CG  . LEU A 1 38  ? 0.053   6.993   -3.526  1.00 38.25 ? 37   LEU A CG  1 
ATOM   302  C CD1 . LEU A 1 38  ? 0.147   8.423   -3.920  1.00 38.70 ? 37   LEU A CD1 1 
ATOM   303  C CD2 . LEU A 1 38  ? 1.437   6.324   -3.382  1.00 32.17 ? 37   LEU A CD2 1 
ATOM   304  N N   . PRO A 1 39  ? -0.217  5.664   0.608   1.00 36.25 ? 38   PRO A N   1 
ATOM   305  C CA  . PRO A 1 39  ? -0.385  5.910   2.040   1.00 37.30 ? 38   PRO A CA  1 
ATOM   306  C C   . PRO A 1 39  ? -0.829  7.366   2.147   1.00 38.95 ? 38   PRO A C   1 
ATOM   307  O O   . PRO A 1 39  ? -0.450  8.168   1.280   1.00 38.32 ? 38   PRO A O   1 
ATOM   308  C CB  . PRO A 1 39  ? 1.023   5.766   2.596   1.00 37.41 ? 38   PRO A CB  1 
ATOM   309  C CG  . PRO A 1 39  ? 1.837   5.167   1.496   1.00 35.00 ? 38   PRO A CG  1 
ATOM   310  C CD  . PRO A 1 39  ? 1.192   5.439   0.224   1.00 35.09 ? 38   PRO A CD  1 
ATOM   311  N N   . ARG A 1 40  ? -1.700  7.676   3.126   1.00 40.78 ? 39   ARG A N   1 
ATOM   312  C CA  . ARG A 1 40  ? -2.300  9.028   3.278   1.00 41.04 ? 39   ARG A CA  1 
ATOM   313  C C   . ARG A 1 40  ? -1.217  10.070  3.293   1.00 40.42 ? 39   ARG A C   1 
ATOM   314  O O   . ARG A 1 40  ? -1.275  11.006  2.507   1.00 37.77 ? 39   ARG A O   1 
ATOM   315  C CB  . ARG A 1 40  ? -3.181  9.186   4.541   1.00 43.03 ? 39   ARG A CB  1 
ATOM   316  C CG  . ARG A 1 40  ? -4.086  10.479  4.514   1.00 46.04 ? 39   ARG A CG  1 
ATOM   317  C CD  . ARG A 1 40  ? -4.585  10.834  5.931   1.00 52.09 ? 39   ARG A CD  1 
ATOM   318  N NE  . ARG A 1 40  ? -3.523  10.667  6.939   1.00 56.72 ? 39   ARG A NE  1 
ATOM   319  C CZ  . ARG A 1 40  ? -2.494  11.506  7.102   1.00 58.02 ? 39   ARG A CZ  1 
ATOM   320  N NH1 . ARG A 1 40  ? -2.372  12.591  6.323   1.00 55.83 ? 39   ARG A NH1 1 
ATOM   321  N NH2 . ARG A 1 40  ? -1.579  11.259  8.042   1.00 57.42 ? 39   ARG A NH2 1 
ATOM   322  N N   . HIS A 1 41  ? -0.224  9.841   4.159   1.00 40.23 ? 40   HIS A N   1 
ATOM   323  C CA  . HIS A 1 41  ? 0.951   10.708  4.317   1.00 41.38 ? 40   HIS A CA  1 
ATOM   324  C C   . HIS A 1 41  ? 1.802   11.007  3.094   1.00 40.58 ? 40   HIS A C   1 
ATOM   325  O O   . HIS A 1 41  ? 2.617   11.934  3.120   1.00 41.06 ? 40   HIS A O   1 
ATOM   326  C CB  . HIS A 1 41  ? 1.819   10.219  5.474   1.00 42.09 ? 40   HIS A CB  1 
ATOM   327  C CG  . HIS A 1 41  ? 2.534   8.952   5.184   1.00 46.18 ? 40   HIS A CG  1 
ATOM   328  N ND1 . HIS A 1 41  ? 2.114   7.729   5.667   1.00 49.97 ? 40   HIS A ND1 1 
ATOM   329  C CD2 . HIS A 1 41  ? 3.648   8.710   4.454   1.00 50.06 ? 40   HIS A CD2 1 
ATOM   330  C CE1 . HIS A 1 41  ? 2.954   6.791   5.266   1.00 52.41 ? 40   HIS A CE1 1 
ATOM   331  N NE2 . HIS A 1 41  ? 3.890   7.361   4.521   1.00 52.64 ? 40   HIS A NE2 1 
ATOM   332  N N   . ALA A 1 42  ? 1.625   10.252  2.018   1.00 41.62 ? 41   ALA A N   1 
ATOM   333  C CA  . ALA A 1 42  ? 2.051   10.722  0.676   1.00 41.31 ? 41   ALA A CA  1 
ATOM   334  C C   . ALA A 1 42  ? 1.376   12.022  0.266   1.00 41.55 ? 41   ALA A C   1 
ATOM   335  O O   . ALA A 1 42  ? 1.741   12.613  -0.769  1.00 41.75 ? 41   ALA A O   1 
ATOM   336  C CB  . ALA A 1 42  ? 1.820   9.682   -0.407  1.00 39.81 ? 41   ALA A CB  1 
ATOM   337  N N   . LYS A 1 43  ? 0.388   12.470  1.034   1.00 42.22 ? 42   LYS A N   1 
ATOM   338  C CA  . LYS A 1 43  ? -0.312  13.744  0.727   1.00 43.79 ? 42   LYS A CA  1 
ATOM   339  C C   . LYS A 1 43  ? -0.199  14.183  -0.760  1.00 44.48 ? 42   LYS A C   1 
ATOM   340  O O   . LYS A 1 43  ? 0.368   15.237  -1.034  1.00 45.70 ? 42   LYS A O   1 
ATOM   341  C CB  . LYS A 1 43  ? 0.243   14.886  1.612   1.00 43.27 ? 42   LYS A CB  1 
ATOM   342  C CG  . LYS A 1 43  ? 0.120   14.677  3.119   1.00 45.54 ? 42   LYS A CG  1 
ATOM   343  C CD  . LYS A 1 43  ? 1.205   15.415  3.912   1.00 40.07 ? 42   LYS A CD  1 
ATOM   344  C CE  . LYS A 1 43  ? 1.622   14.607  5.148   1.00 42.53 ? 42   LYS A CE  1 
ATOM   345  N NZ  . LYS A 1 43  ? 0.609   14.678  6.280   1.00 40.78 ? 42   LYS A NZ  1 
ATOM   346  N N   . PRO A 1 44  ? -0.722  13.388  -1.719  1.00 44.68 ? 43   PRO A N   1 
ATOM   347  C CA  . PRO A 1 44  ? -0.498  13.723  -3.138  1.00 45.66 ? 43   PRO A CA  1 
ATOM   348  C C   . PRO A 1 44  ? -1.137  15.016  -3.603  1.00 47.72 ? 43   PRO A C   1 
ATOM   349  O O   . PRO A 1 44  ? -2.292  15.297  -3.268  1.00 49.38 ? 43   PRO A O   1 
ATOM   350  C CB  . PRO A 1 44  ? -1.192  12.590  -3.892  1.00 44.70 ? 43   PRO A CB  1 
ATOM   351  C CG  . PRO A 1 44  ? -2.172  12.002  -2.931  1.00 43.93 ? 43   PRO A CG  1 
ATOM   352  C CD  . PRO A 1 44  ? -1.588  12.205  -1.555  1.00 44.59 ? 43   PRO A CD  1 
ATOM   353  N N   . GLY A 1 45  ? -0.419  15.753  -4.435  1.00 48.89 ? 44   GLY A N   1 
ATOM   354  C CA  . GLY A 1 45  ? -0.911  17.001  -4.969  1.00 49.90 ? 44   GLY A CA  1 
ATOM   355  C C   . GLY A 1 45  ? -1.788  16.787  -6.193  1.00 50.79 ? 44   GLY A C   1 
ATOM   356  O O   . GLY A 1 45  ? -2.108  15.646  -6.546  1.00 50.72 ? 44   GLY A O   1 
ATOM   357  N N   . PRO A 1 46  ? -2.204  17.899  -6.823  1.00 51.25 ? 45   PRO A N   1 
ATOM   358  C CA  . PRO A 1 46  ? -3.046  17.932  -8.031  1.00 51.65 ? 45   PRO A CA  1 
ATOM   359  C C   . PRO A 1 46  ? -2.398  17.290  -9.257  1.00 52.00 ? 45   PRO A C   1 
ATOM   360  O O   . PRO A 1 46  ? -3.111  16.972  -10.221 1.00 52.31 ? 45   PRO A O   1 
ATOM   361  C CB  . PRO A 1 46  ? -3.274  19.428  -8.239  1.00 51.56 ? 45   PRO A CB  1 
ATOM   362  C CG  . PRO A 1 46  ? -3.234  19.978  -6.797  1.00 52.63 ? 45   PRO A CG  1 
ATOM   363  C CD  . PRO A 1 46  ? -2.067  19.242  -6.219  1.00 51.14 ? 45   PRO A CD  1 
ATOM   364  N N   . THR A 1 47  ? -1.065  17.145  -9.240  1.00 52.12 ? 46   THR A N   1 
ATOM   365  C CA  . THR A 1 47  ? -0.337  16.276  -10.200 1.00 52.18 ? 46   THR A CA  1 
ATOM   366  C C   . THR A 1 47  ? 0.762   15.390  -9.528  1.00 51.57 ? 46   THR A C   1 
ATOM   367  O O   . THR A 1 47  ? 1.264   15.697  -8.417  1.00 50.82 ? 46   THR A O   1 
ATOM   368  C CB  . THR A 1 47  ? 0.174   17.069  -11.458 1.00 53.10 ? 46   THR A CB  1 
ATOM   369  O OG1 . THR A 1 47  ? 0.166   16.222  -12.618 1.00 55.67 ? 46   THR A OG1 1 
ATOM   370  C CG2 . THR A 1 47  ? 1.580   17.641  -11.252 1.00 52.37 ? 46   THR A CG2 1 
ATOM   371  N N   . ILE A 1 48  ? 1.066   14.251  -10.165 1.00 50.58 ? 47   ILE A N   1 
ATOM   372  C CA  . ILE A 1 48  ? 2.117   13.349  -9.664  1.00 49.43 ? 47   ILE A CA  1 
ATOM   373  C C   . ILE A 1 48  ? 3.057   12.889  -10.763 1.00 49.38 ? 47   ILE A C   1 
ATOM   374  O O   . ILE A 1 48  ? 2.697   12.908  -11.957 1.00 49.39 ? 47   ILE A O   1 
ATOM   375  C CB  . ILE A 1 48  ? 1.573   12.109  -8.895  1.00 48.53 ? 47   ILE A CB  1 
ATOM   376  C CG1 . ILE A 1 48  ? 0.609   11.322  -9.774  1.00 48.47 ? 47   ILE A CG1 1 
ATOM   377  C CG2 . ILE A 1 48  ? 0.942   12.508  -7.535  1.00 47.88 ? 47   ILE A CG2 1 
ATOM   378  C CD1 . ILE A 1 48  ? 0.285   9.957   -9.187  1.00 48.59 ? 47   ILE A CD1 1 
ATOM   379  N N   . LEU A 1 49  ? 4.266   12.493  -10.339 1.00 49.18 ? 48   LEU A N   1 
ATOM   380  C CA  . LEU A 1 49  ? 5.235   11.791  -11.202 1.00 49.22 ? 48   LEU A CA  1 
ATOM   381  C C   . LEU A 1 49  ? 5.045   10.284  -11.054 1.00 49.19 ? 48   LEU A C   1 
ATOM   382  O O   . LEU A 1 49  ? 5.283   9.740   -9.988  1.00 48.89 ? 48   LEU A O   1 
ATOM   383  C CB  . LEU A 1 49  ? 6.668   12.161  -10.810 1.00 49.14 ? 48   LEU A CB  1 
ATOM   384  C CG  . LEU A 1 49  ? 7.426   12.950  -11.864 1.00 49.22 ? 48   LEU A CG  1 
ATOM   385  C CD1 . LEU A 1 49  ? 6.556   14.145  -12.299 1.00 53.50 ? 48   LEU A CD1 1 
ATOM   386  C CD2 . LEU A 1 49  ? 8.821   13.388  -11.376 1.00 47.34 ? 48   LEU A CD2 1 
ATOM   387  N N   . MET A 1 50  ? 4.595   9.625   -12.117 1.00 48.95 ? 49   MET A N   1 
ATOM   388  C CA  . MET A 1 50  ? 4.391   8.201   -12.082 1.00 48.53 ? 49   MET A CA  1 
ATOM   389  C C   . MET A 1 50  ? 5.343   7.591   -13.094 1.00 48.58 ? 49   MET A C   1 
ATOM   390  O O   . MET A 1 50  ? 5.248   7.874   -14.297 1.00 48.41 ? 49   MET A O   1 
ATOM   391  C CB  . MET A 1 50  ? 2.946   7.873   -12.403 1.00 48.64 ? 49   MET A CB  1 
ATOM   392  C CG  . MET A 1 50  ? 2.694   6.422   -12.697 1.00 49.20 ? 49   MET A CG  1 
ATOM   393  S SD  . MET A 1 50  ? 0.942   6.138   -12.927 1.00 50.29 ? 49   MET A SD  1 
ATOM   394  C CE  . MET A 1 50  ? 0.898   4.456   -13.499 1.00 48.00 ? 49   MET A CE  1 
ATOM   395  N N   . ASN A 1 51  ? 6.281   6.784   -12.598 1.00 47.52 ? 50   ASN A N   1 
ATOM   396  C CA  . ASN A 1 51  ? 7.423   6.331   -13.395 1.00 47.72 ? 50   ASN A CA  1 
ATOM   397  C C   . ASN A 1 51  ? 8.062   7.473   -14.192 1.00 48.93 ? 50   ASN A C   1 
ATOM   398  O O   . ASN A 1 51  ? 8.212   7.379   -15.388 1.00 49.49 ? 50   ASN A O   1 
ATOM   399  C CB  . ASN A 1 51  ? 7.020   5.201   -14.340 1.00 46.83 ? 50   ASN A CB  1 
ATOM   400  C CG  . ASN A 1 51  ? 6.496   3.966   -13.601 1.00 44.34 ? 50   ASN A CG  1 
ATOM   401  O OD1 . ASN A 1 51  ? 6.921   3.628   -12.473 1.00 37.02 ? 50   ASN A OD1 1 
ATOM   402  N ND2 . ASN A 1 51  ? 5.553   3.294   -14.231 1.00 42.07 ? 50   ASN A ND2 1 
ATOM   403  N N   . ASP A 1 52  ? 8.390   8.569   -13.517 1.00 49.60 ? 51   ASP A N   1 
ATOM   404  C CA  . ASP A 1 52  ? 9.038   9.714   -14.130 1.00 51.10 ? 51   ASP A CA  1 
ATOM   405  C C   . ASP A 1 52  ? 8.140   10.516  -15.083 1.00 52.06 ? 51   ASP A C   1 
ATOM   406  O O   . ASP A 1 52  ? 8.631   11.377  -15.813 1.00 52.46 ? 51   ASP A O   1 
ATOM   407  C CB  . ASP A 1 52  ? 10.325  9.311   -14.851 1.00 51.02 ? 51   ASP A CB  1 
ATOM   408  C CG  . ASP A 1 52  ? 11.324  8.633   -13.939 1.00 51.99 ? 51   ASP A CG  1 
ATOM   409  O OD1 . ASP A 1 52  ? 11.619  9.189   -12.845 1.00 54.51 ? 51   ASP A OD1 1 
ATOM   410  O OD2 . ASP A 1 52  ? 11.837  7.562   -14.327 1.00 47.49 ? 51   ASP A OD2 1 
ATOM   411  N N   . GLN A 1 53  ? 6.836   10.268  -15.063 1.00 52.92 ? 52   GLN A N   1 
ATOM   412  C CA  . GLN A 1 53  ? 5.943   11.024  -15.922 1.00 53.61 ? 52   GLN A CA  1 
ATOM   413  C C   . GLN A 1 53  ? 4.807   11.733  -15.216 1.00 53.96 ? 52   GLN A C   1 
ATOM   414  O O   . GLN A 1 53  ? 4.047   11.151  -14.446 1.00 53.29 ? 52   GLN A O   1 
ATOM   415  C CB  . GLN A 1 53  ? 5.399   10.135  -17.027 1.00 54.05 ? 52   GLN A CB  1 
ATOM   416  C CG  . GLN A 1 53  ? 4.935   10.924  -18.246 1.00 56.38 ? 52   GLN A CG  1 
ATOM   417  C CD  . GLN A 1 53  ? 4.398   10.016  -19.321 1.00 59.47 ? 52   GLN A CD  1 
ATOM   418  O OE1 . GLN A 1 53  ? 4.651   8.797   -19.294 1.00 60.04 ? 52   GLN A OE1 1 
ATOM   419  N NE2 . GLN A 1 53  ? 3.630   10.584  -20.267 1.00 58.73 ? 52   GLN A NE2 1 
ATOM   420  N N   . GLU A 1 54  ? 4.695   13.019  -15.506 1.00 55.26 ? 53   GLU A N   1 
ATOM   421  C CA  . GLU A 1 54  ? 3.565   13.802  -15.033 1.00 56.55 ? 53   GLU A CA  1 
ATOM   422  C C   . GLU A 1 54  ? 2.210   13.163  -15.330 1.00 56.32 ? 53   GLU A C   1 
ATOM   423  O O   . GLU A 1 54  ? 1.841   12.921  -16.485 1.00 56.70 ? 53   GLU A O   1 
ATOM   424  C CB  . GLU A 1 54  ? 3.588   15.221  -15.592 1.00 57.15 ? 53   GLU A CB  1 
ATOM   425  C CG  . GLU A 1 54  ? 2.370   16.031  -15.102 1.00 59.59 ? 53   GLU A CG  1 
ATOM   426  C CD  . GLU A 1 54  ? 2.568   17.518  -15.227 1.00 62.65 ? 53   GLU A CD  1 
ATOM   427  O OE1 . GLU A 1 54  ? 2.840   17.980  -16.365 1.00 62.93 ? 53   GLU A OE1 1 
ATOM   428  O OE2 . GLU A 1 54  ? 2.450   18.214  -14.189 1.00 61.55 ? 53   GLU A OE2 1 
ATOM   429  N N   . VAL A 1 55  ? 1.484   12.886  -14.256 1.00 55.98 ? 54   VAL A N   1 
ATOM   430  C CA  . VAL A 1 55  ? 0.098   12.477  -14.353 1.00 55.57 ? 54   VAL A CA  1 
ATOM   431  C C   . VAL A 1 55  ? -0.746  13.346  -13.419 1.00 55.79 ? 54   VAL A C   1 
ATOM   432  O O   . VAL A 1 55  ? -0.393  13.528  -12.238 1.00 55.65 ? 54   VAL A O   1 
ATOM   433  C CB  . VAL A 1 55  ? -0.077  10.989  -13.960 1.00 55.47 ? 54   VAL A CB  1 
ATOM   434  C CG1 . VAL A 1 55  ? -1.535  10.575  -14.106 1.00 54.90 ? 54   VAL A CG1 1 
ATOM   435  C CG2 . VAL A 1 55  ? 0.836   10.105  -14.810 1.00 54.01 ? 54   VAL A CG2 1 
ATOM   436  N N   . GLY A 1 56  ? -1.848  13.890  -13.949 1.00 55.76 ? 55   GLY A N   1 
ATOM   437  C CA  . GLY A 1 56  ? -2.801  14.656  -13.132 1.00 55.44 ? 55   GLY A CA  1 
ATOM   438  C C   . GLY A 1 56  ? -3.744  13.736  -12.382 1.00 55.23 ? 55   GLY A C   1 
ATOM   439  O O   . GLY A 1 56  ? -4.176  12.722  -12.902 1.00 54.56 ? 55   GLY A O   1 
ATOM   440  N N   . VAL A 1 57  ? -4.064  14.114  -11.153 1.00 56.05 ? 56   VAL A N   1 
ATOM   441  C CA  . VAL A 1 57  ? -4.827  13.283  -10.240 1.00 56.86 ? 56   VAL A CA  1 
ATOM   442  C C   . VAL A 1 57  ? -6.285  13.758  -10.260 1.00 58.10 ? 56   VAL A C   1 
ATOM   443  O O   . VAL A 1 57  ? -6.601  14.798  -9.671  1.00 59.16 ? 56   VAL A O   1 
ATOM   444  C CB  . VAL A 1 57  ? -4.235  13.433  -8.798  1.00 57.02 ? 56   VAL A CB  1 
ATOM   445  C CG1 . VAL A 1 57  ? -5.042  12.650  -7.773  1.00 55.69 ? 56   VAL A CG1 1 
ATOM   446  C CG2 . VAL A 1 57  ? -2.742  13.037  -8.765  1.00 55.91 ? 56   VAL A CG2 1 
ATOM   447  N N   . LEU A 1 58  ? -7.173  13.032  -10.948 1.00 58.87 ? 57   LEU A N   1 
ATOM   448  C CA  . LEU A 1 58  ? -8.597  13.444  -11.075 1.00 58.73 ? 57   LEU A CA  1 
ATOM   449  C C   . LEU A 1 58  ? -9.342  13.577  -9.760  1.00 59.03 ? 57   LEU A C   1 
ATOM   450  O O   . LEU A 1 58  ? -10.192 14.453  -9.627  1.00 59.60 ? 57   LEU A O   1 
ATOM   451  C CB  . LEU A 1 58  ? -9.382  12.499  -11.979 1.00 58.43 ? 57   LEU A CB  1 
ATOM   452  C CG  . LEU A 1 58  ? -8.855  12.477  -13.397 1.00 57.81 ? 57   LEU A CG  1 
ATOM   453  C CD1 . LEU A 1 58  ? -9.720  11.549  -14.239 1.00 57.62 ? 57   LEU A CD1 1 
ATOM   454  C CD2 . LEU A 1 58  ? -8.792  13.911  -13.948 1.00 56.91 ? 57   LEU A CD2 1 
ATOM   455  N N   . ASP A 1 59  ? -9.029  12.723  -8.791  1.00 58.78 ? 58   ASP A N   1 
ATOM   456  C CA  . ASP A 1 59  ? -9.696  12.778  -7.489  1.00 58.99 ? 58   ASP A CA  1 
ATOM   457  C C   . ASP A 1 59  ? -8.838  12.104  -6.412  1.00 58.79 ? 58   ASP A C   1 
ATOM   458  O O   . ASP A 1 59  ? -7.832  11.491  -6.731  1.00 58.84 ? 58   ASP A O   1 
ATOM   459  C CB  . ASP A 1 59  ? -11.096 12.148  -7.581  1.00 59.13 ? 58   ASP A CB  1 
ATOM   460  C CG  . ASP A 1 59  ? -11.963 12.472  -6.386  1.00 59.25 ? 58   ASP A CG  1 
ATOM   461  O OD1 . ASP A 1 59  ? -11.834 13.597  -5.828  1.00 59.07 ? 58   ASP A OD1 1 
ATOM   462  O OD2 . ASP A 1 59  ? -12.763 11.592  -5.996  1.00 59.46 ? 58   ASP A OD2 1 
ATOM   463  N N   . ALA A 1 60  ? -9.222  12.243  -5.144  1.00 58.95 ? 59   ALA A N   1 
ATOM   464  C CA  . ALA A 1 60  ? -8.450  11.693  -4.020  1.00 59.38 ? 59   ALA A CA  1 
ATOM   465  C C   . ALA A 1 60  ? -9.293  11.594  -2.751  1.00 59.18 ? 59   ALA A C   1 
ATOM   466  O O   . ALA A 1 60  ? -9.927  12.571  -2.357  1.00 59.65 ? 59   ALA A O   1 
ATOM   467  C CB  . ALA A 1 60  ? -7.187  12.547  -3.756  1.00 59.16 ? 59   ALA A CB  1 
ATOM   468  N N   . LYS A 1 61  ? -9.279  10.431  -2.107  1.00 58.36 ? 60   LYS A N   1 
ATOM   469  C CA  . LYS A 1 61  ? -10.106 10.185  -0.946  1.00 57.89 ? 60   LYS A CA  1 
ATOM   470  C C   . LYS A 1 61  ? -9.255  9.732   0.201   1.00 57.54 ? 60   LYS A C   1 
ATOM   471  O O   . LYS A 1 61  ? -8.729  8.620   0.198   1.00 57.71 ? 60   LYS A O   1 
ATOM   472  C CB  . LYS A 1 61  ? -11.124 9.078   -1.207  1.00 58.11 ? 60   LYS A CB  1 
ATOM   473  C CG  . LYS A 1 61  ? -12.060 9.273   -2.373  1.00 59.27 ? 60   LYS A CG  1 
ATOM   474  C CD  . LYS A 1 61  ? -13.093 8.148   -2.370  1.00 61.88 ? 60   LYS A CD  1 
ATOM   475  C CE  . LYS A 1 61  ? -13.407 7.666   -3.785  1.00 63.51 ? 60   LYS A CE  1 
ATOM   476  N NZ  . LYS A 1 61  ? -13.961 8.730   -4.693  1.00 64.53 ? 60   LYS A NZ  1 
ATOM   477  N N   . GLU A 1 62  ? -9.142  10.597  1.193   1.00 56.86 ? 61   GLU A N   1 
ATOM   478  C CA  . GLU A 1 62  ? -8.425  10.295  2.409   1.00 56.34 ? 61   GLU A CA  1 
ATOM   479  C C   . GLU A 1 62  ? -9.352  9.517   3.325   1.00 55.80 ? 61   GLU A C   1 
ATOM   480  O O   . GLU A 1 62  ? -10.319 10.072  3.876   1.00 55.69 ? 61   GLU A O   1 
ATOM   481  C CB  . GLU A 1 62  ? -7.976  11.598  3.055   1.00 57.04 ? 61   GLU A CB  1 
ATOM   482  C CG  . GLU A 1 62  ? -7.595  12.676  2.024   1.00 58.73 ? 61   GLU A CG  1 
ATOM   483  C CD  . GLU A 1 62  ? -6.318  13.416  2.379   1.00 61.89 ? 61   GLU A CD  1 
ATOM   484  O OE1 . GLU A 1 62  ? -5.761  13.152  3.485   1.00 61.75 ? 61   GLU A OE1 1 
ATOM   485  O OE2 . GLU A 1 62  ? -5.873  14.242  1.529   1.00 63.37 ? 61   GLU A OE2 1 
ATOM   486  N N   . LEU A 1 63  ? -9.073  8.227   3.478   1.00 53.89 ? 62   LEU A N   1 
ATOM   487  C CA  . LEU A 1 63  ? -10.006 7.320   4.128   1.00 52.05 ? 62   LEU A CA  1 
ATOM   488  C C   . LEU A 1 63  ? -10.002 7.315   5.663   1.00 51.35 ? 62   LEU A C   1 
ATOM   489  O O   . LEU A 1 63  ? -8.942  7.205   6.330   1.00 50.19 ? 62   LEU A O   1 
ATOM   490  C CB  . LEU A 1 63  ? -9.824  5.892   3.593   1.00 51.52 ? 62   LEU A CB  1 
ATOM   491  C CG  . LEU A 1 63  ? -9.814  5.654   2.077   1.00 51.10 ? 62   LEU A CG  1 
ATOM   492  C CD1 . LEU A 1 63  ? -9.642  4.134   1.772   1.00 51.08 ? 62   LEU A CD1 1 
ATOM   493  C CD2 . LEU A 1 63  ? -11.033 6.224   1.345   1.00 49.43 ? 62   LEU A CD2 1 
ATOM   494  N N   . VAL A 1 64  ? -11.223 7.419   6.197   1.00 50.39 ? 63   VAL A N   1 
ATOM   495  C CA  . VAL A 1 64  ? -11.523 7.290   7.631   1.00 50.01 ? 63   VAL A CA  1 
ATOM   496  C C   . VAL A 1 64  ? -12.746 6.373   7.837   1.00 50.29 ? 63   VAL A C   1 
ATOM   497  O O   . VAL A 1 64  ? -13.618 6.262   6.954   1.00 49.73 ? 63   VAL A O   1 
ATOM   498  C CB  . VAL A 1 64  ? -11.799 8.654   8.287   1.00 50.36 ? 63   VAL A CB  1 
ATOM   499  C CG1 . VAL A 1 64  ? -10.507 9.429   8.496   1.00 49.25 ? 63   VAL A CG1 1 
ATOM   500  C CG2 . VAL A 1 64  ? -12.801 9.467   7.437   1.00 50.51 ? 63   VAL A CG2 1 
ATOM   501  N N   . ASP A 1 65  ? -12.781 5.689   8.984   1.00 50.78 ? 64   ASP A N   1 
ATOM   502  C CA  . ASP A 1 65  ? -13.916 4.812   9.316   1.00 51.21 ? 64   ASP A CA  1 
ATOM   503  C C   . ASP A 1 65  ? -15.073 5.664   9.785   1.00 51.30 ? 64   ASP A C   1 
ATOM   504  O O   . ASP A 1 65  ? -15.010 6.900   9.724   1.00 51.46 ? 64   ASP A O   1 
ATOM   505  C CB  . ASP A 1 65  ? -13.553 3.702   10.327  1.00 50.87 ? 64   ASP A CB  1 
ATOM   506  C CG  . ASP A 1 65  ? -13.251 4.222   11.728  1.00 51.88 ? 64   ASP A CG  1 
ATOM   507  O OD1 . ASP A 1 65  ? -13.487 5.416   12.043  1.00 53.79 ? 64   ASP A OD1 1 
ATOM   508  O OD2 . ASP A 1 65  ? -12.785 3.398   12.538  1.00 54.90 ? 64   ASP A OD2 1 
ATOM   509  N N   . LYS A 1 66  ? -16.113 4.993   10.259  1.00 52.14 ? 65   LYS A N   1 
ATOM   510  C CA  . LYS A 1 66  ? -17.384 5.639   10.610  1.00 52.84 ? 65   LYS A CA  1 
ATOM   511  C C   . LYS A 1 66  ? -17.239 6.715   11.702  1.00 52.22 ? 65   LYS A C   1 
ATOM   512  O O   . LYS A 1 66  ? -17.633 7.891   11.516  1.00 51.67 ? 65   LYS A O   1 
ATOM   513  C CB  . LYS A 1 66  ? -18.410 4.544   10.954  1.00 52.93 ? 65   LYS A CB  1 
ATOM   514  C CG  . LYS A 1 66  ? -18.690 3.621   9.727   1.00 55.12 ? 65   LYS A CG  1 
ATOM   515  C CD  . LYS A 1 66  ? -18.961 4.490   8.457   1.00 57.46 ? 65   LYS A CD  1 
ATOM   516  C CE  . LYS A 1 66  ? -19.209 3.696   7.170   1.00 59.65 ? 65   LYS A CE  1 
ATOM   517  N NZ  . LYS A 1 66  ? -20.533 2.988   7.164   1.00 62.40 ? 65   LYS A NZ  1 
ATOM   518  N N   . ASP A 1 67  ? -16.615 6.307   12.806  1.00 52.01 ? 66   ASP A N   1 
ATOM   519  C CA  . ASP A 1 67  ? -16.286 7.195   13.884  1.00 52.02 ? 66   ASP A CA  1 
ATOM   520  C C   . ASP A 1 67  ? -15.297 8.279   13.458  1.00 51.55 ? 66   ASP A C   1 
ATOM   521  O O   . ASP A 1 67  ? -14.878 9.073   14.304  1.00 52.00 ? 66   ASP A O   1 
ATOM   522  C CB  . ASP A 1 67  ? -15.698 6.402   15.059  1.00 52.73 ? 66   ASP A CB  1 
ATOM   523  C CG  . ASP A 1 67  ? -16.673 5.388   15.638  1.00 55.64 ? 66   ASP A CG  1 
ATOM   524  O OD1 . ASP A 1 67  ? -17.890 5.481   15.330  1.00 57.45 ? 66   ASP A OD1 1 
ATOM   525  O OD2 . ASP A 1 67  ? -16.207 4.496   16.416  1.00 59.71 ? 66   ASP A OD2 1 
ATOM   526  N N   . GLY A 1 68  ? -14.914 8.297   12.170  1.00 50.43 ? 67   GLY A N   1 
ATOM   527  C CA  . GLY A 1 68  ? -13.932 9.252   11.604  1.00 48.79 ? 67   GLY A CA  1 
ATOM   528  C C   . GLY A 1 68  ? -12.443 8.956   11.816  1.00 48.08 ? 67   GLY A C   1 
ATOM   529  O O   . GLY A 1 68  ? -11.583 9.724   11.420  1.00 47.61 ? 67   GLY A O   1 
ATOM   530  N N   . THR A 1 69  ? -12.128 7.851   12.458  1.00 46.78 ? 68   THR A N   1 
ATOM   531  C CA  . THR A 1 69  ? -10.753 7.557   12.805  1.00 46.57 ? 68   THR A CA  1 
ATOM   532  C C   . THR A 1 69  ? -9.891  7.277   11.579  1.00 46.16 ? 68   THR A C   1 
ATOM   533  O O   . THR A 1 69  ? -10.350 6.709   10.577  1.00 46.15 ? 68   THR A O   1 
ATOM   534  C CB  . THR A 1 69  ? -10.682 6.363   13.765  1.00 47.15 ? 68   THR A CB  1 
ATOM   535  O OG1 . THR A 1 69  ? -11.484 6.642   14.916  1.00 48.89 ? 68   THR A OG1 1 
ATOM   536  C CG2 . THR A 1 69  ? -9.246  6.046   14.192  1.00 48.03 ? 68   THR A CG2 1 
ATOM   537  N N   . ASN A 1 70  ? -8.649  7.746   11.667  1.00 44.86 ? 69   ASN A N   1 
ATOM   538  C CA  . ASN A 1 70  ? -7.640  7.563   10.626  1.00 43.39 ? 69   ASN A CA  1 
ATOM   539  C C   . ASN A 1 70  ? -7.436  6.091   10.177  1.00 42.06 ? 69   ASN A C   1 
ATOM   540  O O   . ASN A 1 70  ? -7.312  5.144   10.996  1.00 40.31 ? 69   ASN A O   1 
ATOM   541  C CB  . ASN A 1 70  ? -6.325  8.231   11.043  1.00 42.99 ? 69   ASN A CB  1 
ATOM   542  C CG  . ASN A 1 70  ? -5.228  8.120   9.968   1.00 42.46 ? 69   ASN A CG  1 
ATOM   543  O OD1 . ASN A 1 70  ? -5.438  8.439   8.780   1.00 35.95 ? 69   ASN A OD1 1 
ATOM   544  N ND2 . ASN A 1 70  ? -4.056  7.634   10.393  1.00 37.78 ? 69   ASN A ND2 1 
ATOM   545  N N   . LEU A 1 71  ? -7.469  5.931   8.860   1.00 41.98 ? 70   LEU A N   1 
ATOM   546  C CA  . LEU A 1 71  ? -7.184  4.649   8.209   1.00 41.50 ? 70   LEU A CA  1 
ATOM   547  C C   . LEU A 1 71  ? -5.894  4.704   7.416   1.00 42.19 ? 70   LEU A C   1 
ATOM   548  O O   . LEU A 1 71  ? -5.290  3.631   7.124   1.00 42.49 ? 70   LEU A O   1 
ATOM   549  C CB  . LEU A 1 71  ? -8.319  4.239   7.290   1.00 41.28 ? 70   LEU A CB  1 
ATOM   550  C CG  . LEU A 1 71  ? -9.588  3.759   7.965   1.00 40.10 ? 70   LEU A CG  1 
ATOM   551  C CD1 . LEU A 1 71  ? -10.582 3.561   6.831   1.00 41.34 ? 70   LEU A CD1 1 
ATOM   552  C CD2 . LEU A 1 71  ? -9.316  2.435   8.723   1.00 37.71 ? 70   LEU A CD2 1 
ATOM   553  N N   . GLU A 1 72  ? -5.500  5.928   7.038   1.00 41.79 ? 71   GLU A N   1 
ATOM   554  C CA  . GLU A 1 72  ? -4.148  6.222   6.530   1.00 41.13 ? 71   GLU A CA  1 
ATOM   555  C C   . GLU A 1 72  ? -3.926  5.811   5.093   1.00 41.52 ? 71   GLU A C   1 
ATOM   556  O O   . GLU A 1 72  ? -2.801  5.540   4.698   1.00 41.61 ? 71   GLU A O   1 
ATOM   557  C CB  . GLU A 1 72  ? -3.074  5.531   7.380   1.00 41.27 ? 71   GLU A CB  1 
ATOM   558  C CG  . GLU A 1 72  ? -1.629  6.003   7.090   1.00 40.65 ? 71   GLU A CG  1 
ATOM   559  C CD  . GLU A 1 72  ? -1.418  7.491   7.382   1.00 45.93 ? 71   GLU A CD  1 
ATOM   560  O OE1 . GLU A 1 72  ? -2.090  8.020   8.309   1.00 45.02 ? 71   GLU A OE1 1 
ATOM   561  O OE2 . GLU A 1 72  ? -0.577  8.123   6.684   1.00 47.55 ? 71   GLU A OE2 1 
ATOM   562  N N   . LEU A 1 73  ? -4.987  5.727   4.320   1.00 42.17 ? 72   LEU A N   1 
ATOM   563  C CA  . LEU A 1 73  ? -4.841  5.421   2.902   1.00 41.13 ? 72   LEU A CA  1 
ATOM   564  C C   . LEU A 1 73  ? -5.491  6.563   2.190   1.00 41.81 ? 72   LEU A C   1 
ATOM   565  O O   . LEU A 1 73  ? -6.442  7.125   2.723   1.00 41.74 ? 72   LEU A O   1 
ATOM   566  C CB  . LEU A 1 73  ? -5.572  4.122   2.523   1.00 40.46 ? 72   LEU A CB  1 
ATOM   567  C CG  . LEU A 1 73  ? -5.129  2.827   3.219   1.00 38.48 ? 72   LEU A CG  1 
ATOM   568  C CD1 . LEU A 1 73  ? -6.195  1.789   3.061   1.00 35.35 ? 72   LEU A CD1 1 
ATOM   569  C CD2 . LEU A 1 73  ? -3.755  2.368   2.696   1.00 33.56 ? 72   LEU A CD2 1 
ATOM   570  N N   . THR A 1 74  ? -4.968  6.884   1.002   1.00 42.66 ? 73   THR A N   1 
ATOM   571  C CA  . THR A 1 74  ? -5.523  7.853   0.092   1.00 43.68 ? 73   THR A CA  1 
ATOM   572  C C   . THR A 1 74  ? -5.694  7.089   -1.183  1.00 45.48 ? 73   THR A C   1 
ATOM   573  O O   . THR A 1 74  ? -4.782  6.336   -1.600  1.00 45.40 ? 73   THR A O   1 
ATOM   574  C CB  . THR A 1 74  ? -4.531  9.033   -0.175  1.00 43.97 ? 73   THR A CB  1 
ATOM   575  O OG1 . THR A 1 74  ? -4.196  9.685   1.056   1.00 44.54 ? 73   THR A OG1 1 
ATOM   576  C CG2 . THR A 1 74  ? -5.122  10.089  -1.159  1.00 42.39 ? 73   THR A CG2 1 
ATOM   577  N N   . LEU A 1 75  ? -6.853  7.247   -1.803  1.00 46.69 ? 74   LEU A N   1 
ATOM   578  C CA  . LEU A 1 75  ? -7.093  6.670   -3.109  1.00 48.76 ? 74   LEU A CA  1 
ATOM   579  C C   . LEU A 1 75  ? -7.136  7.804   -4.104  1.00 49.98 ? 74   LEU A C   1 
ATOM   580  O O   . LEU A 1 75  ? -7.505  8.925   -3.770  1.00 51.17 ? 74   LEU A O   1 
ATOM   581  C CB  . LEU A 1 75  ? -8.364  5.809   -3.149  1.00 49.43 ? 74   LEU A CB  1 
ATOM   582  C CG  . LEU A 1 75  ? -8.711  4.872   -1.957  1.00 48.85 ? 74   LEU A CG  1 
ATOM   583  C CD1 . LEU A 1 75  ? -9.999  4.141   -2.168  1.00 50.48 ? 74   LEU A CD1 1 
ATOM   584  C CD2 . LEU A 1 75  ? -7.654  3.857   -1.682  1.00 50.04 ? 74   LEU A CD2 1 
ATOM   585  N N   . LEU A 1 76  ? -6.683  7.532   -5.315  1.00 51.06 ? 75   LEU A N   1 
ATOM   586  C CA  . LEU A 1 76  ? -6.574  8.558   -6.322  1.00 52.04 ? 75   LEU A CA  1 
ATOM   587  C C   . LEU A 1 76  ? -6.941  7.998   -7.652  1.00 53.05 ? 75   LEU A C   1 
ATOM   588  O O   . LEU A 1 76  ? -6.635  6.845   -7.951  1.00 53.64 ? 75   LEU A O   1 
ATOM   589  C CB  . LEU A 1 76  ? -5.157  9.191   -6.364  1.00 51.64 ? 75   LEU A CB  1 
ATOM   590  C CG  . LEU A 1 76  ? -3.903  8.561   -5.736  1.00 49.78 ? 75   LEU A CG  1 
ATOM   591  C CD1 . LEU A 1 76  ? -3.726  7.131   -6.126  1.00 46.03 ? 75   LEU A CD1 1 
ATOM   592  C CD2 . LEU A 1 76  ? -2.694  9.326   -6.176  1.00 46.20 ? 75   LEU A CD2 1 
ATOM   593  N N   . LYS A 1 77  ? -7.659  8.801   -8.425  1.00 54.97 ? 76   LYS A N   1 
ATOM   594  C CA  . LYS A 1 77  ? -8.030  8.440   -9.777  1.00 56.70 ? 76   LYS A CA  1 
ATOM   595  C C   . LYS A 1 77  ? -7.180  9.279   -10.701 1.00 57.71 ? 76   LYS A C   1 
ATOM   596  O O   . LYS A 1 77  ? -6.977  10.476  -10.455 1.00 57.99 ? 76   LYS A O   1 
ATOM   597  C CB  . LYS A 1 77  ? -9.529  8.671   -10.022 1.00 57.27 ? 76   LYS A CB  1 
ATOM   598  C CG  . LYS A 1 77  ? -9.927  8.731   -11.507 1.00 58.61 ? 76   LYS A CG  1 
ATOM   599  C CD  . LYS A 1 77  ? -11.274 8.075   -11.811 1.00 61.70 ? 76   LYS A CD  1 
ATOM   600  C CE  . LYS A 1 77  ? -11.093 6.638   -12.336 1.00 62.48 ? 76   LYS A CE  1 
ATOM   601  N NZ  . LYS A 1 77  ? -12.412 6.006   -12.587 1.00 65.00 ? 76   LYS A NZ  1 
ATOM   602  N N   . LEU A 1 78  ? -6.705  8.661   -11.774 1.00 58.88 ? 77   LEU A N   1 
ATOM   603  C CA  . LEU A 1 78  ? -5.640  9.237   -12.578 1.00 60.65 ? 77   LEU A CA  1 
ATOM   604  C C   . LEU A 1 78  ? -6.072  9.399   -14.017 1.00 61.89 ? 77   LEU A C   1 
ATOM   605  O O   . LEU A 1 78  ? -6.469  8.429   -14.669 1.00 61.69 ? 77   LEU A O   1 
ATOM   606  C CB  . LEU A 1 78  ? -4.386  8.325   -12.535 1.00 60.25 ? 77   LEU A CB  1 
ATOM   607  C CG  . LEU A 1 78  ? -3.671  8.040   -11.194 1.00 60.18 ? 77   LEU A CG  1 
ATOM   608  C CD1 . LEU A 1 78  ? -2.893  6.743   -11.265 1.00 58.78 ? 77   LEU A CD1 1 
ATOM   609  C CD2 . LEU A 1 78  ? -2.758  9.189   -10.775 1.00 59.16 ? 77   LEU A CD2 1 
ATOM   610  N N   . ASN A 1 79  ? -5.963  10.600  -14.564 1.00 63.35 ? 78   ASN A N   1 
ATOM   611  C CA  . ASN A 1 79  ? -6.178  10.631  -15.999 1.00 64.70 ? 78   ASN A CA  1 
ATOM   612  C C   . ASN A 1 79  ? -4.962  10.078  -16.706 1.00 64.60 ? 78   ASN A C   1 
ATOM   613  O O   . ASN A 1 79  ? -3.949  10.754  -16.885 1.00 64.92 ? 78   ASN A O   1 
ATOM   614  C CB  . ASN A 1 79  ? -6.726  11.970  -16.565 1.00 65.60 ? 78   ASN A CB  1 
ATOM   615  C CG  . ASN A 1 79  ? -5.797  13.132  -16.342 1.00 67.57 ? 78   ASN A CG  1 
ATOM   616  O OD1 . ASN A 1 79  ? -5.098  13.197  -15.319 1.00 70.18 ? 78   ASN A OD1 1 
ATOM   617  N ND2 . ASN A 1 79  ? -5.773  14.066  -17.301 1.00 68.08 ? 78   ASN A ND2 1 
ATOM   618  N N   . ARG A 1 80  ? -5.055  8.785   -16.977 1.00 64.74 ? 79   ARG A N   1 
ATOM   619  C CA  . ARG A 1 80  ? -4.284  8.128   -18.001 1.00 64.67 ? 79   ARG A CA  1 
ATOM   620  C C   . ARG A 1 80  ? -5.338  7.336   -18.725 1.00 64.76 ? 79   ARG A C   1 
ATOM   621  O O   . ARG A 1 80  ? -6.381  7.020   -18.144 1.00 65.03 ? 79   ARG A O   1 
ATOM   622  C CB  . ARG A 1 80  ? -3.195  7.213   -17.414 1.00 64.37 ? 79   ARG A CB  1 
ATOM   623  C CG  . ARG A 1 80  ? -3.634  6.235   -16.336 1.00 64.74 ? 79   ARG A CG  1 
ATOM   624  C CD  . ARG A 1 80  ? -2.465  5.819   -15.453 1.00 63.74 ? 79   ARG A CD  1 
ATOM   625  N NE  . ARG A 1 80  ? -1.381  5.115   -16.162 1.00 62.28 ? 79   ARG A NE  1 
ATOM   626  C CZ  . ARG A 1 80  ? -1.243  3.791   -16.208 1.00 60.74 ? 79   ARG A CZ  1 
ATOM   627  N NH1 . ARG A 1 80  ? -2.134  3.003   -15.610 1.00 61.85 ? 79   ARG A NH1 1 
ATOM   628  N NH2 . ARG A 1 80  ? -0.225  3.247   -16.868 1.00 59.03 ? 79   ARG A NH2 1 
ATOM   629  N N   . ASN A 1 81  ? -5.094  7.040   -19.992 1.00 64.54 ? 80   ASN A N   1 
ATOM   630  C CA  . ASN A 1 81  ? -6.037  6.257   -20.770 1.00 64.73 ? 80   ASN A CA  1 
ATOM   631  C C   . ASN A 1 81  ? -5.905  4.780   -20.435 1.00 64.25 ? 80   ASN A C   1 
ATOM   632  O O   . ASN A 1 81  ? -6.862  4.006   -20.546 1.00 64.62 ? 80   ASN A O   1 
ATOM   633  C CB  . ASN A 1 81  ? -5.835  6.530   -22.262 1.00 65.36 ? 80   ASN A CB  1 
ATOM   634  C CG  . ASN A 1 81  ? -5.435  7.981   -22.534 1.00 66.57 ? 80   ASN A CG  1 
ATOM   635  O OD1 . ASN A 1 81  ? -6.169  8.917   -22.201 1.00 67.61 ? 80   ASN A OD1 1 
ATOM   636  N ND2 . ASN A 1 81  ? -4.245  8.170   -23.110 1.00 67.48 ? 80   ASN A ND2 1 
ATOM   637  N N   . GLU A 1 82  ? -4.718  4.396   -19.976 1.00 63.78 ? 81   GLU A N   1 
ATOM   638  C CA  . GLU A 1 82  ? -4.466  3.013   -19.557 1.00 62.65 ? 81   GLU A CA  1 
ATOM   639  C C   . GLU A 1 82  ? -5.212  2.627   -18.266 1.00 61.43 ? 81   GLU A C   1 
ATOM   640  O O   . GLU A 1 82  ? -5.332  3.421   -17.309 1.00 61.25 ? 81   GLU A O   1 
ATOM   641  C CB  . GLU A 1 82  ? -2.958  2.755   -19.433 1.00 63.28 ? 81   GLU A CB  1 
ATOM   642  C CG  . GLU A 1 82  ? -2.536  1.331   -19.715 1.00 64.63 ? 81   GLU A CG  1 
ATOM   643  C CD  . GLU A 1 82  ? -1.114  1.090   -19.275 1.00 68.42 ? 81   GLU A CD  1 
ATOM   644  O OE1 . GLU A 1 82  ? -0.191  1.554   -19.983 1.00 68.58 ? 81   GLU A OE1 1 
ATOM   645  O OE2 . GLU A 1 82  ? -0.921  0.453   -18.215 1.00 68.85 ? 81   GLU A OE2 1 
ATOM   646  N N   . LYS A 1 83  ? -5.713  1.391   -18.275 1.00 59.71 ? 82   LYS A N   1 
ATOM   647  C CA  . LYS A 1 83  ? -6.494  0.824   -17.189 1.00 57.72 ? 82   LYS A CA  1 
ATOM   648  C C   . LYS A 1 83  ? -5.674  -0.253  -16.484 1.00 55.72 ? 82   LYS A C   1 
ATOM   649  O O   . LYS A 1 83  ? -5.108  -1.132  -17.143 1.00 55.14 ? 82   LYS A O   1 
ATOM   650  C CB  . LYS A 1 83  ? -7.763  0.194   -17.748 1.00 57.94 ? 82   LYS A CB  1 
ATOM   651  C CG  . LYS A 1 83  ? -8.809  1.201   -18.084 1.00 60.04 ? 82   LYS A CG  1 
ATOM   652  C CD  . LYS A 1 83  ? -10.051 0.537   -18.664 1.00 63.40 ? 82   LYS A CD  1 
ATOM   653  C CE  . LYS A 1 83  ? -11.015 1.583   -19.247 1.00 63.41 ? 82   LYS A CE  1 
ATOM   654  N NZ  . LYS A 1 83  ? -12.440 1.134   -19.110 1.00 63.12 ? 82   LYS A NZ  1 
ATOM   655  N N   . PHE A 1 84  ? -5.600  -0.159  -15.156 1.00 53.10 ? 83   PHE A N   1 
ATOM   656  C CA  . PHE A 1 84  ? -4.884  -1.134  -14.320 1.00 50.77 ? 83   PHE A CA  1 
ATOM   657  C C   . PHE A 1 84  ? -5.583  -2.476  -14.407 1.00 49.84 ? 83   PHE A C   1 
ATOM   658  O O   . PHE A 1 84  ? -6.806  -2.548  -14.339 1.00 49.80 ? 83   PHE A O   1 
ATOM   659  C CB  . PHE A 1 84  ? -4.915  -0.725  -12.831 1.00 49.59 ? 83   PHE A CB  1 
ATOM   660  C CG  . PHE A 1 84  ? -4.235  0.584   -12.498 1.00 46.40 ? 83   PHE A CG  1 
ATOM   661  C CD1 . PHE A 1 84  ? -2.899  0.803   -12.798 1.00 45.86 ? 83   PHE A CD1 1 
ATOM   662  C CD2 . PHE A 1 84  ? -4.925  1.571   -11.810 1.00 43.02 ? 83   PHE A CD2 1 
ATOM   663  C CE1 . PHE A 1 84  ? -2.286  1.991   -12.429 1.00 44.68 ? 83   PHE A CE1 1 
ATOM   664  C CE2 . PHE A 1 84  ? -4.325  2.761   -11.455 1.00 41.55 ? 83   PHE A CE2 1 
ATOM   665  C CZ  . PHE A 1 84  ? -3.026  2.977   -11.750 1.00 44.46 ? 83   PHE A CZ  1 
ATOM   666  N N   . ARG A 1 85  ? -4.826  -3.553  -14.527 1.00 48.64 ? 84   ARG A N   1 
ATOM   667  C CA  . ARG A 1 85  ? -5.409  -4.872  -14.396 1.00 47.61 ? 84   ARG A CA  1 
ATOM   668  C C   . ARG A 1 85  ? -6.206  -4.874  -13.092 1.00 47.24 ? 84   ARG A C   1 
ATOM   669  O O   . ARG A 1 85  ? -5.689  -4.545  -12.033 1.00 45.84 ? 84   ARG A O   1 
ATOM   670  C CB  . ARG A 1 85  ? -4.296  -5.933  -14.414 1.00 48.27 ? 84   ARG A CB  1 
ATOM   671  C CG  . ARG A 1 85  ? -4.738  -7.386  -14.455 1.00 47.93 ? 84   ARG A CG  1 
ATOM   672  C CD  . ARG A 1 85  ? -4.506  -8.103  -13.141 1.00 48.85 ? 84   ARG A CD  1 
ATOM   673  N NE  . ARG A 1 85  ? -3.130  -7.978  -12.633 1.00 48.43 ? 84   ARG A NE  1 
ATOM   674  C CZ  . ARG A 1 85  ? -2.543  -8.829  -11.784 1.00 48.24 ? 84   ARG A CZ  1 
ATOM   675  N NH1 . ARG A 1 85  ? -3.176  -9.922  -11.370 1.00 50.38 ? 84   ARG A NH1 1 
ATOM   676  N NH2 . ARG A 1 85  ? -1.308  -8.606  -11.366 1.00 49.55 ? 84   ARG A NH2 1 
ATOM   677  N N   . ASP A 1 86  ? -7.485  -5.196  -13.171 1.00 46.67 ? 85   ASP A N   1 
ATOM   678  C CA  . ASP A 1 86  ? -8.325  -5.158  -11.972 1.00 46.12 ? 85   ASP A CA  1 
ATOM   679  C C   . ASP A 1 86  ? -7.892  -6.239  -11.037 1.00 44.45 ? 85   ASP A C   1 
ATOM   680  O O   . ASP A 1 86  ? -7.943  -7.388  -11.410 1.00 44.92 ? 85   ASP A O   1 
ATOM   681  C CB  . ASP A 1 86  ? -9.813  -5.349  -12.318 1.00 46.65 ? 85   ASP A CB  1 
ATOM   682  C CG  . ASP A 1 86  ? -10.702 -5.521  -11.070 1.00 48.75 ? 85   ASP A CG  1 
ATOM   683  O OD1 . ASP A 1 86  ? -10.280 -5.261  -9.919  1.00 51.21 ? 85   ASP A OD1 1 
ATOM   684  O OD2 . ASP A 1 86  ? -11.856 -5.935  -11.238 1.00 52.57 ? 85   ASP A OD2 1 
ATOM   685  N N   . ILE A 1 87  ? -7.473  -5.880  -9.818  1.00 43.23 ? 86   ILE A N   1 
ATOM   686  C CA  . ILE A 1 87  ? -6.985  -6.872  -8.839  1.00 41.45 ? 86   ILE A CA  1 
ATOM   687  C C   . ILE A 1 87  ? -7.860  -6.906  -7.613  1.00 40.93 ? 86   ILE A C   1 
ATOM   688  O O   . ILE A 1 87  ? -7.485  -7.480  -6.566  1.00 40.09 ? 86   ILE A O   1 
ATOM   689  C CB  . ILE A 1 87  ? -5.488  -6.644  -8.349  1.00 41.59 ? 86   ILE A CB  1 
ATOM   690  C CG1 . ILE A 1 87  ? -5.242  -5.191  -7.843  1.00 40.91 ? 86   ILE A CG1 1 
ATOM   691  C CG2 . ILE A 1 87  ? -4.512  -7.104  -9.404  1.00 41.11 ? 86   ILE A CG2 1 
ATOM   692  C CD1 . ILE A 1 87  ? -3.916  -5.015  -7.002  1.00 35.54 ? 86   ILE A CD1 1 
ATOM   693  N N   . ARG A 1 88  ? -9.044  -6.322  -7.739  1.00 40.02 ? 87   ARG A N   1 
ATOM   694  C CA  . ARG A 1 88  ? -9.953  -6.222  -6.588  1.00 40.35 ? 87   ARG A CA  1 
ATOM   695  C C   . ARG A 1 88  ? -10.245 -7.581  -5.911  1.00 39.94 ? 87   ARG A C   1 
ATOM   696  O O   . ARG A 1 88  ? -10.440 -7.660  -4.687  1.00 39.33 ? 87   ARG A O   1 
ATOM   697  C CB  . ARG A 1 88  ? -11.226 -5.480  -6.982  1.00 40.10 ? 87   ARG A CB  1 
ATOM   698  C CG  . ARG A 1 88  ? -11.094 -3.958  -6.925  1.00 43.10 ? 87   ARG A CG  1 
ATOM   699  C CD  . ARG A 1 88  ? -12.322 -3.278  -7.520  1.00 42.41 ? 87   ARG A CD  1 
ATOM   700  N NE  . ARG A 1 88  ? -12.531 -3.771  -8.872  1.00 48.45 ? 87   ARG A NE  1 
ATOM   701  C CZ  . ARG A 1 88  ? -13.616 -3.560  -9.612  1.00 49.31 ? 87   ARG A CZ  1 
ATOM   702  N NH1 . ARG A 1 88  ? -14.643 -2.852  -9.140  1.00 49.96 ? 87   ARG A NH1 1 
ATOM   703  N NH2 . ARG A 1 88  ? -13.666 -4.064  -10.841 1.00 51.04 ? 87   ARG A NH2 1 
ATOM   704  N N   . GLY A 1 89  ? -10.212 -8.658  -6.718  1.00 40.13 ? 88   GLY A N   1 
ATOM   705  C CA  . GLY A 1 89  ? -10.457 -10.039 -6.246  1.00 38.85 ? 88   GLY A CA  1 
ATOM   706  C C   . GLY A 1 89  ? -9.423  -10.570 -5.273  1.00 37.79 ? 88   GLY A C   1 
ATOM   707  O O   . GLY A 1 89  ? -9.646  -11.552 -4.561  1.00 36.96 ? 88   GLY A O   1 
ATOM   708  N N   . PHE A 1 90  ? -8.266  -9.912  -5.264  1.00 37.33 ? 89   PHE A N   1 
ATOM   709  C CA  . PHE A 1 90  ? -7.175  -10.250 -4.361  1.00 36.07 ? 89   PHE A CA  1 
ATOM   710  C C   . PHE A 1 90  ? -7.261  -9.597  -3.013  1.00 36.21 ? 89   PHE A C   1 
ATOM   711  O O   . PHE A 1 90  ? -6.556  -10.050 -2.084  1.00 35.31 ? 89   PHE A O   1 
ATOM   712  C CB  . PHE A 1 90  ? -5.852  -9.868  -5.020  1.00 35.48 ? 89   PHE A CB  1 
ATOM   713  C CG  . PHE A 1 90  ? -5.517  -10.733 -6.140  1.00 34.25 ? 89   PHE A CG  1 
ATOM   714  C CD1 . PHE A 1 90  ? -5.256  -12.077 -5.926  1.00 32.14 ? 89   PHE A CD1 1 
ATOM   715  C CD2 . PHE A 1 90  ? -5.538  -10.236 -7.450  1.00 36.63 ? 89   PHE A CD2 1 
ATOM   716  C CE1 . PHE A 1 90  ? -4.987  -12.942 -7.009  1.00 36.04 ? 89   PHE A CE1 1 
ATOM   717  C CE2 . PHE A 1 90  ? -5.274  -11.079 -8.540  1.00 38.97 ? 89   PHE A CE2 1 
ATOM   718  C CZ  . PHE A 1 90  ? -4.985  -12.424 -8.330  1.00 35.69 ? 89   PHE A CZ  1 
ATOM   719  N N   . LEU A 1 91  ? -8.084  -8.530  -2.927  1.00 35.22 ? 90   LEU A N   1 
ATOM   720  C CA  . LEU A 1 91  ? -8.352  -7.771  -1.692  1.00 36.39 ? 90   LEU A CA  1 
ATOM   721  C C   . LEU A 1 91  ? -9.462  -8.351  -0.828  1.00 37.08 ? 90   LEU A C   1 
ATOM   722  O O   . LEU A 1 91  ? -10.596 -8.511  -1.295  1.00 36.68 ? 90   LEU A O   1 
ATOM   723  C CB  . LEU A 1 91  ? -8.805  -6.359  -2.020  1.00 35.99 ? 90   LEU A CB  1 
ATOM   724  C CG  . LEU A 1 91  ? -7.956  -5.501  -2.932  1.00 39.56 ? 90   LEU A CG  1 
ATOM   725  C CD1 . LEU A 1 91  ? -8.693  -4.119  -3.156  1.00 39.52 ? 90   LEU A CD1 1 
ATOM   726  C CD2 . LEU A 1 91  ? -6.574  -5.372  -2.233  1.00 39.81 ? 90   LEU A CD2 1 
ATOM   727  N N   . ALA A 1 92  ? -9.137  -8.623  0.431   1.00 37.95 ? 91   ALA A N   1 
ATOM   728  C CA  . ALA A 1 92  ? -10.039 -9.239  1.388   1.00 39.48 ? 91   ALA A CA  1 
ATOM   729  C C   . ALA A 1 92  ? -11.123 -8.289  1.909   1.00 41.71 ? 91   ALA A C   1 
ATOM   730  O O   . ALA A 1 92  ? -11.072 -7.072  1.677   1.00 41.77 ? 91   ALA A O   1 
ATOM   731  C CB  . ALA A 1 92  ? -9.263  -9.857  2.533   1.00 38.47 ? 91   ALA A CB  1 
ATOM   732  N N   . LYS A 1 93  ? -12.142 -8.867  2.556   1.00 43.97 ? 92   LYS A N   1 
ATOM   733  C CA  . LYS A 1 93  ? -13.301 -8.099  3.057   1.00 45.65 ? 92   LYS A CA  1 
ATOM   734  C C   . LYS A 1 93  ? -13.038 -7.585  4.466   1.00 46.09 ? 92   LYS A C   1 
ATOM   735  O O   . LYS A 1 93  ? -13.543 -6.534  4.851   1.00 46.41 ? 92   LYS A O   1 
ATOM   736  C CB  . LYS A 1 93  ? -14.613 -8.933  2.991   1.00 46.25 ? 92   LYS A CB  1 
ATOM   737  C CG  . LYS A 1 93  ? -15.092 -9.121  1.549   1.00 48.92 ? 92   LYS A CG  1 
ATOM   738  C CD  . LYS A 1 93  ? -16.550 -9.517  1.424   1.00 52.25 ? 92   LYS A CD  1 
ATOM   739  C CE  . LYS A 1 93  ? -16.984 -9.375  -0.022  1.00 53.61 ? 92   LYS A CE  1 
ATOM   740  N NZ  . LYS A 1 93  ? -17.768 -10.580 -0.411  1.00 58.01 ? 92   LYS A NZ  1 
ATOM   741  N N   . GLU A 1 94  ? -12.262 -8.347  5.222   1.00 46.05 ? 93   GLU A N   1 
ATOM   742  C CA  . GLU A 1 94  ? -11.728 -7.882  6.460   1.00 47.21 ? 93   GLU A CA  1 
ATOM   743  C C   . GLU A 1 94  ? -10.230 -8.162  6.539   1.00 47.71 ? 93   GLU A C   1 
ATOM   744  O O   . GLU A 1 94  ? -9.689  -9.081  5.878   1.00 47.05 ? 93   GLU A O   1 
ATOM   745  C CB  . GLU A 1 94  ? -12.408 -8.575  7.629   1.00 47.99 ? 93   GLU A CB  1 
ATOM   746  C CG  . GLU A 1 94  ? -12.161 -10.063 7.667   1.00 51.22 ? 93   GLU A CG  1 
ATOM   747  C CD  . GLU A 1 94  ? -13.093 -10.805 8.606   1.00 55.99 ? 93   GLU A CD  1 
ATOM   748  O OE1 . GLU A 1 94  ? -14.291 -10.444 8.657   1.00 57.80 ? 93   GLU A OE1 1 
ATOM   749  O OE2 . GLU A 1 94  ? -12.616 -11.761 9.272   1.00 58.16 ? 93   GLU A OE2 1 
ATOM   750  N N   . GLU A 1 95  ? -9.582  -7.372  7.379   1.00 48.26 ? 94   GLU A N   1 
ATOM   751  C CA  . GLU A 1 95  ? -8.186  -7.550  7.749   1.00 48.96 ? 94   GLU A CA  1 
ATOM   752  C C   . GLU A 1 95  ? -7.757  -9.013  7.721   1.00 48.82 ? 94   GLU A C   1 
ATOM   753  O O   . GLU A 1 95  ? -8.310  -9.849  8.443   1.00 48.73 ? 94   GLU A O   1 
ATOM   754  C CB  . GLU A 1 95  ? -7.921  -6.951  9.149   1.00 49.17 ? 94   GLU A CB  1 
ATOM   755  C CG  . GLU A 1 95  ? -8.240  -5.442  9.317   1.00 49.42 ? 94   GLU A CG  1 
ATOM   756  C CD  . GLU A 1 95  ? -9.592  -5.196  10.015  1.00 52.18 ? 94   GLU A CD  1 
ATOM   757  O OE1 . GLU A 1 95  ? -10.456 -6.094  9.903   1.00 50.72 ? 94   GLU A OE1 1 
ATOM   758  O OE2 . GLU A 1 95  ? -9.775  -4.129  10.680  1.00 49.53 ? 94   GLU A OE2 1 
ATOM   759  N N   . VAL A 1 96  ? -6.760  -9.296  6.884   1.00 48.73 ? 95   VAL A N   1 
ATOM   760  C CA  . VAL A 1 96  ? -6.181  -10.633 6.762   1.00 49.36 ? 95   VAL A CA  1 
ATOM   761  C C   . VAL A 1 96  ? -5.117  -10.881 7.851   1.00 50.65 ? 95   VAL A C   1 
ATOM   762  O O   . VAL A 1 96  ? -4.552  -9.935  8.414   1.00 50.82 ? 95   VAL A O   1 
ATOM   763  C CB  . VAL A 1 96  ? -5.628  -10.841 5.334   1.00 48.99 ? 95   VAL A CB  1 
ATOM   764  C CG1 . VAL A 1 96  ? -5.051  -12.223 5.138   1.00 48.83 ? 95   VAL A CG1 1 
ATOM   765  C CG2 . VAL A 1 96  ? -6.736  -10.658 4.337   1.00 48.90 ? 95   VAL A CG2 1 
ATOM   766  N N   . GLU A 1 97  ? -4.898  -12.148 8.191   1.00 51.52 ? 96   GLU A N   1 
ATOM   767  C CA  . GLU A 1 97  ? -3.726  -12.550 8.959   1.00 52.74 ? 96   GLU A CA  1 
ATOM   768  C C   . GLU A 1 97  ? -3.092  -13.681 8.195   1.00 53.13 ? 96   GLU A C   1 
ATOM   769  O O   . GLU A 1 97  ? -3.784  -14.559 7.668   1.00 53.80 ? 96   GLU A O   1 
ATOM   770  C CB  . GLU A 1 97  ? -4.082  -13.013 10.363  1.00 53.03 ? 96   GLU A CB  1 
ATOM   771  C CG  . GLU A 1 97  ? -4.705  -11.939 11.241  1.00 54.32 ? 96   GLU A CG  1 
ATOM   772  C CD  . GLU A 1 97  ? -4.586  -12.246 12.720  1.00 56.83 ? 96   GLU A CD  1 
ATOM   773  O OE1 . GLU A 1 97  ? -4.487  -13.439 13.095  1.00 61.01 ? 96   GLU A OE1 1 
ATOM   774  O OE2 . GLU A 1 97  ? -4.590  -11.294 13.522  1.00 57.85 ? 96   GLU A OE2 1 
ATOM   775  N N   . VAL A 1 98  ? -1.780  -13.643 8.087   1.00 52.81 ? 97   VAL A N   1 
ATOM   776  C CA  . VAL A 1 98  ? -1.083  -14.713 7.394   1.00 53.33 ? 97   VAL A CA  1 
ATOM   777  C C   . VAL A 1 98  ? 0.063   -15.136 8.312   1.00 53.27 ? 97   VAL A C   1 
ATOM   778  O O   . VAL A 1 98  ? 0.332   -14.454 9.295   1.00 53.15 ? 97   VAL A O   1 
ATOM   779  C CB  . VAL A 1 98  ? -0.585  -14.236 6.018   1.00 53.05 ? 97   VAL A CB  1 
ATOM   780  C CG1 . VAL A 1 98  ? 0.750   -13.497 6.158   1.00 51.66 ? 97   VAL A CG1 1 
ATOM   781  C CG2 . VAL A 1 98  ? -0.495  -15.398 5.020   1.00 53.62 ? 97   VAL A CG2 1 
ATOM   782  N N   . ASN A 1 99  ? 0.712   -16.263 8.020   1.00 54.02 ? 98   ASN A N   1 
ATOM   783  C CA  . ASN A 1 99  ? 1.917   -16.646 8.784   1.00 54.35 ? 98   ASN A CA  1 
ATOM   784  C C   . ASN A 1 99  ? 3.223   -16.285 8.089   1.00 53.23 ? 98   ASN A C   1 
ATOM   785  O O   . ASN A 1 99  ? 4.280   -16.199 8.738   1.00 54.08 ? 98   ASN A O   1 
ATOM   786  C CB  . ASN A 1 99  ? 1.922   -18.139 9.110   1.00 55.40 ? 98   ASN A CB  1 
ATOM   787  C CG  . ASN A 1 99  ? 0.853   -18.519 10.134  1.00 56.85 ? 98   ASN A CG  1 
ATOM   788  O OD1 . ASN A 1 99  ? 0.022   -19.389 9.863   1.00 57.94 ? 98   ASN A OD1 1 
ATOM   789  N ND2 . ASN A 1 99  ? 0.878   -17.876 11.312  1.00 57.44 ? 98   ASN A ND2 1 
ATOM   790  N N   . GLU A 1 100 ? 3.144   -16.109 6.767   1.00 51.75 ? 99   GLU A N   1 
ATOM   791  C CA  . GLU A 1 100 ? 4.305   -15.752 5.946   1.00 49.77 ? 99   GLU A CA  1 
ATOM   792  C C   . GLU A 1 100 ? 3.901   -14.690 4.931   1.00 47.87 ? 99   GLU A C   1 
ATOM   793  O O   . GLU A 1 100 ? 3.268   -15.020 3.896   1.00 47.69 ? 99   GLU A O   1 
ATOM   794  C CB  . GLU A 1 100 ? 4.857   -16.985 5.187   1.00 50.54 ? 99   GLU A CB  1 
ATOM   795  C CG  . GLU A 1 100 ? 5.365   -18.146 6.069   1.00 52.63 ? 99   GLU A CG  1 
ATOM   796  C CD  . GLU A 1 100 ? 6.567   -17.795 6.971   1.00 56.53 ? 99   GLU A CD  1 
ATOM   797  O OE1 . GLU A 1 100 ? 7.107   -16.659 6.921   1.00 57.20 ? 99   GLU A OE1 1 
ATOM   798  O OE2 . GLU A 1 100 ? 6.977   -18.695 7.733   1.00 55.21 ? 99   GLU A OE2 1 
ATOM   799  N N   . ALA A 1 101 ? 4.264   -13.429 5.208   1.00 44.89 ? 100  ALA A N   1 
ATOM   800  C CA  . ALA A 1 101 ? 4.023   -12.342 4.257   1.00 40.92 ? 100  ALA A CA  1 
ATOM   801  C C   . ALA A 1 101 ? 5.347   -11.863 3.633   1.00 39.46 ? 100  ALA A C   1 
ATOM   802  O O   . ALA A 1 101 ? 6.432   -12.083 4.189   1.00 38.05 ? 100  ALA A O   1 
ATOM   803  C CB  . ALA A 1 101 ? 3.288   -11.161 4.950   1.00 40.46 ? 100  ALA A CB  1 
ATOM   804  N N   . VAL A 1 102 ? 5.214   -11.205 2.477   1.00 36.33 ? 101  VAL A N   1 
ATOM   805  C CA  . VAL A 1 102 ? 6.277   -10.540 1.793   1.00 33.63 ? 101  VAL A CA  1 
ATOM   806  C C   . VAL A 1 102 ? 5.889   -9.054  1.639   1.00 32.95 ? 101  VAL A C   1 
ATOM   807  O O   . VAL A 1 102 ? 4.744   -8.742  1.253   1.00 33.17 ? 101  VAL A O   1 
ATOM   808  C CB  . VAL A 1 102 ? 6.524   -11.199 0.450   1.00 33.11 ? 101  VAL A CB  1 
ATOM   809  C CG1 . VAL A 1 102 ? 7.406   -10.328 -0.455  1.00 31.81 ? 101  VAL A CG1 1 
ATOM   810  C CG2 . VAL A 1 102 ? 7.142   -12.627 0.648   1.00 34.62 ? 101  VAL A CG2 1 
ATOM   811  N N   . LEU A 1 103 ? 6.827   -8.150  1.943   1.00 30.17 ? 102  LEU A N   1 
ATOM   812  C CA  . LEU A 1 103 ? 6.613   -6.744  1.658   1.00 30.01 ? 102  LEU A CA  1 
ATOM   813  C C   . LEU A 1 103 ? 7.345   -6.323  0.392   1.00 29.42 ? 102  LEU A C   1 
ATOM   814  O O   . LEU A 1 103 ? 8.556   -6.556  0.261   1.00 29.88 ? 102  LEU A O   1 
ATOM   815  C CB  . LEU A 1 103 ? 7.002   -5.876  2.828   1.00 30.99 ? 102  LEU A CB  1 
ATOM   816  C CG  . LEU A 1 103 ? 6.644   -4.412  2.587   1.00 27.70 ? 102  LEU A CG  1 
ATOM   817  C CD1 . LEU A 1 103 ? 5.135   -4.107  2.751   1.00 20.82 ? 102  LEU A CD1 1 
ATOM   818  C CD2 . LEU A 1 103 ? 7.444   -3.688  3.524   1.00 27.96 ? 102  LEU A CD2 1 
ATOM   819  N N   . ALA A 1 104 ? 6.599   -5.783  -0.575  1.00 28.10 ? 103  ALA A N   1 
ATOM   820  C CA  . ALA A 1 104 ? 7.186   -5.361  -1.855  1.00 24.85 ? 103  ALA A CA  1 
ATOM   821  C C   . ALA A 1 104 ? 7.270   -3.849  -2.049  1.00 23.91 ? 103  ALA A C   1 
ATOM   822  O O   . ALA A 1 104 ? 6.295   -3.173  -1.873  1.00 23.40 ? 103  ALA A O   1 
ATOM   823  C CB  . ALA A 1 104 ? 6.474   -5.969  -2.968  1.00 25.84 ? 103  ALA A CB  1 
ATOM   824  N N   . ILE A 1 105 ? 8.412   -3.348  -2.508  1.00 22.98 ? 104  ILE A N   1 
ATOM   825  C CA  . ILE A 1 105 ? 8.728   -1.937  -2.604  1.00 25.51 ? 104  ILE A CA  1 
ATOM   826  C C   . ILE A 1 105 ? 9.305   -1.729  -3.962  1.00 26.54 ? 104  ILE A C   1 
ATOM   827  O O   . ILE A 1 105 ? 10.164  -2.510  -4.400  1.00 26.64 ? 104  ILE A O   1 
ATOM   828  C CB  . ILE A 1 105 ? 9.845   -1.527  -1.695  1.00 26.79 ? 104  ILE A CB  1 
ATOM   829  C CG1 . ILE A 1 105 ? 9.459   -1.843  -0.251  1.00 29.36 ? 104  ILE A CG1 1 
ATOM   830  C CG2 . ILE A 1 105 ? 10.083  -0.005  -1.785  1.00 25.82 ? 104  ILE A CG2 1 
ATOM   831  C CD1 . ILE A 1 105 ? 10.575  -2.439  0.441   1.00 35.65 ? 104  ILE A CD1 1 
ATOM   832  N N   . ASN A 1 106 ? 8.939   -0.619  -4.572  1.00 27.43 ? 105  ASN A N   1 
ATOM   833  C CA  . ASN A 1 106 ? 9.403   -0.342  -5.926  1.00 30.62 ? 105  ASN A CA  1 
ATOM   834  C C   . ASN A 1 106 ? 9.617   1.163   -6.077  1.00 31.60 ? 105  ASN A C   1 
ATOM   835  O O   . ASN A 1 106 ? 8.753   1.880   -6.566  1.00 33.83 ? 105  ASN A O   1 
ATOM   836  C CB  . ASN A 1 106 ? 8.394   -0.915  -6.922  1.00 29.85 ? 105  ASN A CB  1 
ATOM   837  C CG  . ASN A 1 106 ? 8.795   -0.685  -8.370  1.00 36.68 ? 105  ASN A CG  1 
ATOM   838  O OD1 . ASN A 1 106 ? 9.968   -0.480  -8.668  1.00 37.68 ? 105  ASN A OD1 1 
ATOM   839  N ND2 . ASN A 1 106 ? 7.799   -0.658  -9.267  1.00 37.03 ? 105  ASN A ND2 1 
ATOM   840  N N   . THR A 1 107 ? 10.745  1.656   -5.582  1.00 33.35 ? 106  THR A N   1 
ATOM   841  C CA  . THR A 1 107 ? 11.142  3.065   -5.771  1.00 34.89 ? 106  THR A CA  1 
ATOM   842  C C   . THR A 1 107 ? 12.601  3.214   -6.225  1.00 36.57 ? 106  THR A C   1 
ATOM   843  O O   . THR A 1 107 ? 13.267  2.217   -6.500  1.00 36.53 ? 106  THR A O   1 
ATOM   844  C CB  . THR A 1 107 ? 11.002  3.888   -4.472  1.00 33.62 ? 106  THR A CB  1 
ATOM   845  O OG1 . THR A 1 107 ? 11.952  3.433   -3.512  1.00 34.84 ? 106  THR A OG1 1 
ATOM   846  C CG2 . THR A 1 107 ? 9.583   3.841   -3.872  1.00 29.00 ? 106  THR A CG2 1 
ATOM   847  N N   . SER A 1 108 ? 13.115  4.455   -6.265  1.00 38.31 ? 107  SER A N   1 
ATOM   848  C CA  . SER A 1 108 ? 14.553  4.697   -6.489  1.00 40.20 ? 107  SER A CA  1 
ATOM   849  C C   . SER A 1 108 ? 15.463  4.221   -5.362  1.00 40.63 ? 107  SER A C   1 
ATOM   850  O O   . SER A 1 108 ? 16.533  3.671   -5.627  1.00 40.23 ? 107  SER A O   1 
ATOM   851  C CB  . SER A 1 108 ? 14.851  6.184   -6.795  1.00 41.27 ? 107  SER A CB  1 
ATOM   852  O OG  . SER A 1 108 ? 14.224  6.544   -8.028  1.00 42.55 ? 107  SER A OG  1 
ATOM   853  N N   . LYS A 1 109 ? 15.052  4.417   -4.115  1.00 41.05 ? 108  LYS A N   1 
ATOM   854  C CA  . LYS A 1 109 ? 15.847  3.919   -3.008  1.00 41.70 ? 108  LYS A CA  1 
ATOM   855  C C   . LYS A 1 109 ? 15.830  2.379   -3.012  1.00 41.34 ? 108  LYS A C   1 
ATOM   856  O O   . LYS A 1 109 ? 16.918  1.751   -2.921  1.00 42.31 ? 108  LYS A O   1 
ATOM   857  C CB  . LYS A 1 109 ? 15.406  4.513   -1.665  1.00 41.61 ? 108  LYS A CB  1 
ATOM   858  C CG  . LYS A 1 109 ? 16.550  4.693   -0.650  1.00 44.85 ? 108  LYS A CG  1 
ATOM   859  C CD  . LYS A 1 109 ? 16.057  4.652   0.820   1.00 49.74 ? 108  LYS A CD  1 
ATOM   860  C CE  . LYS A 1 109 ? 17.224  4.608   1.833   1.00 52.63 ? 108  LYS A CE  1 
ATOM   861  N NZ  . LYS A 1 109 ? 16.884  4.025   3.205   1.00 57.78 ? 108  LYS A NZ  1 
ATOM   862  N N   . PHE A 1 110 ? 14.639  1.773   -3.182  1.00 40.01 ? 109  PHE A N   1 
ATOM   863  C CA  . PHE A 1 110 ? 14.506  0.296   -3.234  1.00 37.63 ? 109  PHE A CA  1 
ATOM   864  C C   . PHE A 1 110 ? 13.825  -0.162  -4.524  1.00 37.37 ? 109  PHE A C   1 
ATOM   865  O O   . PHE A 1 110 ? 12.592  -0.321  -4.569  1.00 35.77 ? 109  PHE A O   1 
ATOM   866  C CB  . PHE A 1 110 ? 13.692  -0.179  -2.054  1.00 37.45 ? 109  PHE A CB  1 
ATOM   867  C CG  . PHE A 1 110 ? 14.099  0.457   -0.770  1.00 37.95 ? 109  PHE A CG  1 
ATOM   868  C CD1 . PHE A 1 110 ? 15.124  -0.091  -0.016  1.00 39.93 ? 109  PHE A CD1 1 
ATOM   869  C CD2 . PHE A 1 110 ? 13.462  1.611   -0.313  1.00 39.84 ? 109  PHE A CD2 1 
ATOM   870  C CE1 . PHE A 1 110 ? 15.510  0.485   1.202   1.00 39.81 ? 109  PHE A CE1 1 
ATOM   871  C CE2 . PHE A 1 110 ? 13.857  2.238   0.885   1.00 39.51 ? 109  PHE A CE2 1 
ATOM   872  C CZ  . PHE A 1 110 ? 14.900  1.655   1.661   1.00 41.79 ? 109  PHE A CZ  1 
ATOM   873  N N   . PRO A 1 111 ? 14.605  -0.381  -5.586  1.00 36.35 ? 110  PRO A N   1 
ATOM   874  C CA  . PRO A 1 111 ? 13.905  -0.838  -6.770  1.00 36.34 ? 110  PRO A CA  1 
ATOM   875  C C   . PRO A 1 111 ? 13.648  -2.347  -6.731  1.00 35.52 ? 110  PRO A C   1 
ATOM   876  O O   . PRO A 1 111 ? 14.563  -3.121  -6.489  1.00 38.12 ? 110  PRO A O   1 
ATOM   877  C CB  . PRO A 1 111 ? 14.812  -0.418  -7.931  1.00 36.26 ? 110  PRO A CB  1 
ATOM   878  C CG  . PRO A 1 111 ? 16.141  -0.146  -7.324  1.00 37.55 ? 110  PRO A CG  1 
ATOM   879  C CD  . PRO A 1 111 ? 16.009  -0.012  -5.837  1.00 37.86 ? 110  PRO A CD  1 
ATOM   880  N N   . ASN A 1 112 ? 12.404  -2.725  -6.896  1.00 33.00 ? 111  ASN A N   1 
ATOM   881  C CA  . ASN A 1 112 ? 11.972  -4.111  -6.909  1.00 33.29 ? 111  ASN A CA  1 
ATOM   882  C C   . ASN A 1 112 ? 12.682  -4.949  -5.850  1.00 31.45 ? 111  ASN A C   1 
ATOM   883  O O   . ASN A 1 112 ? 13.408  -5.868  -6.174  1.00 32.38 ? 111  ASN A O   1 
ATOM   884  C CB  . ASN A 1 112 ? 12.141  -4.689  -8.341  1.00 33.69 ? 111  ASN A CB  1 
ATOM   885  C CG  . ASN A 1 112 ? 11.091  -5.764  -8.672  1.00 38.57 ? 111  ASN A CG  1 
ATOM   886  O OD1 . ASN A 1 112 ? 9.870   -5.597  -8.413  1.00 42.63 ? 111  ASN A OD1 1 
ATOM   887  N ND2 . ASN A 1 112 ? 11.549  -6.871  -9.241  1.00 41.56 ? 111  ASN A ND2 1 
ATOM   888  N N   . MET A 1 113 ? 12.510  -4.589  -4.584  1.00 29.24 ? 112  MET A N   1 
ATOM   889  C CA  . MET A 1 113 ? 13.017  -5.376  -3.471  1.00 29.21 ? 112  MET A CA  1 
ATOM   890  C C   . MET A 1 113 ? 11.883  -5.989  -2.632  1.00 28.44 ? 112  MET A C   1 
ATOM   891  O O   . MET A 1 113 ? 10.796  -5.414  -2.543  1.00 31.19 ? 112  MET A O   1 
ATOM   892  C CB  . MET A 1 113 ? 13.928  -4.514  -2.658  1.00 28.19 ? 112  MET A CB  1 
ATOM   893  C CG  . MET A 1 113 ? 14.960  -3.778  -3.576  1.00 33.94 ? 112  MET A CG  1 
ATOM   894  S SD  . MET A 1 113 ? 16.188  -3.021  -2.508  1.00 42.04 ? 112  MET A SD  1 
ATOM   895  C CE  . MET A 1 113 ? 16.827  -4.534  -1.696  1.00 36.08 ? 112  MET A CE  1 
ATOM   896  N N   . TYR A 1 114 ? 12.109  -7.163  -2.064  1.00 26.45 ? 113  TYR A N   1 
ATOM   897  C CA  . TYR A 1 114 ? 11.070  -7.910  -1.381  1.00 25.56 ? 113  TYR A CA  1 
ATOM   898  C C   . TYR A 1 114 ? 11.637  -8.256  -0.053  1.00 25.98 ? 113  TYR A C   1 
ATOM   899  O O   . TYR A 1 114 ? 12.843  -8.516  0.048   1.00 25.54 ? 113  TYR A O   1 
ATOM   900  C CB  . TYR A 1 114 ? 10.707  -9.166  -2.165  1.00 24.32 ? 113  TYR A CB  1 
ATOM   901  C CG  . TYR A 1 114 ? 10.174  -8.771  -3.527  1.00 25.71 ? 113  TYR A CG  1 
ATOM   902  C CD1 . TYR A 1 114 ? 11.023  -8.324  -4.532  1.00 22.15 ? 113  TYR A CD1 1 
ATOM   903  C CD2 . TYR A 1 114 ? 8.794   -8.736  -3.774  1.00 25.75 ? 113  TYR A CD2 1 
ATOM   904  C CE1 . TYR A 1 114 ? 10.488  -7.897  -5.824  1.00 25.53 ? 113  TYR A CE1 1 
ATOM   905  C CE2 . TYR A 1 114 ? 8.275   -8.293  -5.073  1.00 25.45 ? 113  TYR A CE2 1 
ATOM   906  C CZ  . TYR A 1 114 ? 9.098   -7.883  -6.035  1.00 24.32 ? 113  TYR A CZ  1 
ATOM   907  O OH  . TYR A 1 114 ? 8.545   -7.476  -7.295  1.00 25.94 ? 113  TYR A OH  1 
ATOM   908  N N   . ILE A 1 115 ? 10.800  -8.184  0.951   1.00 25.31 ? 114  ILE A N   1 
ATOM   909  C CA  . ILE A 1 115 ? 11.238  -8.472  2.289   1.00 28.36 ? 114  ILE A CA  1 
ATOM   910  C C   . ILE A 1 115 ? 10.403  -9.579  2.973   1.00 30.02 ? 114  ILE A C   1 
ATOM   911  O O   . ILE A 1 115 ? 9.198   -9.411  3.140   1.00 30.53 ? 114  ILE A O   1 
ATOM   912  C CB  . ILE A 1 115 ? 11.149  -7.255  3.134   1.00 26.26 ? 114  ILE A CB  1 
ATOM   913  C CG1 . ILE A 1 115 ? 11.962  -6.108  2.512   1.00 29.52 ? 114  ILE A CG1 1 
ATOM   914  C CG2 . ILE A 1 115 ? 11.574  -7.654  4.568   1.00 28.24 ? 114  ILE A CG2 1 
ATOM   915  C CD1 . ILE A 1 115 ? 11.719  -4.709  3.127   1.00 30.14 ? 114  ILE A CD1 1 
ATOM   916  N N   . PRO A 1 116 ? 11.040  -10.680 3.418   1.00 32.55 ? 115  PRO A N   1 
ATOM   917  C CA  . PRO A 1 116 ? 10.219  -11.651 4.114   1.00 34.56 ? 115  PRO A CA  1 
ATOM   918  C C   . PRO A 1 116 ? 9.967   -11.235 5.544   1.00 37.39 ? 115  PRO A C   1 
ATOM   919  O O   . PRO A 1 116 ? 10.772  -11.543 6.481   1.00 38.52 ? 115  PRO A O   1 
ATOM   920  C CB  . PRO A 1 116 ? 11.044  -12.920 4.054   1.00 34.97 ? 115  PRO A CB  1 
ATOM   921  C CG  . PRO A 1 116 ? 12.436  -12.473 3.908   1.00 33.28 ? 115  PRO A CG  1 
ATOM   922  C CD  . PRO A 1 116 ? 12.424  -11.147 3.257   1.00 32.99 ? 115  PRO A CD  1 
ATOM   923  N N   . VAL A 1 117 ? 8.839   -10.559 5.725   1.00 39.42 ? 116  VAL A N   1 
ATOM   924  C CA  . VAL A 1 117 ? 8.489   -10.021 7.017   1.00 41.94 ? 116  VAL A CA  1 
ATOM   925  C C   . VAL A 1 117 ? 7.795   -11.105 7.837   1.00 43.69 ? 116  VAL A C   1 
ATOM   926  O O   . VAL A 1 117 ? 7.250   -10.793 8.872   1.00 45.56 ? 116  VAL A O   1 
ATOM   927  C CB  . VAL A 1 117 ? 7.574   -8.780  6.906   1.00 41.88 ? 116  VAL A CB  1 
ATOM   928  C CG1 . VAL A 1 117 ? 8.126   -7.745  5.916   1.00 43.12 ? 116  VAL A CG1 1 
ATOM   929  C CG2 . VAL A 1 117 ? 6.149   -9.177  6.489   1.00 42.33 ? 116  VAL A CG2 1 
ATOM   930  N N   . GLY A 1 118 ? 7.769   -12.347 7.342   1.00 46.51 ? 117  GLY A N   1 
ATOM   931  C CA  . GLY A 1 118 ? 7.060   -13.489 7.980   1.00 49.48 ? 117  GLY A CA  1 
ATOM   932  C C   . GLY A 1 118 ? 5.575   -13.295 8.368   1.00 51.87 ? 117  GLY A C   1 
ATOM   933  O O   . GLY A 1 118 ? 4.697   -13.172 7.488   1.00 52.59 ? 117  GLY A O   1 
ATOM   934  N N   . GLN A 1 119 ? 5.311   -13.246 9.679   1.00 52.61 ? 118  GLN A N   1 
ATOM   935  C CA  . GLN A 1 119 ? 3.959   -13.333 10.257  1.00 53.97 ? 118  GLN A CA  1 
ATOM   936  C C   . GLN A 1 119 ? 3.294   -11.979 10.580  1.00 53.28 ? 118  GLN A C   1 
ATOM   937  O O   . GLN A 1 119 ? 3.865   -11.132 11.283  1.00 52.62 ? 118  GLN A O   1 
ATOM   938  C CB  . GLN A 1 119 ? 3.996   -14.178 11.514  1.00 54.25 ? 118  GLN A CB  1 
ATOM   939  C CG  . GLN A 1 119 ? 2.770   -15.023 11.679  1.00 58.69 ? 118  GLN A CG  1 
ATOM   940  C CD  . GLN A 1 119 ? 2.133   -14.872 13.060  1.00 62.59 ? 118  GLN A CD  1 
ATOM   941  O OE1 . GLN A 1 119 ? 1.093   -15.489 13.347  1.00 64.17 ? 118  GLN A OE1 1 
ATOM   942  N NE2 . GLN A 1 119 ? 2.739   -14.030 13.913  1.00 63.17 ? 118  GLN A NE2 1 
ATOM   943  N N   . VAL A 1 120 ? 2.076   -11.832 10.057  1.00 53.22 ? 119  VAL A N   1 
ATOM   944  C CA  . VAL A 1 120 ? 1.278   -10.615 10.112  1.00 53.59 ? 119  VAL A CA  1 
ATOM   945  C C   . VAL A 1 120 ? -0.022  -10.896 10.851  1.00 54.53 ? 119  VAL A C   1 
ATOM   946  O O   . VAL A 1 120 ? -0.848  -11.727 10.431  1.00 54.44 ? 119  VAL A O   1 
ATOM   947  C CB  . VAL A 1 120 ? 0.906   -10.100 8.703   1.00 53.39 ? 119  VAL A CB  1 
ATOM   948  C CG1 . VAL A 1 120 ? -0.077  -8.900  8.775   1.00 51.76 ? 119  VAL A CG1 1 
ATOM   949  C CG2 . VAL A 1 120 ? 2.152   -9.734  7.927   1.00 53.48 ? 119  VAL A CG2 1 
ATOM   950  N N   . THR A 1 121 ? -0.181  -10.164 11.940  1.00 55.44 ? 120  THR A N   1 
ATOM   951  C CA  . THR A 1 121 ? -1.358  -10.217 12.776  1.00 56.75 ? 120  THR A CA  1 
ATOM   952  C C   . THR A 1 121 ? -2.049  -8.880  12.740  1.00 56.54 ? 120  THR A C   1 
ATOM   953  O O   . THR A 1 121 ? -1.407  -7.836  12.752  1.00 56.13 ? 120  THR A O   1 
ATOM   954  C CB  . THR A 1 121 ? -0.973  -10.502 14.227  1.00 56.51 ? 120  THR A CB  1 
ATOM   955  O OG1 . THR A 1 121 ? 0.249   -9.825  14.516  1.00 57.55 ? 120  THR A OG1 1 
ATOM   956  C CG2 . THR A 1 121 ? -0.786  -12.008 14.454  1.00 58.17 ? 120  THR A CG2 1 
ATOM   957  N N   . GLU A 1 122 ? -3.373  -8.923  12.691  1.00 57.35 ? 121  GLU A N   1 
ATOM   958  C CA  . GLU A 1 122 ? -4.182  -7.724  12.823  1.00 57.95 ? 121  GLU A CA  1 
ATOM   959  C C   . GLU A 1 122 ? -3.757  -7.038  14.119  1.00 58.24 ? 121  GLU A C   1 
ATOM   960  O O   . GLU A 1 122 ? -3.902  -7.610  15.184  1.00 58.99 ? 121  GLU A O   1 
ATOM   961  C CB  . GLU A 1 122 ? -5.660  -8.123  12.860  1.00 58.06 ? 121  GLU A CB  1 
ATOM   962  C CG  . GLU A 1 122 ? -6.664  -6.968  12.905  1.00 58.40 ? 121  GLU A CG  1 
ATOM   963  C CD  . GLU A 1 122 ? -8.095  -7.462  12.843  1.00 60.24 ? 121  GLU A CD  1 
ATOM   964  O OE1 . GLU A 1 122 ? -8.352  -8.647  13.190  1.00 60.92 ? 121  GLU A OE1 1 
ATOM   965  O OE2 . GLU A 1 122 ? -8.966  -6.662  12.460  1.00 57.94 ? 121  GLU A OE2 1 
ATOM   966  N N   . TYR A 1 123 ? -3.176  -5.845  14.033  1.00 58.96 ? 122  TYR A N   1 
ATOM   967  C CA  . TYR A 1 123 ? -2.807  -5.096  15.245  1.00 58.83 ? 122  TYR A CA  1 
ATOM   968  C C   . TYR A 1 123 ? -3.978  -4.265  15.744  1.00 58.72 ? 122  TYR A C   1 
ATOM   969  O O   . TYR A 1 123 ? -4.211  -4.131  16.967  1.00 58.84 ? 122  TYR A O   1 
ATOM   970  C CB  . TYR A 1 123 ? -1.602  -4.183  15.015  1.00 58.89 ? 122  TYR A CB  1 
ATOM   971  C CG  . TYR A 1 123 ? -0.890  -3.907  16.296  1.00 60.23 ? 122  TYR A CG  1 
ATOM   972  C CD1 . TYR A 1 123 ? -0.373  -4.964  17.047  1.00 61.79 ? 122  TYR A CD1 1 
ATOM   973  C CD2 . TYR A 1 123 ? -0.751  -2.610  16.784  1.00 62.27 ? 122  TYR A CD2 1 
ATOM   974  C CE1 . TYR A 1 123 ? 0.274   -4.758  18.261  1.00 63.61 ? 122  TYR A CE1 1 
ATOM   975  C CE2 . TYR A 1 123 ? -0.084  -2.378  18.015  1.00 64.56 ? 122  TYR A CE2 1 
ATOM   976  C CZ  . TYR A 1 123 ? 0.427   -3.465  18.749  1.00 65.16 ? 122  TYR A CZ  1 
ATOM   977  O OH  . TYR A 1 123 ? 1.080   -3.282  19.977  1.00 66.85 ? 122  TYR A OH  1 
ATOM   978  N N   . GLY A 1 124 ? -4.696  -3.690  14.788  1.00 58.51 ? 123  GLY A N   1 
ATOM   979  C CA  . GLY A 1 124 ? -5.892  -2.925  15.084  1.00 58.28 ? 123  GLY A CA  1 
ATOM   980  C C   . GLY A 1 124 ? -5.549  -1.501  15.418  1.00 58.15 ? 123  GLY A C   1 
ATOM   981  O O   . GLY A 1 124 ? -5.166  -0.747  14.529  1.00 57.74 ? 123  GLY A O   1 
ATOM   982  N N   . PHE A 1 125 ? -5.700  -1.131  16.694  1.00 58.41 ? 124  PHE A N   1 
ATOM   983  C CA  . PHE A 1 125 ? -5.521  0.265   17.077  1.00 58.72 ? 124  PHE A CA  1 
ATOM   984  C C   . PHE A 1 125 ? -4.066  0.658   17.236  1.00 58.71 ? 124  PHE A C   1 
ATOM   985  O O   . PHE A 1 125 ? -3.260  -0.074  17.820  1.00 59.65 ? 124  PHE A O   1 
ATOM   986  C CB  . PHE A 1 125 ? -6.299  0.683   18.341  1.00 59.30 ? 124  PHE A CB  1 
ATOM   987  C CG  . PHE A 1 125 ? -6.010  2.115   18.745  1.00 59.45 ? 124  PHE A CG  1 
ATOM   988  C CD1 . PHE A 1 125 ? -6.411  3.183   17.910  1.00 59.58 ? 124  PHE A CD1 1 
ATOM   989  C CD2 . PHE A 1 125 ? -5.261  2.394   19.891  1.00 59.46 ? 124  PHE A CD2 1 
ATOM   990  C CE1 . PHE A 1 125 ? -6.107  4.516   18.227  1.00 58.36 ? 124  PHE A CE1 1 
ATOM   991  C CE2 . PHE A 1 125 ? -4.952  3.718   20.231  1.00 59.90 ? 124  PHE A CE2 1 
ATOM   992  C CZ  . PHE A 1 125 ? -5.383  4.790   19.382  1.00 60.31 ? 124  PHE A CZ  1 
ATOM   993  N N   . LEU A 1 126 ? -3.745  1.830   16.713  1.00 58.19 ? 125  LEU A N   1 
ATOM   994  C CA  . LEU A 1 126 ? -2.413  2.373   16.855  1.00 58.48 ? 125  LEU A CA  1 
ATOM   995  C C   . LEU A 1 126 ? -2.390  3.899   16.699  1.00 58.34 ? 125  LEU A C   1 
ATOM   996  O O   . LEU A 1 126 ? -2.973  4.488   15.772  1.00 56.96 ? 125  LEU A O   1 
ATOM   997  C CB  . LEU A 1 126 ? -1.431  1.703   15.880  1.00 58.48 ? 125  LEU A CB  1 
ATOM   998  C CG  . LEU A 1 126 ? 0.044   2.038   16.138  1.00 58.79 ? 125  LEU A CG  1 
ATOM   999  C CD1 . LEU A 1 126 ? 0.540   1.274   17.405  1.00 56.76 ? 125  LEU A CD1 1 
ATOM   1000 C CD2 . LEU A 1 126 ? 0.891   1.722   14.901  1.00 57.79 ? 125  LEU A CD2 1 
ATOM   1001 N N   . ASN A 1 127 ? -1.708  4.513   17.653  1.00 59.09 ? 126  ASN A N   1 
ATOM   1002 C CA  . ASN A 1 127 ? -1.451  5.926   17.643  1.00 59.93 ? 126  ASN A CA  1 
ATOM   1003 C C   . ASN A 1 127 ? -0.223  6.151   16.780  1.00 60.43 ? 126  ASN A C   1 
ATOM   1004 O O   . ASN A 1 127 ? 0.904   6.091   17.279  1.00 60.79 ? 126  ASN A O   1 
ATOM   1005 C CB  . ASN A 1 127 ? -1.193  6.389   19.077  1.00 59.65 ? 126  ASN A CB  1 
ATOM   1006 C CG  . ASN A 1 127 ? -0.945  7.863   19.170  1.00 61.10 ? 126  ASN A CG  1 
ATOM   1007 O OD1 . ASN A 1 127 ? -0.653  8.529   18.171  1.00 63.08 ? 126  ASN A OD1 1 
ATOM   1008 N ND2 . ASN A 1 127 ? -1.077  8.400   20.371  1.00 63.11 ? 126  ASN A ND2 1 
ATOM   1009 N N   . LEU A 1 128 ? -0.444  6.411   15.494  1.00 61.08 ? 127  LEU A N   1 
ATOM   1010 C CA  . LEU A 1 128 ? 0.650   6.475   14.515  1.00 61.99 ? 127  LEU A CA  1 
ATOM   1011 C C   . LEU A 1 128 ? 1.216   7.874   14.301  1.00 62.20 ? 127  LEU A C   1 
ATOM   1012 O O   . LEU A 1 128 ? 0.579   8.725   13.646  1.00 62.46 ? 127  LEU A O   1 
ATOM   1013 C CB  . LEU A 1 128 ? 0.258   5.852   13.156  1.00 61.69 ? 127  LEU A CB  1 
ATOM   1014 C CG  . LEU A 1 128 ? 1.270   6.110   12.014  1.00 62.44 ? 127  LEU A CG  1 
ATOM   1015 C CD1 . LEU A 1 128 ? 2.444   5.124   12.033  1.00 60.81 ? 127  LEU A CD1 1 
ATOM   1016 C CD2 . LEU A 1 128 ? 0.600   6.152   10.643  1.00 62.81 ? 127  LEU A CD2 1 
ATOM   1017 N N   . GLY A 1 129 ? 2.431   8.077   14.826  1.00 62.49 ? 128  GLY A N   1 
ATOM   1018 C CA  . GLY A 1 129 ? 3.122   9.364   14.733  1.00 62.00 ? 128  GLY A CA  1 
ATOM   1019 C C   . GLY A 1 129 ? 2.137   10.426  15.164  1.00 61.42 ? 128  GLY A C   1 
ATOM   1020 O O   . GLY A 1 129 ? 1.803   11.349  14.396  1.00 61.64 ? 128  GLY A O   1 
ATOM   1021 N N   . GLY A 1 130 ? 1.626   10.242  16.380  1.00 60.93 ? 129  GLY A N   1 
ATOM   1022 C CA  . GLY A 1 130 ? 0.621   11.142  16.959  1.00 59.68 ? 129  GLY A CA  1 
ATOM   1023 C C   . GLY A 1 130 ? -0.813  10.959  16.483  1.00 58.40 ? 129  GLY A C   1 
ATOM   1024 O O   . GLY A 1 130 ? -1.728  11.459  17.127  1.00 58.35 ? 129  GLY A O   1 
ATOM   1025 N N   . THR A 1 131 ? -1.017  10.243  15.371  1.00 57.40 ? 130  THR A N   1 
ATOM   1026 C CA  . THR A 1 131 ? -2.349  10.141  14.748  1.00 56.76 ? 130  THR A CA  1 
ATOM   1027 C C   . THR A 1 131 ? -3.126  8.862   15.132  1.00 56.01 ? 130  THR A C   1 
ATOM   1028 O O   . THR A 1 131 ? -2.611  7.737   14.994  1.00 55.41 ? 130  THR A O   1 
ATOM   1029 C CB  . THR A 1 131 ? -2.290  10.352  13.207  1.00 56.52 ? 130  THR A CB  1 
ATOM   1030 O OG1 . THR A 1 131 ? -1.534  11.540  12.915  1.00 58.42 ? 130  THR A OG1 1 
ATOM   1031 C CG2 . THR A 1 131 ? -3.674  10.504  12.623  1.00 56.15 ? 130  THR A CG2 1 
ATOM   1032 N N   . PRO A 1 132 ? -4.374  9.038   15.639  1.00 55.60 ? 131  PRO A N   1 
ATOM   1033 C CA  . PRO A 1 132 ? -5.174  7.857   16.023  1.00 54.10 ? 131  PRO A CA  1 
ATOM   1034 C C   . PRO A 1 132 ? -5.504  7.148   14.732  1.00 52.20 ? 131  PRO A C   1 
ATOM   1035 O O   . PRO A 1 132 ? -5.904  7.800   13.745  1.00 52.56 ? 131  PRO A O   1 
ATOM   1036 C CB  . PRO A 1 132 ? -6.436  8.441   16.689  1.00 53.96 ? 131  PRO A CB  1 
ATOM   1037 C CG  . PRO A 1 132 ? -6.239  9.977   16.721  1.00 55.52 ? 131  PRO A CG  1 
ATOM   1038 C CD  . PRO A 1 132 ? -5.158  10.298  15.714  1.00 55.96 ? 131  PRO A CD  1 
ATOM   1039 N N   . THR A 1 133 ? -5.234  5.847   14.704  1.00 50.44 ? 132  THR A N   1 
ATOM   1040 C CA  . THR A 1 133 ? -5.303  5.096   13.463  1.00 47.76 ? 132  THR A CA  1 
ATOM   1041 C C   . THR A 1 133 ? -5.779  3.691   13.776  1.00 47.16 ? 132  THR A C   1 
ATOM   1042 O O   . THR A 1 133 ? -5.512  3.142   14.869  1.00 47.27 ? 132  THR A O   1 
ATOM   1043 C CB  . THR A 1 133 ? -3.927  5.106   12.706  1.00 47.84 ? 132  THR A CB  1 
ATOM   1044 O OG1 . THR A 1 133 ? -3.483  6.452   12.544  1.00 44.91 ? 132  THR A OG1 1 
ATOM   1045 C CG2 . THR A 1 133 ? -4.046  4.485   11.333  1.00 47.78 ? 132  THR A CG2 1 
ATOM   1046 N N   . LYS A 1 134 ? -6.522  3.121   12.834  1.00 45.39 ? 133  LYS A N   1 
ATOM   1047 C CA  . LYS A 1 134 ? -7.038  1.774   13.007  1.00 44.58 ? 133  LYS A CA  1 
ATOM   1048 C C   . LYS A 1 134 ? -6.829  0.867   11.794  1.00 43.95 ? 133  LYS A C   1 
ATOM   1049 O O   . LYS A 1 134 ? -6.462  1.321   10.676  1.00 43.86 ? 133  LYS A O   1 
ATOM   1050 C CB  . LYS A 1 134 ? -8.532  1.824   13.396  1.00 44.96 ? 133  LYS A CB  1 
ATOM   1051 C CG  . LYS A 1 134 ? -8.767  2.365   14.804  1.00 44.43 ? 133  LYS A CG  1 
ATOM   1052 C CD  . LYS A 1 134 ? -10.202 2.159   15.276  1.00 46.53 ? 133  LYS A CD  1 
ATOM   1053 C CE  . LYS A 1 134 ? -10.269 2.502   16.762  1.00 49.23 ? 133  LYS A CE  1 
ATOM   1054 N NZ  . LYS A 1 134 ? -11.657 2.542   17.298  1.00 49.58 ? 133  LYS A NZ  1 
ATOM   1055 N N   . ARG A 1 135 ? -7.064  -0.426  12.033  1.00 42.83 ? 134  ARG A N   1 
ATOM   1056 C CA  . ARG A 1 135 ? -7.072  -1.432  10.971  1.00 42.09 ? 134  ARG A CA  1 
ATOM   1057 C C   . ARG A 1 135 ? -5.647  -1.718  10.465  1.00 40.74 ? 134  ARG A C   1 
ATOM   1058 O O   . ARG A 1 135 ? -5.440  -1.958  9.287   1.00 41.36 ? 134  ARG A O   1 
ATOM   1059 C CB  . ARG A 1 135 ? -7.961  -0.961  9.806   1.00 41.79 ? 134  ARG A CB  1 
ATOM   1060 C CG  . ARG A 1 135 ? -9.434  -1.067  10.117  1.00 44.47 ? 134  ARG A CG  1 
ATOM   1061 C CD  . ARG A 1 135 ? -10.270 -0.667  8.903   1.00 45.69 ? 134  ARG A CD  1 
ATOM   1062 N NE  . ARG A 1 135 ? -11.667 -0.550  9.288   1.00 46.35 ? 134  ARG A NE  1 
ATOM   1063 C CZ  . ARG A 1 135 ? -12.655 -0.062  8.533   1.00 47.57 ? 134  ARG A CZ  1 
ATOM   1064 N NH1 . ARG A 1 135 ? -12.431 0.387   7.295   1.00 43.68 ? 134  ARG A NH1 1 
ATOM   1065 N NH2 . ARG A 1 135 ? -13.889 -0.007  9.046   1.00 47.92 ? 134  ARG A NH2 1 
ATOM   1066 N N   . MET A 1 136 ? -4.702  -1.685  11.379  1.00 39.17 ? 135  MET A N   1 
ATOM   1067 C CA  . MET A 1 136 ? -3.310  -1.765  11.090  1.00 40.23 ? 135  MET A CA  1 
ATOM   1068 C C   . MET A 1 136 ? -2.975  -3.233  11.086  1.00 40.12 ? 135  MET A C   1 
ATOM   1069 O O   . MET A 1 136 ? -3.539  -3.974  11.904  1.00 41.90 ? 135  MET A O   1 
ATOM   1070 C CB  . MET A 1 136 ? -2.525  -1.073  12.234  1.00 40.44 ? 135  MET A CB  1 
ATOM   1071 C CG  . MET A 1 136 ? -2.682  0.461   12.284  1.00 40.87 ? 135  MET A CG  1 
ATOM   1072 S SD  . MET A 1 136 ? -1.766  1.242   10.956  1.00 44.84 ? 135  MET A SD  1 
ATOM   1073 C CE  . MET A 1 136 ? -3.000  1.497   9.700   1.00 36.85 ? 135  MET A CE  1 
ATOM   1074 N N   . LEU A 1 137 ? -2.086  -3.663  10.191  1.00 39.50 ? 136  LEU A N   1 
ATOM   1075 C CA  . LEU A 1 137 ? -1.461  -4.992  10.317  1.00 39.44 ? 136  LEU A CA  1 
ATOM   1076 C C   . LEU A 1 137 ? -0.069  -4.775  10.851  1.00 39.83 ? 136  LEU A C   1 
ATOM   1077 O O   . LEU A 1 137 ? 0.527   -3.748  10.610  1.00 39.44 ? 136  LEU A O   1 
ATOM   1078 C CB  . LEU A 1 137 ? -1.438  -5.775  9.009   1.00 38.47 ? 136  LEU A CB  1 
ATOM   1079 C CG  . LEU A 1 137 ? -2.778  -5.557  8.289   1.00 41.26 ? 136  LEU A CG  1 
ATOM   1080 C CD1 . LEU A 1 137 ? -2.719  -5.777  6.799   1.00 41.98 ? 136  LEU A CD1 1 
ATOM   1081 C CD2 . LEU A 1 137 ? -3.880  -6.400  8.930   1.00 42.67 ? 136  LEU A CD2 1 
ATOM   1082 N N   . MET A 1 138 ? 0.448   -5.737  11.598  1.00 41.12 ? 137  MET A N   1 
ATOM   1083 C CA  . MET A 1 138 ? 1.753   -5.529  12.220  1.00 42.72 ? 137  MET A CA  1 
ATOM   1084 C C   . MET A 1 138 ? 2.623   -6.702  11.854  1.00 42.95 ? 137  MET A C   1 
ATOM   1085 O O   . MET A 1 138 ? 2.178   -7.855  11.847  1.00 44.07 ? 137  MET A O   1 
ATOM   1086 C CB  . MET A 1 138 ? 1.626   -5.395  13.753  1.00 42.98 ? 137  MET A CB  1 
ATOM   1087 C CG  . MET A 1 138 ? 2.963   -5.297  14.511  1.00 44.58 ? 137  MET A CG  1 
ATOM   1088 S SD  . MET A 1 138 ? 3.692   -6.955  14.384  1.00 51.73 ? 137  MET A SD  1 
ATOM   1089 C CE  . MET A 1 138 ? 2.838   -7.848  15.696  1.00 51.44 ? 137  MET A CE  1 
ATOM   1090 N N   . TYR A 1 139 ? 3.876   -6.408  11.563  1.00 43.46 ? 138  TYR A N   1 
ATOM   1091 C CA  . TYR A 1 139 ? 4.796   -7.451  11.213  1.00 44.73 ? 138  TYR A CA  1 
ATOM   1092 C C   . TYR A 1 139 ? 6.076   -7.140  11.942  1.00 46.97 ? 138  TYR A C   1 
ATOM   1093 O O   . TYR A 1 139 ? 6.359   -5.965  12.299  1.00 46.06 ? 138  TYR A O   1 
ATOM   1094 C CB  . TYR A 1 139 ? 4.967   -7.581  9.700   1.00 44.04 ? 138  TYR A CB  1 
ATOM   1095 C CG  . TYR A 1 139 ? 4.648   -6.333  8.894   1.00 42.19 ? 138  TYR A CG  1 
ATOM   1096 C CD1 . TYR A 1 139 ? 3.316   -5.950  8.640   1.00 40.50 ? 138  TYR A CD1 1 
ATOM   1097 C CD2 . TYR A 1 139 ? 5.667   -5.534  8.394   1.00 40.25 ? 138  TYR A CD2 1 
ATOM   1098 C CE1 . TYR A 1 139 ? 3.025   -4.825  7.860   1.00 40.09 ? 138  TYR A CE1 1 
ATOM   1099 C CE2 . TYR A 1 139 ? 5.395   -4.420  7.660   1.00 38.54 ? 138  TYR A CE2 1 
ATOM   1100 C CZ  . TYR A 1 139 ? 4.064   -4.074  7.397   1.00 40.39 ? 138  TYR A CZ  1 
ATOM   1101 O OH  . TYR A 1 139 ? 3.797   -2.971  6.687   1.00 38.47 ? 138  TYR A OH  1 
ATOM   1102 N N   . ASN A 1 140 ? 6.794   -8.210  12.278  1.00 49.67 ? 139  ASN A N   1 
ATOM   1103 C CA  . ASN A 1 140 ? 8.101   -8.034  12.902  1.00 52.26 ? 139  ASN A CA  1 
ATOM   1104 C C   . ASN A 1 140 ? 9.182   -8.022  11.838  1.00 53.55 ? 139  ASN A C   1 
ATOM   1105 O O   . ASN A 1 140 ? 9.681   -9.056  11.354  1.00 54.07 ? 139  ASN A O   1 
ATOM   1106 C CB  . ASN A 1 140 ? 8.330   -9.049  14.021  1.00 52.29 ? 139  ASN A CB  1 
ATOM   1107 C CG  . ASN A 1 140 ? 7.205   -9.017  15.025  1.00 53.28 ? 139  ASN A CG  1 
ATOM   1108 O OD1 . ASN A 1 140 ? 7.081   -8.062  15.803  1.00 53.22 ? 139  ASN A OD1 1 
ATOM   1109 N ND2 . ASN A 1 140 ? 6.340   -10.028 14.982  1.00 52.21 ? 139  ASN A ND2 1 
ATOM   1110 N N   . PHE A 1 141 ? 9.482   -6.804  11.430  1.00 54.54 ? 140  PHE A N   1 
ATOM   1111 C CA  . PHE A 1 141 ? 10.584  -6.566  10.540  1.00 55.66 ? 140  PHE A CA  1 
ATOM   1112 C C   . PHE A 1 141 ? 11.070  -5.126  10.731  1.00 55.63 ? 140  PHE A C   1 
ATOM   1113 O O   . PHE A 1 141 ? 10.245  -4.188  10.789  1.00 55.10 ? 140  PHE A O   1 
ATOM   1114 C CB  . PHE A 1 141 ? 10.260  -6.894  9.060   1.00 56.33 ? 140  PHE A CB  1 
ATOM   1115 C CG  . PHE A 1 141 ? 11.281  -6.331  8.110   1.00 57.32 ? 140  PHE A CG  1 
ATOM   1116 C CD1 . PHE A 1 141 ? 12.439  -7.052  7.807   1.00 59.22 ? 140  PHE A CD1 1 
ATOM   1117 C CD2 . PHE A 1 141 ? 11.126  -5.044  7.593   1.00 58.98 ? 140  PHE A CD2 1 
ATOM   1118 C CE1 . PHE A 1 141 ? 13.405  -6.514  6.982   1.00 59.23 ? 140  PHE A CE1 1 
ATOM   1119 C CE2 . PHE A 1 141 ? 12.083  -4.486  6.745   1.00 61.00 ? 140  PHE A CE2 1 
ATOM   1120 C CZ  . PHE A 1 141 ? 13.228  -5.213  6.438   1.00 61.13 ? 140  PHE A CZ  1 
ATOM   1121 N N   . PRO A 1 142 ? 12.415  -4.962  10.876  1.00 56.43 ? 141  PRO A N   1 
ATOM   1122 C CA  . PRO A 1 142 ? 13.088  -3.693  11.144  1.00 56.48 ? 141  PRO A CA  1 
ATOM   1123 C C   . PRO A 1 142 ? 12.942  -2.682  10.020  1.00 57.06 ? 141  PRO A C   1 
ATOM   1124 O O   . PRO A 1 142 ? 13.950  -2.307  9.400   1.00 57.18 ? 141  PRO A O   1 
ATOM   1125 C CB  . PRO A 1 142 ? 14.569  -4.110  11.307  1.00 55.95 ? 141  PRO A CB  1 
ATOM   1126 C CG  . PRO A 1 142 ? 14.706  -5.393  10.648  1.00 55.49 ? 141  PRO A CG  1 
ATOM   1127 C CD  . PRO A 1 142 ? 13.392  -6.076  10.938  1.00 56.85 ? 141  PRO A CD  1 
ATOM   1128 N N   . THR A 1 143 ? 11.712  -2.225  9.767   1.00 57.23 ? 142  THR A N   1 
ATOM   1129 C CA  . THR A 1 143 ? 11.459  -1.411  8.566   1.00 56.98 ? 142  THR A CA  1 
ATOM   1130 C C   . THR A 1 143 ? 12.216  -0.078  8.564   1.00 56.55 ? 142  THR A C   1 
ATOM   1131 O O   . THR A 1 143 ? 12.834  0.283   9.563   1.00 56.56 ? 142  THR A O   1 
ATOM   1132 C CB  . THR A 1 143 ? 9.947   -1.248  8.269   1.00 57.25 ? 142  THR A CB  1 
ATOM   1133 O OG1 . THR A 1 143 ? 9.224   -1.282  9.506   1.00 58.50 ? 142  THR A OG1 1 
ATOM   1134 C CG2 . THR A 1 143 ? 9.448   -2.374  7.320   1.00 55.45 ? 142  THR A CG2 1 
ATOM   1135 N N   . ARG A 1 144 ? 12.197  0.606   7.411   1.00 56.35 ? 143  ARG A N   1 
ATOM   1136 C CA  . ARG A 1 144 ? 12.900  1.896   7.176   1.00 56.80 ? 143  ARG A CA  1 
ATOM   1137 C C   . ARG A 1 144 ? 12.077  2.934   6.362   1.00 54.88 ? 143  ARG A C   1 
ATOM   1138 O O   . ARG A 1 144 ? 11.097  2.592   5.646   1.00 55.26 ? 143  ARG A O   1 
ATOM   1139 C CB  . ARG A 1 144 ? 14.252  1.650   6.459   1.00 57.62 ? 143  ARG A CB  1 
ATOM   1140 C CG  . ARG A 1 144 ? 15.496  1.701   7.345   1.00 60.24 ? 143  ARG A CG  1 
ATOM   1141 C CD  . ARG A 1 144 ? 15.590  0.503   8.283   1.00 65.98 ? 143  ARG A CD  1 
ATOM   1142 N NE  . ARG A 1 144 ? 16.976  0.126   8.571   1.00 70.03 ? 143  ARG A NE  1 
ATOM   1143 C CZ  . ARG A 1 144 ? 17.352  -0.809  9.449   1.00 72.63 ? 143  ARG A CZ  1 
ATOM   1144 N NH1 . ARG A 1 144 ? 16.453  -1.481  10.157  1.00 73.49 ? 143  ARG A NH1 1 
ATOM   1145 N NH2 . ARG A 1 144 ? 18.641  -1.079  9.625   1.00 73.13 ? 143  ARG A NH2 1 
ATOM   1146 N N   . ALA A 1 145 ? 12.489  4.197   6.440   1.00 52.49 ? 144  ALA A N   1 
ATOM   1147 C CA  . ALA A 1 145 ? 11.865  5.216   5.623   1.00 50.48 ? 144  ALA A CA  1 
ATOM   1148 C C   . ALA A 1 145 ? 12.135  4.902   4.144   1.00 49.61 ? 144  ALA A C   1 
ATOM   1149 O O   . ALA A 1 145 ? 13.083  4.173   3.831   1.00 48.49 ? 144  ALA A O   1 
ATOM   1150 C CB  . ALA A 1 145 ? 12.387  6.551   6.002   1.00 50.48 ? 144  ALA A CB  1 
ATOM   1151 N N   . GLY A 1 146 ? 11.295  5.434   3.243   1.00 49.00 ? 145  GLY A N   1 
ATOM   1152 C CA  . GLY A 1 146 ? 11.385  5.151   1.788   1.00 46.13 ? 145  GLY A CA  1 
ATOM   1153 C C   . GLY A 1 146 ? 10.637  3.886   1.375   1.00 45.42 ? 145  GLY A C   1 
ATOM   1154 O O   . GLY A 1 146 ? 10.482  3.589   0.157   1.00 43.90 ? 145  GLY A O   1 
ATOM   1155 N N   . GLN A 1 147 ? 10.154  3.153   2.394   1.00 43.60 ? 146  GLN A N   1 
ATOM   1156 C CA  . GLN A 1 147 ? 9.371   1.925   2.222   1.00 42.24 ? 146  GLN A CA  1 
ATOM   1157 C C   . GLN A 1 147 ? 7.819   2.133   2.148   1.00 40.84 ? 146  GLN A C   1 
ATOM   1158 O O   . GLN A 1 147 ? 7.042   1.171   1.939   1.00 38.14 ? 146  GLN A O   1 
ATOM   1159 C CB  . GLN A 1 147 ? 9.725   0.939   3.339   1.00 42.37 ? 146  GLN A CB  1 
ATOM   1160 C CG  . GLN A 1 147 ? 11.251  0.797   3.566   1.00 45.80 ? 146  GLN A CG  1 
ATOM   1161 C CD  . GLN A 1 147 ? 11.668  -0.504  4.224   1.00 48.39 ? 146  GLN A CD  1 
ATOM   1162 O OE1 . GLN A 1 147 ? 11.036  -0.954  5.183   1.00 53.74 ? 146  GLN A OE1 1 
ATOM   1163 N NE2 . GLN A 1 147 ? 12.764  -1.106  3.735   1.00 47.77 ? 146  GLN A NE2 1 
ATOM   1164 N N   . CYS A 1 148 ? 7.352   3.360   2.357   1.00 39.35 ? 147  CYS A N   1 
ATOM   1165 C CA  . CYS A 1 148 ? 5.898   3.574   2.366   1.00 38.06 ? 147  CYS A CA  1 
ATOM   1166 C C   . CYS A 1 148 ? 5.244   3.469   1.016   1.00 36.20 ? 147  CYS A C   1 
ATOM   1167 O O   . CYS A 1 148 ? 5.774   3.905   0.003   1.00 36.74 ? 147  CYS A O   1 
ATOM   1168 C CB  . CYS A 1 148 ? 5.468   4.846   3.149   1.00 39.22 ? 147  CYS A CB  1 
ATOM   1169 S SG  . CYS A 1 148 ? 5.975   4.633   4.894   1.00 42.25 ? 147  CYS A SG  1 
ATOM   1170 N N   . GLY A 1 149 ? 4.044   2.892   1.026   1.00 35.20 ? 148  GLY A N   1 
ATOM   1171 C CA  . GLY A 1 149 ? 3.368   2.540   -0.208  1.00 33.60 ? 148  GLY A CA  1 
ATOM   1172 C C   . GLY A 1 149 ? 3.739   1.087   -0.529  1.00 32.73 ? 148  GLY A C   1 
ATOM   1173 O O   . GLY A 1 149 ? 3.062   0.454   -1.356  1.00 32.18 ? 148  GLY A O   1 
ATOM   1174 N N   . GLY A 1 150 ? 4.759   0.552   0.168   1.00 30.18 ? 149  GLY A N   1 
ATOM   1175 C CA  . GLY A 1 150 ? 5.145   -0.868  0.043   1.00 27.58 ? 149  GLY A CA  1 
ATOM   1176 C C   . GLY A 1 150 ? 3.925   -1.800  0.085   1.00 26.99 ? 149  GLY A C   1 
ATOM   1177 O O   . GLY A 1 150 ? 3.022   -1.616  0.892   1.00 26.70 ? 149  GLY A O   1 
ATOM   1178 N N   . VAL A 1 151 ? 3.875   -2.826  -0.779  1.00 25.39 ? 150  VAL A N   1 
ATOM   1179 C CA  . VAL A 1 151 ? 2.672   -3.652  -0.831  1.00 25.14 ? 150  VAL A CA  1 
ATOM   1180 C C   . VAL A 1 151 ? 2.847   -4.906  0.002   1.00 23.59 ? 150  VAL A C   1 
ATOM   1181 O O   . VAL A 1 151 ? 3.705   -5.651  -0.287  1.00 25.19 ? 150  VAL A O   1 
ATOM   1182 C CB  . VAL A 1 151 ? 2.373   -4.019  -2.289  1.00 24.89 ? 150  VAL A CB  1 
ATOM   1183 C CG1 . VAL A 1 151 ? 1.102   -4.795  -2.367  1.00 26.42 ? 150  VAL A CG1 1 
ATOM   1184 C CG2 . VAL A 1 151 ? 2.277   -2.682  -3.132  1.00 20.10 ? 150  VAL A CG2 1 
ATOM   1185 N N   . LEU A 1 152 ? 2.001   -5.163  0.970   1.00 25.94 ? 151  LEU A N   1 
ATOM   1186 C CA  . LEU A 1 152 ? 2.094   -6.393  1.814   1.00 27.96 ? 151  LEU A CA  1 
ATOM   1187 C C   . LEU A 1 152 ? 1.269   -7.546  1.226   1.00 27.29 ? 151  LEU A C   1 
ATOM   1188 O O   . LEU A 1 152 ? 0.046   -7.354  0.973   1.00 28.22 ? 151  LEU A O   1 
ATOM   1189 C CB  . LEU A 1 152 ? 1.623   -6.077  3.239   1.00 28.22 ? 151  LEU A CB  1 
ATOM   1190 C CG  . LEU A 1 152 ? 1.888   -7.067  4.370   1.00 31.40 ? 151  LEU A CG  1 
ATOM   1191 C CD1 . LEU A 1 152 ? 3.399   -7.228  4.679   1.00 32.16 ? 151  LEU A CD1 1 
ATOM   1192 C CD2 . LEU A 1 152 ? 1.040   -6.670  5.581   1.00 30.12 ? 151  LEU A CD2 1 
ATOM   1193 N N   . MET A 1 153 ? 1.922   -8.677  0.940   1.00 27.52 ? 152  MET A N   1 
ATOM   1194 C CA  . MET A 1 153 ? 1.348   -9.883  0.283   1.00 28.66 ? 152  MET A CA  1 
ATOM   1195 C C   . MET A 1 153 ? 1.606   -11.300 0.933   1.00 32.09 ? 152  MET A C   1 
ATOM   1196 O O   . MET A 1 153 ? 2.594   -11.497 1.675   1.00 31.06 ? 152  MET A O   1 
ATOM   1197 C CB  . MET A 1 153 ? 1.742   -9.881  -1.193  1.00 29.08 ? 152  MET A CB  1 
ATOM   1198 C CG  . MET A 1 153 ? 1.290   -8.645  -1.897  1.00 27.01 ? 152  MET A CG  1 
ATOM   1199 S SD  . MET A 1 153 ? 1.629   -8.561  -3.668  1.00 29.34 ? 152  MET A SD  1 
ATOM   1200 C CE  . MET A 1 153 ? 3.148   -7.672  -3.799  1.00 22.31 ? 152  MET A CE  1 
ATOM   1201 N N   . SER A 1 154 ? 0.646   -12.249 0.750   1.00 33.09 ? 153  SER A N   1 
ATOM   1202 C CA  . SER A 1 154 ? 0.944   -13.677 0.740   1.00 34.79 ? 153  SER A CA  1 
ATOM   1203 C C   . SER A 1 154 ? 0.430   -14.244 -0.558  1.00 36.23 ? 153  SER A C   1 
ATOM   1204 O O   . SER A 1 154 ? -0.071  -13.501 -1.438  1.00 35.96 ? 153  SER A O   1 
ATOM   1205 C CB  . SER A 1 154 ? 0.361   -14.448 1.906   1.00 34.20 ? 153  SER A CB  1 
ATOM   1206 O OG  . SER A 1 154 ? -0.935  -13.943 2.227   1.00 40.15 ? 153  SER A OG  1 
ATOM   1207 N N   . THR A 1 155 ? 0.594   -15.553 -0.717  1.00 37.68 ? 154  THR A N   1 
ATOM   1208 C CA  . THR A 1 155 ? 0.108   -16.220 -1.912  1.00 39.62 ? 154  THR A CA  1 
ATOM   1209 C C   . THR A 1 155 ? -1.368  -15.963 -1.984  1.00 38.68 ? 154  THR A C   1 
ATOM   1210 O O   . THR A 1 155 ? -2.078  -16.175 -0.997  1.00 40.20 ? 154  THR A O   1 
ATOM   1211 C CB  . THR A 1 155 ? 0.327   -17.746 -1.883  1.00 40.22 ? 154  THR A CB  1 
ATOM   1212 O OG1 . THR A 1 155 ? 1.652   -18.011 -1.441  1.00 44.60 ? 154  THR A OG1 1 
ATOM   1213 C CG2 . THR A 1 155 ? 0.125   -18.337 -3.318  1.00 41.48 ? 154  THR A CG2 1 
ATOM   1214 N N   . GLY A 1 156 ? -1.785  -15.436 -3.119  1.00 37.97 ? 155  GLY A N   1 
ATOM   1215 C CA  . GLY A 1 156 ? -3.169  -15.122 -3.396  1.00 37.56 ? 155  GLY A CA  1 
ATOM   1216 C C   . GLY A 1 156 ? -3.766  -13.841 -2.844  1.00 37.35 ? 155  GLY A C   1 
ATOM   1217 O O   . GLY A 1 156 ? -4.872  -13.444 -3.268  1.00 37.54 ? 155  GLY A O   1 
ATOM   1218 N N   . LYS A 1 157 ? -3.037  -13.166 -1.943  1.00 34.97 ? 156  LYS A N   1 
ATOM   1219 C CA  . LYS A 1 157 ? -3.630  -12.096 -1.151  1.00 31.61 ? 156  LYS A CA  1 
ATOM   1220 C C   . LYS A 1 157 ? -2.830  -10.811 -1.215  1.00 31.95 ? 156  LYS A C   1 
ATOM   1221 O O   . LYS A 1 157 ? -1.600  -10.842 -0.946  1.00 30.70 ? 156  LYS A O   1 
ATOM   1222 C CB  . LYS A 1 157 ? -3.675  -12.536 0.320   1.00 32.89 ? 156  LYS A CB  1 
ATOM   1223 C CG  . LYS A 1 157 ? -4.406  -13.868 0.584   1.00 32.01 ? 156  LYS A CG  1 
ATOM   1224 C CD  . LYS A 1 157 ? -4.229  -14.233 2.037   1.00 32.09 ? 156  LYS A CD  1 
ATOM   1225 C CE  . LYS A 1 157 ? -4.697  -15.686 2.335   1.00 37.34 ? 156  LYS A CE  1 
ATOM   1226 N NZ  . LYS A 1 157 ? -4.851  -15.802 3.849   1.00 39.73 ? 156  LYS A NZ  1 
ATOM   1227 N N   . VAL A 1 158 ? -3.484  -9.691  -1.606  1.00 30.29 ? 157  VAL A N   1 
ATOM   1228 C CA  . VAL A 1 158 ? -2.947  -8.366  -1.339  1.00 28.58 ? 157  VAL A CA  1 
ATOM   1229 C C   . VAL A 1 158 ? -3.504  -7.931  0.001   1.00 29.35 ? 157  VAL A C   1 
ATOM   1230 O O   . VAL A 1 158 ? -4.722  -7.703  0.121   1.00 30.87 ? 157  VAL A O   1 
ATOM   1231 C CB  . VAL A 1 158 ? -3.302  -7.331  -2.398  1.00 27.32 ? 157  VAL A CB  1 
ATOM   1232 C CG1 . VAL A 1 158 ? -2.814  -5.957  -1.924  1.00 26.60 ? 157  VAL A CG1 1 
ATOM   1233 C CG2 . VAL A 1 158 ? -2.664  -7.697  -3.758  1.00 26.37 ? 157  VAL A CG2 1 
ATOM   1234 N N   . LEU A 1 159 ? -2.672  -7.901  1.045   1.00 29.64 ? 158  LEU A N   1 
ATOM   1235 C CA  . LEU A 1 159 ? -3.144  -7.638  2.429   1.00 29.23 ? 158  LEU A CA  1 
ATOM   1236 C C   . LEU A 1 159 ? -3.280  -6.148  2.778   1.00 29.13 ? 158  LEU A C   1 
ATOM   1237 O O   . LEU A 1 159 ? -4.214  -5.737  3.457   1.00 29.75 ? 158  LEU A O   1 
ATOM   1238 C CB  . LEU A 1 159 ? -2.247  -8.263  3.525   1.00 29.07 ? 158  LEU A CB  1 
ATOM   1239 C CG  . LEU A 1 159 ? -2.288  -9.707  3.970   1.00 31.57 ? 158  LEU A CG  1 
ATOM   1240 C CD1 . LEU A 1 159 ? -1.401  -10.547 3.083   1.00 31.16 ? 158  LEU A CD1 1 
ATOM   1241 C CD2 . LEU A 1 159 ? -1.796  -9.821  5.386   1.00 32.47 ? 158  LEU A CD2 1 
ATOM   1242 N N   . GLY A 1 160 ? -2.348  -5.331  2.322   1.00 28.43 ? 159  GLY A N   1 
ATOM   1243 C CA  . GLY A 1 160 ? -2.496  -3.918  2.496   1.00 27.87 ? 159  GLY A CA  1 
ATOM   1244 C C   . GLY A 1 160 ? -1.263  -3.165  2.083   1.00 28.05 ? 159  GLY A C   1 
ATOM   1245 O O   . GLY A 1 160 ? -0.418  -3.717  1.422   1.00 26.84 ? 159  GLY A O   1 
ATOM   1246 N N   . ILE A 1 161 ? -1.189  -1.884  2.472   1.00 29.43 ? 160  ILE A N   1 
ATOM   1247 C CA  . ILE A 1 161 ? -0.136  -0.957  2.079   1.00 29.13 ? 160  ILE A CA  1 
ATOM   1248 C C   . ILE A 1 161 ? 0.691   -0.485  3.269   1.00 31.19 ? 160  ILE A C   1 
ATOM   1249 O O   . ILE A 1 161 ? 0.130   0.014   4.236   1.00 31.55 ? 160  ILE A O   1 
ATOM   1250 C CB  . ILE A 1 161 ? -0.745  0.268   1.458   1.00 29.36 ? 160  ILE A CB  1 
ATOM   1251 C CG1 . ILE A 1 161 ? -1.596  -0.136  0.247   1.00 27.36 ? 160  ILE A CG1 1 
ATOM   1252 C CG2 . ILE A 1 161 ? 0.313   1.235   1.076   1.00 32.37 ? 160  ILE A CG2 1 
ATOM   1253 C CD1 . ILE A 1 161 ? -0.808  -0.934  -0.878  1.00 26.99 ? 160  ILE A CD1 1 
ATOM   1254 N N   . HIS A 1 162 ? 2.027   -0.547  3.138   1.00 32.05 ? 161  HIS A N   1 
ATOM   1255 C CA  . HIS A 1 162 ? 2.941   -0.172  4.222   1.00 33.75 ? 161  HIS A CA  1 
ATOM   1256 C C   . HIS A 1 162 ? 2.877   1.335   4.568   1.00 34.66 ? 161  HIS A C   1 
ATOM   1257 O O   . HIS A 1 162 ? 2.978   2.188   3.676   1.00 33.14 ? 161  HIS A O   1 
ATOM   1258 C CB  . HIS A 1 162 ? 4.410   -0.584  3.922   1.00 33.63 ? 161  HIS A CB  1 
ATOM   1259 C CG  . HIS A 1 162 ? 5.335   -0.268  5.059   1.00 32.73 ? 161  HIS A CG  1 
ATOM   1260 N ND1 . HIS A 1 162 ? 5.478   -1.100  6.157   1.00 34.84 ? 161  HIS A ND1 1 
ATOM   1261 C CD2 . HIS A 1 162 ? 6.106   0.820   5.303   1.00 32.70 ? 161  HIS A CD2 1 
ATOM   1262 C CE1 . HIS A 1 162 ? 6.332   -0.553  7.009   1.00 33.59 ? 161  HIS A CE1 1 
ATOM   1263 N NE2 . HIS A 1 162 ? 6.713   0.619   6.526   1.00 34.94 ? 161  HIS A NE2 1 
ATOM   1264 N N   . VAL A 1 163 ? 2.725   1.640   5.870   1.00 35.21 ? 162  VAL A N   1 
ATOM   1265 C CA  . VAL A 1 163 ? 2.558   3.040   6.290   1.00 35.54 ? 162  VAL A CA  1 
ATOM   1266 C C   . VAL A 1 163 ? 3.433   3.560   7.428   1.00 35.61 ? 162  VAL A C   1 
ATOM   1267 O O   . VAL A 1 163 ? 3.504   4.803   7.628   1.00 33.79 ? 162  VAL A O   1 
ATOM   1268 C CB  . VAL A 1 163 ? 1.084   3.369   6.577   1.00 36.06 ? 162  VAL A CB  1 
ATOM   1269 C CG1 . VAL A 1 163 ? 0.304   3.142   5.321   1.00 34.14 ? 162  VAL A CG1 1 
ATOM   1270 C CG2 . VAL A 1 163 ? 0.547   2.476   7.713   1.00 35.46 ? 162  VAL A CG2 1 
ATOM   1271 N N   . GLY A 1 164 ? 4.057   2.630   8.177   1.00 36.18 ? 163  GLY A N   1 
ATOM   1272 C CA  . GLY A 1 164 ? 5.025   2.986   9.169   1.00 37.28 ? 163  GLY A CA  1 
ATOM   1273 C C   . GLY A 1 164 ? 5.697   1.850   9.936   1.00 39.48 ? 163  GLY A C   1 
ATOM   1274 O O   . GLY A 1 164 ? 5.460   0.667   9.709   1.00 37.99 ? 163  GLY A O   1 
ATOM   1275 N N   . GLY A 1 165 ? 6.561   2.241   10.871  1.00 41.54 ? 164  GLY A N   1 
ATOM   1276 C CA  . GLY A 1 165 ? 7.252   1.281   11.742  1.00 45.02 ? 164  GLY A CA  1 
ATOM   1277 C C   . GLY A 1 165 ? 8.213   2.011   12.652  1.00 47.43 ? 164  GLY A C   1 
ATOM   1278 O O   . GLY A 1 165 ? 8.380   3.237   12.572  1.00 46.89 ? 164  GLY A O   1 
ATOM   1279 N N   . ASN A 1 166 ? 8.844   1.244   13.533  1.00 50.76 ? 165  ASN A N   1 
ATOM   1280 C CA  . ASN A 1 166 ? 9.834   1.807   14.427  1.00 53.41 ? 165  ASN A CA  1 
ATOM   1281 C C   . ASN A 1 166 ? 10.840  0.748   14.816  1.00 55.10 ? 165  ASN A C   1 
ATOM   1282 O O   . ASN A 1 166 ? 10.604  -0.101  15.696  1.00 56.03 ? 165  ASN A O   1 
ATOM   1283 C CB  . ASN A 1 166 ? 9.152   2.409   15.643  1.00 54.35 ? 165  ASN A CB  1 
ATOM   1284 C CG  . ASN A 1 166 ? 7.929   1.620   16.075  1.00 55.55 ? 165  ASN A CG  1 
ATOM   1285 O OD1 . ASN A 1 166 ? 8.022   0.479   16.528  1.00 59.40 ? 165  ASN A OD1 1 
ATOM   1286 N ND2 . ASN A 1 166 ? 6.768   2.228   15.925  1.00 58.49 ? 165  ASN A ND2 1 
ATOM   1287 N N   . GLY A 1 167 ? 11.954  0.779   14.106  1.00 55.96 ? 166  GLY A N   1 
ATOM   1288 C CA  . GLY A 1 167 ? 13.058  -0.121  14.349  1.00 57.04 ? 166  GLY A CA  1 
ATOM   1289 C C   . GLY A 1 167 ? 12.848  -1.589  14.029  1.00 57.64 ? 166  GLY A C   1 
ATOM   1290 O O   . GLY A 1 167 ? 13.556  -2.134  13.175  1.00 58.51 ? 166  GLY A O   1 
ATOM   1291 N N   . HIS A 1 168 ? 11.905  -2.239  14.710  1.00 57.42 ? 167  HIS A N   1 
ATOM   1292 C CA  . HIS A 1 168 ? 11.848  -3.697  14.689  1.00 57.03 ? 167  HIS A CA  1 
ATOM   1293 C C   . HIS A 1 168 ? 10.451  -4.229  14.455  1.00 56.25 ? 167  HIS A C   1 
ATOM   1294 O O   . HIS A 1 168 ? 10.254  -5.466  14.468  1.00 56.62 ? 167  HIS A O   1 
ATOM   1295 C CB  . HIS A 1 168 ? 12.421  -4.285  15.996  1.00 57.82 ? 167  HIS A CB  1 
ATOM   1296 C CG  . HIS A 1 168 ? 13.422  -3.397  16.660  1.00 60.24 ? 167  HIS A CG  1 
ATOM   1297 N ND1 . HIS A 1 168 ? 14.779  -3.621  16.583  1.00 63.34 ? 167  HIS A ND1 1 
ATOM   1298 C CD2 . HIS A 1 168 ? 13.268  -2.241  17.357  1.00 62.76 ? 167  HIS A CD2 1 
ATOM   1299 C CE1 . HIS A 1 168 ? 15.418  -2.663  17.239  1.00 64.59 ? 167  HIS A CE1 1 
ATOM   1300 N NE2 . HIS A 1 168 ? 14.522  -1.812  17.715  1.00 64.20 ? 167  HIS A NE2 1 
ATOM   1301 N N   . GLN A 1 169 ? 9.491   -3.308  14.283  1.00 54.77 ? 168  GLN A N   1 
ATOM   1302 C CA  . GLN A 1 169 ? 8.114   -3.626  13.828  1.00 53.80 ? 168  GLN A CA  1 
ATOM   1303 C C   . GLN A 1 169 ? 7.685   -2.670  12.719  1.00 52.43 ? 168  GLN A C   1 
ATOM   1304 O O   . GLN A 1 169 ? 7.979   -1.480  12.797  1.00 52.70 ? 168  GLN A O   1 
ATOM   1305 C CB  . GLN A 1 169 ? 7.096   -3.437  14.956  1.00 54.22 ? 168  GLN A CB  1 
ATOM   1306 C CG  . GLN A 1 169 ? 6.503   -4.680  15.576  1.00 54.94 ? 168  GLN A CG  1 
ATOM   1307 C CD  . GLN A 1 169 ? 5.773   -4.286  16.836  1.00 58.49 ? 168  GLN A CD  1 
ATOM   1308 O OE1 . GLN A 1 169 ? 5.785   -3.102  17.204  1.00 60.16 ? 168  GLN A OE1 1 
ATOM   1309 N NE2 . GLN A 1 169 ? 5.132   -5.245  17.503  1.00 57.45 ? 168  GLN A NE2 1 
ATOM   1310 N N   . GLY A 1 170 ? 6.948   -3.175  11.725  1.00 50.75 ? 169  GLY A N   1 
ATOM   1311 C CA  . GLY A 1 170 ? 6.313   -2.297  10.733  1.00 47.81 ? 169  GLY A CA  1 
ATOM   1312 C C   . GLY A 1 170 ? 4.815   -2.514  10.700  1.00 46.47 ? 169  GLY A C   1 
ATOM   1313 O O   . GLY A 1 170 ? 4.327   -3.515  11.259  1.00 46.74 ? 169  GLY A O   1 
ATOM   1314 N N   . PHE A 1 171 ? 4.098   -1.602  10.033  1.00 43.89 ? 170  PHE A N   1 
ATOM   1315 C CA  . PHE A 1 171 ? 2.634   -1.555  10.029  1.00 40.75 ? 170  PHE A CA  1 
ATOM   1316 C C   . PHE A 1 171 ? 2.053   -1.162  8.672   1.00 39.26 ? 170  PHE A C   1 
ATOM   1317 O O   . PHE A 1 171 ? 2.474   -0.165  8.081   1.00 38.59 ? 170  PHE A O   1 
ATOM   1318 C CB  . PHE A 1 171 ? 2.138   -0.495  10.998  1.00 42.02 ? 170  PHE A CB  1 
ATOM   1319 C CG  . PHE A 1 171 ? 2.461   -0.781  12.419  1.00 42.11 ? 170  PHE A CG  1 
ATOM   1320 C CD1 . PHE A 1 171 ? 1.600   -1.525  13.202  1.00 43.02 ? 170  PHE A CD1 1 
ATOM   1321 C CD2 . PHE A 1 171 ? 3.627   -0.300  12.978  1.00 42.90 ? 170  PHE A CD2 1 
ATOM   1322 C CE1 . PHE A 1 171 ? 1.899   -1.777  14.536  1.00 42.90 ? 170  PHE A CE1 1 
ATOM   1323 C CE2 . PHE A 1 171 ? 3.953   -0.573  14.316  1.00 43.69 ? 170  PHE A CE2 1 
ATOM   1324 C CZ  . PHE A 1 171 ? 3.076   -1.303  15.089  1.00 44.37 ? 170  PHE A CZ  1 
ATOM   1325 N N   . SER A 1 172 ? 1.062   -1.911  8.214   1.00 35.89 ? 171  SER A N   1 
ATOM   1326 C CA  . SER A 1 172 ? 0.415   -1.614  6.916   1.00 33.90 ? 171  SER A CA  1 
ATOM   1327 C C   . SER A 1 172 ? -1.008  -1.211  7.226   1.00 34.11 ? 171  SER A C   1 
ATOM   1328 O O   . SER A 1 172 ? -1.571  -1.676  8.214   1.00 33.47 ? 171  SER A O   1 
ATOM   1329 C CB  . SER A 1 172 ? 0.399   -2.865  6.027   1.00 32.05 ? 171  SER A CB  1 
ATOM   1330 O OG  . SER A 1 172 ? 1.654   -3.082  5.360   1.00 28.57 ? 171  SER A OG  1 
ATOM   1331 N N   . ALA A 1 173 ? -1.597  -0.363  6.395   1.00 33.27 ? 172  ALA A N   1 
ATOM   1332 C CA  . ALA A 1 173 ? -3.018  -0.179  6.485   1.00 34.34 ? 172  ALA A CA  1 
ATOM   1333 C C   . ALA A 1 173 ? -3.637  -1.330  5.703   1.00 35.15 ? 172  ALA A C   1 
ATOM   1334 O O   . ALA A 1 173 ? -3.237  -1.580  4.554   1.00 35.88 ? 172  ALA A O   1 
ATOM   1335 C CB  . ALA A 1 173 ? -3.414  1.148   5.877   1.00 33.85 ? 172  ALA A CB  1 
ATOM   1336 N N   . ALA A 1 174 ? -4.579  -2.035  6.321   1.00 36.13 ? 173  ALA A N   1 
ATOM   1337 C CA  . ALA A 1 174 ? -5.262  -3.186  5.675   1.00 37.00 ? 173  ALA A CA  1 
ATOM   1338 C C   . ALA A 1 174 ? -6.011  -2.697  4.480   1.00 35.53 ? 173  ALA A C   1 
ATOM   1339 O O   . ALA A 1 174 ? -6.603  -1.677  4.568   1.00 37.04 ? 173  ALA A O   1 
ATOM   1340 C CB  . ALA A 1 174 ? -6.204  -3.897  6.655   1.00 36.13 ? 173  ALA A CB  1 
ATOM   1341 N N   . LEU A 1 175 ? -5.882  -3.361  3.330   1.00 37.22 ? 174  LEU A N   1 
ATOM   1342 C CA  . LEU A 1 175 ? -6.460  -2.875  2.089   1.00 37.57 ? 174  LEU A CA  1 
ATOM   1343 C C   . LEU A 1 175 ? -7.718  -3.707  1.760   1.00 39.04 ? 174  LEU A C   1 
ATOM   1344 O O   . LEU A 1 175 ? -7.629  -4.815  1.187   1.00 37.72 ? 174  LEU A O   1 
ATOM   1345 C CB  . LEU A 1 175 ? -5.455  -3.007  0.957   1.00 38.22 ? 174  LEU A CB  1 
ATOM   1346 C CG  . LEU A 1 175 ? -5.681  -2.158  -0.278  1.00 38.18 ? 174  LEU A CG  1 
ATOM   1347 C CD1 . LEU A 1 175 ? -5.780  -0.689  0.072   1.00 38.06 ? 174  LEU A CD1 1 
ATOM   1348 C CD2 . LEU A 1 175 ? -4.589  -2.412  -1.350  1.00 40.98 ? 174  LEU A CD2 1 
ATOM   1349 N N   . LEU A 1 176 ? -8.879  -3.137  2.096   1.00 39.53 ? 175  LEU A N   1 
ATOM   1350 C CA  . LEU A 1 176 ? -10.172 -3.865  2.084   1.00 40.12 ? 175  LEU A CA  1 
ATOM   1351 C C   . LEU A 1 176 ? -10.976 -3.687  0.792   1.00 40.45 ? 175  LEU A C   1 
ATOM   1352 O O   . LEU A 1 176 ? -10.904 -2.651  0.103   1.00 40.69 ? 175  LEU A O   1 
ATOM   1353 C CB  . LEU A 1 176 ? -10.985 -3.466  3.304   1.00 39.48 ? 175  LEU A CB  1 
ATOM   1354 C CG  . LEU A 1 176 ? -10.334 -3.795  4.639   1.00 37.35 ? 175  LEU A CG  1 
ATOM   1355 C CD1 . LEU A 1 176 ? -11.301 -3.487  5.774   1.00 43.29 ? 175  LEU A CD1 1 
ATOM   1356 C CD2 . LEU A 1 176 ? -9.941  -5.240  4.676   1.00 40.21 ? 175  LEU A CD2 1 
ATOM   1357 N N   . LYS A 1 177 ? -11.733 -4.729  0.461   1.00 41.96 ? 176  LYS A N   1 
ATOM   1358 C CA  . LYS A 1 177 ? -12.284 -4.868  -0.879  1.00 42.11 ? 176  LYS A CA  1 
ATOM   1359 C C   . LYS A 1 177 ? -13.283 -3.765  -1.101  1.00 43.19 ? 176  LYS A C   1 
ATOM   1360 O O   . LYS A 1 177 ? -13.410 -3.234  -2.213  1.00 43.50 ? 176  LYS A O   1 
ATOM   1361 C CB  . LYS A 1 177 ? -12.921 -6.255  -1.064  1.00 42.08 ? 176  LYS A CB  1 
ATOM   1362 C CG  . LYS A 1 177 ? -13.369 -6.608  -2.488  1.00 41.74 ? 176  LYS A CG  1 
ATOM   1363 C CD  . LYS A 1 177 ? -14.080 -7.976  -2.563  1.00 39.84 ? 176  LYS A CD  1 
ATOM   1364 C CE  . LYS A 1 177 ? -13.101 -9.142  -2.566  1.00 40.09 ? 176  LYS A CE  1 
ATOM   1365 N NZ  . LYS A 1 177 ? -12.967 -9.499  -1.112  1.00 41.24 ? 176  LYS A NZ  1 
ATOM   1366 N N   . HIS A 1 178 ? -13.983 -3.385  -0.052  1.00 44.40 ? 177  HIS A N   1 
ATOM   1367 C CA  . HIS A 1 178 ? -15.124 -2.477  -0.272  1.00 45.75 ? 177  HIS A CA  1 
ATOM   1368 C C   . HIS A 1 178 ? -14.739 -1.009  -0.417  1.00 46.31 ? 177  HIS A C   1 
ATOM   1369 O O   . HIS A 1 178 ? -15.612 -0.165  -0.651  1.00 45.27 ? 177  HIS A O   1 
ATOM   1370 C CB  . HIS A 1 178 ? -16.163 -2.652  0.805   1.00 46.36 ? 177  HIS A CB  1 
ATOM   1371 C CG  . HIS A 1 178 ? -15.699 -2.228  2.154   1.00 46.48 ? 177  HIS A CG  1 
ATOM   1372 N ND1 . HIS A 1 178 ? -15.434 -3.130  3.162   1.00 48.05 ? 177  HIS A ND1 1 
ATOM   1373 C CD2 . HIS A 1 178 ? -15.451 -1.002  2.666   1.00 47.39 ? 177  HIS A CD2 1 
ATOM   1374 C CE1 . HIS A 1 178 ? -15.043 -2.474  4.244   1.00 46.33 ? 177  HIS A CE1 1 
ATOM   1375 N NE2 . HIS A 1 178 ? -15.051 -1.181  3.970   1.00 47.84 ? 177  HIS A NE2 1 
ATOM   1376 N N   . TYR A 1 179 ? -13.433 -0.715  -0.315  1.00 45.86 ? 178  TYR A N   1 
ATOM   1377 C CA  . TYR A 1 179 ? -12.959 0.642   -0.512  1.00 45.98 ? 178  TYR A CA  1 
ATOM   1378 C C   . TYR A 1 179 ? -13.113 0.984   -1.962  1.00 47.21 ? 178  TYR A C   1 
ATOM   1379 O O   . TYR A 1 179 ? -13.009 2.143   -2.343  1.00 46.39 ? 178  TYR A O   1 
ATOM   1380 C CB  . TYR A 1 179 ? -11.485 0.862   -0.069  1.00 45.73 ? 178  TYR A CB  1 
ATOM   1381 C CG  . TYR A 1 179 ? -11.207 0.690   1.415   1.00 41.82 ? 178  TYR A CG  1 
ATOM   1382 C CD1 . TYR A 1 179 ? -12.170 0.960   2.378   1.00 41.75 ? 178  TYR A CD1 1 
ATOM   1383 C CD2 . TYR A 1 179 ? -9.968  0.259   1.838   1.00 40.51 ? 178  TYR A CD2 1 
ATOM   1384 C CE1 . TYR A 1 179 ? -11.904 0.757   3.735   1.00 38.28 ? 178  TYR A CE1 1 
ATOM   1385 C CE2 . TYR A 1 179 ? -9.682  0.056   3.164   1.00 35.59 ? 178  TYR A CE2 1 
ATOM   1386 C CZ  . TYR A 1 179 ? -10.645 0.313   4.111   1.00 38.46 ? 178  TYR A CZ  1 
ATOM   1387 O OH  . TYR A 1 179 ? -10.313 0.104   5.428   1.00 33.68 ? 178  TYR A OH  1 
ATOM   1388 N N   . PHE A 1 180 ? -13.316 -0.028  -2.793  1.00 49.93 ? 179  PHE A N   1 
ATOM   1389 C CA  . PHE A 1 180 ? -13.584 0.195   -4.227  1.00 52.18 ? 179  PHE A CA  1 
ATOM   1390 C C   . PHE A 1 180 ? -14.858 -0.617  -4.517  1.00 54.10 ? 179  PHE A C   1 
ATOM   1391 O O   . PHE A 1 180 ? -14.867 -1.817  -4.244  1.00 54.86 ? 179  PHE A O   1 
ATOM   1392 C CB  . PHE A 1 180 ? -12.398 -0.284  -5.090  1.00 52.24 ? 179  PHE A CB  1 
ATOM   1393 C CG  . PHE A 1 180 ? -11.028 -0.065  -4.445  1.00 51.80 ? 179  PHE A CG  1 
ATOM   1394 C CD1 . PHE A 1 180 ? -10.580 -0.898  -3.398  1.00 50.33 ? 179  PHE A CD1 1 
ATOM   1395 C CD2 . PHE A 1 180 ? -10.198 0.968   -4.873  1.00 50.28 ? 179  PHE A CD2 1 
ATOM   1396 C CE1 . PHE A 1 180 ? -9.344  -0.690  -2.776  1.00 49.08 ? 179  PHE A CE1 1 
ATOM   1397 C CE2 . PHE A 1 180 ? -8.936  1.171   -4.256  1.00 50.59 ? 179  PHE A CE2 1 
ATOM   1398 C CZ  . PHE A 1 180 ? -8.524  0.341   -3.219  1.00 49.05 ? 179  PHE A CZ  1 
ATOM   1399 N N   . ASN A 1 181 ? -15.932 0.029   -4.997  1.00 55.92 ? 180  ASN A N   1 
ATOM   1400 C CA  . ASN A 1 181 ? -17.246 -0.624  -5.240  1.00 56.83 ? 180  ASN A CA  1 
ATOM   1401 C C   . ASN A 1 181 ? -17.671 -1.822  -4.350  1.00 57.69 ? 180  ASN A C   1 
ATOM   1402 O O   . ASN A 1 181 ? -17.633 -1.779  -3.108  1.00 59.07 ? 180  ASN A O   1 
ATOM   1403 C CB  . ASN A 1 181 ? -17.338 -1.078  -6.700  1.00 57.27 ? 180  ASN A CB  1 
ATOM   1404 C CG  . ASN A 1 181 ? -17.359 0.074   -7.666  1.00 57.97 ? 180  ASN A CG  1 
ATOM   1405 O OD1 . ASN A 1 181 ? -17.758 1.186   -7.321  1.00 61.01 ? 180  ASN A OD1 1 
ATOM   1406 N ND2 . ASN A 1 181 ? -16.939 -0.186  -8.894  1.00 60.13 ? 180  ASN A ND2 1 
HETATM 1407 O O88 . G75 B 2 .   ? 8.245   6.058   2.345   1.00 60.77 ? 1181 G75 A O88 1 
HETATM 1408 C C84 . G75 B 2 .   ? 8.424   7.002   3.138   1.00 61.08 ? 1181 G75 A C84 1 
HETATM 1409 O O86 . G75 B 2 .   ? 9.202   8.141   2.635   1.00 61.45 ? 1181 G75 A O86 1 
HETATM 1410 C C3  . G75 B 2 .   ? 9.042   8.587   1.280   1.00 61.58 ? 1181 G75 A C3  1 
HETATM 1411 C C5  . G75 B 2 .   ? 10.322  9.153   0.697   1.00 60.80 ? 1181 G75 A C5  1 
HETATM 1412 C C82 . G75 B 2 .   ? 7.858   7.026   4.574   1.00 57.85 ? 1181 G75 A C82 1 
HETATM 1413 C C63 . G75 B 2 .   ? 7.451   5.644   5.113   1.00 53.18 ? 1181 G75 A C63 1 
HETATM 1414 C C57 . G75 B 2 .   ? 7.792   5.456   6.607   1.00 54.06 ? 1181 G75 A C57 1 
HETATM 1415 C C59 . G75 B 2 .   ? 8.108   4.004   7.045   1.00 54.81 ? 1181 G75 A C59 1 
HETATM 1416 C C61 . G75 B 2 .   ? 8.707   3.950   8.461   1.00 55.03 ? 1181 G75 A C61 1 
HETATM 1417 C C65 . G75 B 2 .   ? 9.248   2.602   8.852   1.00 58.59 ? 1181 G75 A C65 1 
HETATM 1418 O O66 . G75 B 2 .   ? 8.647   1.447   8.534   1.00 57.32 ? 1181 G75 A O66 1 
HETATM 1419 N N69 . G75 B 2 .   ? 10.334  2.721   9.520   1.00 57.08 ? 1181 G75 A N69 1 
HETATM 1420 C C71 . G75 B 2 .   ? 10.915  4.068   9.571   1.00 57.51 ? 1181 G75 A C71 1 
HETATM 1421 C C73 . G75 B 2 .   ? 9.942   4.843   8.663   1.00 55.29 ? 1181 G75 A C73 1 
HETATM 1422 N N49 . G75 B 2 .   ? 6.592   5.859   7.330   1.00 55.31 ? 1181 G75 A N49 1 
HETATM 1423 C C39 . G75 B 2 .   ? 6.649   6.529   8.491   1.00 58.25 ? 1181 G75 A C39 1 
HETATM 1424 O O47 . G75 B 2 .   ? 7.698   6.846   9.018   1.00 58.06 ? 1181 G75 A O47 1 
HETATM 1425 C C37 . G75 B 2 .   ? 5.362   6.934   9.160   1.00 60.11 ? 1181 G75 A C37 1 
HETATM 1426 C C41 . G75 B 2 .   ? 5.082   8.364   8.669   1.00 60.03 ? 1181 G75 A C41 1 
HETATM 1427 C C51 . G75 B 2 .   ? 3.826   8.900   9.297   1.00 62.58 ? 1181 G75 A C51 1 
HETATM 1428 C C55 . G75 B 2 .   ? 2.592   8.627   8.711   1.00 61.55 ? 1181 G75 A C55 1 
HETATM 1429 C C11 . G75 B 2 .   ? 1.435   9.124   9.305   1.00 63.01 ? 1181 G75 A C11 1 
HETATM 1430 C C9  . G75 B 2 .   ? 1.497   9.882   10.476  1.00 63.82 ? 1181 G75 A C9  1 
HETATM 1431 C C7  . G75 B 2 .   ? 2.732   10.159  11.069  1.00 64.19 ? 1181 G75 A C7  1 
HETATM 1432 C C53 . G75 B 2 .   ? 3.904   9.665   10.473  1.00 63.58 ? 1181 G75 A C53 1 
HETATM 1433 N N33 . G75 B 2 .   ? 5.440   6.981   10.632  1.00 61.35 ? 1181 G75 A N33 1 
HETATM 1434 C C31 . G75 B 2 .   ? 6.017   6.112   11.505  1.00 61.78 ? 1181 G75 A C31 1 
HETATM 1435 O O35 . G75 B 2 .   ? 6.613   5.074   11.193  1.00 60.53 ? 1181 G75 A O35 1 
HETATM 1436 O O1  . G75 B 2 .   ? 5.925   6.445   12.937  1.00 62.15 ? 1181 G75 A O1  1 
HETATM 1437 C C1  . G75 B 2 .   ? 6.505   5.597   13.933  1.00 64.30 ? 1181 G75 A C1  1 
HETATM 1438 C C2  . G75 B 2 .   ? 5.523   5.230   15.039  1.00 65.51 ? 1181 G75 A C2  1 
HETATM 1439 C C4  . G75 B 2 .   ? 5.162   3.891   15.245  1.00 64.67 ? 1181 G75 A C4  1 
HETATM 1440 C C6  . G75 B 2 .   ? 4.271   3.524   16.265  1.00 65.01 ? 1181 G75 A C6  1 
HETATM 1441 C C8  . G75 B 2 .   ? 3.721   4.507   17.093  1.00 65.68 ? 1181 G75 A C8  1 
HETATM 1442 C C12 . G75 B 2 .   ? 4.079   5.853   16.891  1.00 66.95 ? 1181 G75 A C12 1 
HETATM 1443 C C10 . G75 B 2 .   ? 4.972   6.213   15.864  1.00 66.21 ? 1181 G75 A C10 1 
HETATM 1444 O O   . HOH C 3 .   ? 2.485   -17.986 -6.005  1.00 45.04 ? 2001 HOH A O   1 
HETATM 1445 O O   . HOH C 3 .   ? 6.397   -14.326 -10.330 1.00 31.78 ? 2002 HOH A O   1 
HETATM 1446 O O   . HOH C 3 .   ? 0.299   -11.733 -9.205  1.00 48.36 ? 2003 HOH A O   1 
HETATM 1447 O O   . HOH C 3 .   ? -2.049  -2.883  -14.360 1.00 45.90 ? 2004 HOH A O   1 
HETATM 1448 O O   . HOH C 3 .   ? -5.953  -6.292  -17.378 1.00 56.71 ? 2005 HOH A O   1 
HETATM 1449 O O   . HOH C 3 .   ? 0.847   1.740   -10.127 1.00 34.22 ? 2006 HOH A O   1 
HETATM 1450 O O   . HOH C 3 .   ? 8.222   8.508   -10.788 1.00 40.12 ? 2007 HOH A O   1 
HETATM 1451 O O   . HOH C 3 .   ? 11.722  2.514   -9.035  1.00 67.53 ? 2008 HOH A O   1 
HETATM 1452 O O   . HOH C 3 .   ? 13.088  7.341   -2.076  1.00 50.36 ? 2009 HOH A O   1 
HETATM 1453 O O   . HOH C 3 .   ? 7.674   2.875   -1.310  1.00 34.04 ? 2010 HOH A O   1 
HETATM 1454 O O   . HOH C 3 .   ? 0.992   2.153   -2.738  1.00 47.23 ? 2011 HOH A O   1 
HETATM 1455 O O   . HOH C 3 .   ? -8.609  -13.033 11.533  1.00 51.44 ? 2012 HOH A O   1 
HETATM 1456 O O   . HOH C 3 .   ? -2.767  11.949  1.170   1.00 39.24 ? 2013 HOH A O   1 
HETATM 1457 O O   . HOH C 3 .   ? 4.329   15.918  -9.234  1.00 53.09 ? 2014 HOH A O   1 
HETATM 1458 O O   . HOH C 3 .   ? 12.522  11.780  -12.500 1.00 54.06 ? 2015 HOH A O   1 
HETATM 1459 O O   . HOH C 3 .   ? 5.156   18.636  -14.234 1.00 69.48 ? 2016 HOH A O   1 
HETATM 1460 O O   . HOH C 3 .   ? -13.411 15.324  -7.336  1.00 57.73 ? 2017 HOH A O   1 
HETATM 1461 O O   . HOH C 3 .   ? -7.361  12.351  6.563   1.00 53.62 ? 2018 HOH A O   1 
HETATM 1462 O O   . HOH C 3 .   ? -5.640  15.575  -0.846  1.00 45.11 ? 2019 HOH A O   1 
HETATM 1463 O O   . HOH C 3 .   ? -16.463 7.154   7.566   1.00 50.55 ? 2020 HOH A O   1 
HETATM 1464 O O   . HOH C 3 .   ? -12.723 4.288   15.313  1.00 38.08 ? 2021 HOH A O   1 
HETATM 1465 O O   . HOH C 3 .   ? -14.579 6.146   18.414  1.00 52.12 ? 2022 HOH A O   1 
HETATM 1466 O O   . HOH C 3 .   ? -5.677  1.229   8.052   1.00 36.59 ? 2023 HOH A O   1 
HETATM 1467 O O   . HOH C 3 .   ? -0.516  0.663   -15.821 1.00 45.35 ? 2024 HOH A O   1 
HETATM 1468 O O   . HOH C 3 .   ? -8.399  -6.399  -16.059 1.00 42.02 ? 2025 HOH A O   1 
HETATM 1469 O O   . HOH C 3 .   ? -8.003  -9.419  -13.451 1.00 46.17 ? 2026 HOH A O   1 
HETATM 1470 O O   . HOH C 3 .   ? -7.025  -7.152  2.211   1.00 38.36 ? 2027 HOH A O   1 
HETATM 1471 O O   . HOH C 3 .   ? -10.344 -10.417 10.367  1.00 49.87 ? 2028 HOH A O   1 
HETATM 1472 O O   . HOH C 3 .   ? -11.695 -8.256  11.395  1.00 66.14 ? 2029 HOH A O   1 
HETATM 1473 O O   . HOH C 3 .   ? -6.242  -7.239  4.742   1.00 36.31 ? 2030 HOH A O   1 
HETATM 1474 O O   . HOH C 3 .   ? 7.881   -14.580 4.345   1.00 37.30 ? 2031 HOH A O   1 
HETATM 1475 O O   . HOH C 3 .   ? -12.305 -0.009  17.108  1.00 52.00 ? 2032 HOH A O   1 
HETATM 1476 O O   . HOH C 3 .   ? -14.400 -3.731  -5.174  1.00 47.75 ? 2033 HOH A O   1 
HETATM 1477 O O   . HOH C 3 .   ? -12.830 3.915   -4.729  1.00 42.74 ? 2034 HOH A O   1 
# 
